data_1RW2
#
_entry.id   1RW2
#
_cell.length_a   1.000
_cell.length_b   1.000
_cell.length_c   1.000
_cell.angle_alpha   90.00
_cell.angle_beta   90.00
_cell.angle_gamma   90.00
#
_symmetry.space_group_name_H-M   'P 1'
#
_entity_poly.entity_id   1
_entity_poly.type   'polypeptide(L)'
_entity_poly.pdbx_seq_one_letter_code
;MHHHHHHKLKTEQGGAHFSVSSLAEGSVTSVGSVNPAENFRVLVKQKKASFEEASNQLINHIEQFLDTNETPYFMKSIDC
IRAFREEAIKFSEEQRFNNFLKALQEKVEIKQLNHFWEIVVQDGITLITKEEASGSSVTAEEAKKFLAPKDK
;
_entity_poly.pdbx_strand_id   A
#
# COMPACT_ATOMS: atom_id res chain seq x y z
N MET A 1 -55.01 -48.31 24.77
CA MET A 1 -53.96 -48.59 25.77
C MET A 1 -52.57 -48.56 25.15
N HIS A 2 -52.53 -48.77 23.83
CA HIS A 2 -51.25 -48.78 23.11
C HIS A 2 -51.14 -47.55 22.20
N HIS A 3 -49.92 -47.06 22.04
CA HIS A 3 -49.67 -45.90 21.20
C HIS A 3 -48.29 -45.97 20.57
N HIS A 4 -48.17 -45.44 19.36
CA HIS A 4 -46.90 -45.46 18.64
C HIS A 4 -46.64 -44.10 17.98
N HIS A 5 -45.36 -43.78 17.78
CA HIS A 5 -44.97 -42.52 17.16
C HIS A 5 -45.49 -41.33 17.97
N HIS A 6 -45.37 -40.14 17.38
CA HIS A 6 -45.84 -38.91 18.03
C HIS A 6 -45.08 -38.65 19.33
N HIS A 7 -43.95 -39.30 19.50
CA HIS A 7 -43.13 -39.14 20.71
C HIS A 7 -42.19 -37.95 20.57
N LYS A 8 -41.88 -37.59 19.33
CA LYS A 8 -40.98 -36.46 19.04
C LYS A 8 -39.62 -36.67 19.69
N LEU A 9 -38.66 -37.13 18.89
CA LEU A 9 -37.31 -37.37 19.38
C LEU A 9 -36.27 -36.63 18.53
N LYS A 10 -36.50 -36.60 17.22
CA LYS A 10 -35.59 -35.93 16.31
C LYS A 10 -35.86 -34.42 16.28
N THR A 11 -34.80 -33.63 16.45
CA THR A 11 -34.91 -32.18 16.45
C THR A 11 -34.82 -31.63 15.03
N GLU A 12 -35.58 -30.58 14.75
CA GLU A 12 -35.58 -29.96 13.43
C GLU A 12 -34.53 -28.85 13.34
N GLN A 13 -33.42 -29.16 12.67
CA GLN A 13 -32.33 -28.20 12.50
C GLN A 13 -31.78 -27.72 13.84
N GLY A 14 -32.40 -26.67 14.40
CA GLY A 14 -31.95 -26.15 15.67
C GLY A 14 -30.91 -25.05 15.52
N GLY A 15 -31.37 -23.84 15.25
CA GLY A 15 -30.46 -22.72 15.09
C GLY A 15 -30.80 -21.87 13.88
N ALA A 16 -30.19 -20.69 13.80
CA ALA A 16 -30.44 -19.78 12.68
C ALA A 16 -29.77 -20.29 11.41
N HIS A 17 -30.37 -19.96 10.27
CA HIS A 17 -29.83 -20.38 8.98
C HIS A 17 -30.28 -19.46 7.86
N PHE A 18 -29.36 -19.12 6.96
CA PHE A 18 -29.67 -18.25 5.83
C PHE A 18 -28.51 -18.24 4.84
N SER A 19 -28.50 -17.27 3.93
CA SER A 19 -27.45 -17.16 2.93
C SER A 19 -26.17 -16.60 3.55
N VAL A 20 -25.03 -17.04 3.04
CA VAL A 20 -23.74 -16.58 3.55
C VAL A 20 -23.16 -15.47 2.68
N SER A 21 -22.47 -14.52 3.32
CA SER A 21 -21.86 -13.40 2.62
C SER A 21 -22.90 -12.56 1.89
N SER A 22 -23.24 -12.97 0.67
CA SER A 22 -24.22 -12.26 -0.15
C SER A 22 -23.76 -10.83 -0.44
N LEU A 23 -22.48 -10.55 -0.17
CA LEU A 23 -21.92 -9.23 -0.41
C LEU A 23 -21.29 -9.16 -1.80
N ALA A 24 -20.20 -9.89 -1.99
CA ALA A 24 -19.51 -9.92 -3.27
C ALA A 24 -18.81 -11.25 -3.48
N GLU A 25 -19.48 -12.17 -4.17
CA GLU A 25 -18.91 -13.49 -4.45
C GLU A 25 -18.30 -13.53 -5.84
N GLY A 26 -19.15 -13.58 -6.86
CA GLY A 26 -18.67 -13.61 -8.23
C GLY A 26 -18.04 -12.29 -8.65
N SER A 27 -18.64 -11.64 -9.64
CA SER A 27 -18.14 -10.35 -10.11
C SER A 27 -18.41 -9.27 -9.08
N VAL A 28 -19.65 -8.80 -9.06
CA VAL A 28 -20.06 -7.74 -8.12
C VAL A 28 -19.11 -6.56 -8.17
N THR A 29 -18.10 -6.57 -7.30
CA THR A 29 -17.13 -5.50 -7.24
C THR A 29 -15.82 -5.97 -6.62
N SER A 30 -14.86 -5.07 -6.50
CA SER A 30 -13.56 -5.40 -5.92
C SER A 30 -13.50 -4.97 -4.45
N VAL A 31 -12.53 -5.53 -3.72
CA VAL A 31 -12.35 -5.23 -2.31
C VAL A 31 -13.53 -5.70 -1.47
N GLY A 32 -13.24 -6.42 -0.40
CA GLY A 32 -14.29 -6.93 0.47
C GLY A 32 -15.00 -5.81 1.21
N SER A 33 -14.38 -5.30 2.26
CA SER A 33 -14.96 -4.22 3.06
C SER A 33 -13.92 -3.17 3.39
N VAL A 34 -13.98 -2.03 2.70
CA VAL A 34 -13.06 -0.91 2.89
C VAL A 34 -11.59 -1.35 2.86
N ASN A 35 -10.69 -0.37 2.87
CA ASN A 35 -9.26 -0.64 2.85
C ASN A 35 -8.84 -1.37 1.59
N PRO A 36 -8.15 -0.69 0.66
CA PRO A 36 -7.69 -1.32 -0.58
C PRO A 36 -6.45 -2.15 -0.33
N ALA A 37 -5.89 -1.99 0.87
CA ALA A 37 -4.68 -2.71 1.26
C ALA A 37 -5.02 -4.10 1.79
N GLU A 38 -6.28 -4.30 2.18
CA GLU A 38 -6.71 -5.58 2.73
C GLU A 38 -6.39 -6.71 1.75
N ASN A 39 -6.43 -6.41 0.46
CA ASN A 39 -6.12 -7.41 -0.55
C ASN A 39 -4.69 -7.89 -0.35
N PHE A 40 -3.74 -6.95 -0.38
CA PHE A 40 -2.35 -7.29 -0.15
C PHE A 40 -2.24 -8.11 1.12
N ARG A 41 -2.97 -7.67 2.14
CA ARG A 41 -2.98 -8.35 3.43
C ARG A 41 -3.45 -9.79 3.26
N VAL A 42 -4.41 -9.98 2.36
CA VAL A 42 -4.94 -11.30 2.09
C VAL A 42 -3.85 -12.20 1.56
N LEU A 43 -3.11 -11.73 0.56
CA LEU A 43 -2.04 -12.53 -0.03
C LEU A 43 -0.94 -12.82 1.00
N VAL A 44 -0.62 -11.85 1.85
CA VAL A 44 0.42 -12.05 2.85
C VAL A 44 -0.06 -13.01 3.94
N LYS A 45 -1.37 -13.01 4.19
CA LYS A 45 -1.94 -13.89 5.19
C LYS A 45 -2.38 -15.21 4.57
N GLN A 46 -2.41 -15.23 3.24
CA GLN A 46 -2.81 -16.44 2.51
C GLN A 46 -1.63 -16.97 1.69
N LYS A 47 -1.87 -18.01 0.91
CA LYS A 47 -0.84 -18.62 0.08
C LYS A 47 -0.76 -17.91 -1.27
N LYS A 48 -1.67 -16.96 -1.48
CA LYS A 48 -1.75 -16.19 -2.71
C LYS A 48 -0.38 -15.70 -3.17
N ALA A 49 0.15 -14.71 -2.47
CA ALA A 49 1.45 -14.13 -2.81
C ALA A 49 2.31 -13.90 -1.58
N SER A 50 3.59 -13.63 -1.82
CA SER A 50 4.53 -13.35 -0.74
C SER A 50 4.30 -11.92 -0.24
N PHE A 51 4.85 -11.59 0.91
CA PHE A 51 4.68 -10.25 1.45
C PHE A 51 5.21 -9.20 0.49
N GLU A 52 6.04 -9.63 -0.45
CA GLU A 52 6.63 -8.71 -1.42
C GLU A 52 5.70 -8.49 -2.61
N GLU A 53 5.22 -9.57 -3.21
CA GLU A 53 4.31 -9.47 -4.36
C GLU A 53 3.01 -8.83 -3.92
N ALA A 54 2.60 -9.16 -2.71
CA ALA A 54 1.38 -8.61 -2.15
C ALA A 54 1.51 -7.11 -1.93
N SER A 55 2.56 -6.71 -1.22
CA SER A 55 2.80 -5.30 -0.97
C SER A 55 3.03 -4.60 -2.30
N ASN A 56 3.58 -5.36 -3.25
CA ASN A 56 3.84 -4.85 -4.59
C ASN A 56 2.53 -4.46 -5.26
N GLN A 57 1.57 -5.37 -5.22
CA GLN A 57 0.26 -5.10 -5.82
C GLN A 57 -0.44 -3.98 -5.06
N LEU A 58 -0.13 -3.86 -3.78
CA LEU A 58 -0.71 -2.81 -2.95
C LEU A 58 -0.23 -1.45 -3.44
N ILE A 59 1.10 -1.27 -3.50
CA ILE A 59 1.66 -0.01 -3.95
C ILE A 59 1.29 0.22 -5.41
N ASN A 60 1.24 -0.88 -6.18
CA ASN A 60 0.88 -0.81 -7.59
C ASN A 60 -0.51 -0.22 -7.75
N HIS A 61 -1.45 -0.73 -6.95
CA HIS A 61 -2.80 -0.23 -6.97
C HIS A 61 -2.75 1.24 -6.59
N ILE A 62 -1.85 1.54 -5.66
CA ILE A 62 -1.63 2.88 -5.19
C ILE A 62 -1.05 3.74 -6.32
N GLU A 63 -0.36 3.08 -7.24
CA GLU A 63 0.22 3.78 -8.38
C GLU A 63 -0.89 4.19 -9.32
N GLN A 64 -1.85 3.27 -9.52
CA GLN A 64 -3.01 3.57 -10.36
C GLN A 64 -3.68 4.81 -9.81
N PHE A 65 -3.94 4.78 -8.50
CA PHE A 65 -4.54 5.94 -7.86
C PHE A 65 -3.63 7.15 -8.09
N LEU A 66 -2.35 6.99 -7.75
CA LEU A 66 -1.40 8.08 -7.91
C LEU A 66 -1.37 8.55 -9.36
N ASP A 67 -1.90 7.72 -10.25
CA ASP A 67 -2.01 8.09 -11.64
C ASP A 67 -3.17 9.06 -11.79
N THR A 68 -4.24 8.78 -11.05
CA THR A 68 -5.42 9.65 -11.06
C THR A 68 -5.07 11.01 -10.42
N ASN A 69 -6.06 11.88 -10.32
CA ASN A 69 -5.85 13.20 -9.74
C ASN A 69 -6.62 13.38 -8.43
N GLU A 70 -7.30 12.32 -8.00
CA GLU A 70 -8.09 12.35 -6.77
C GLU A 70 -7.20 12.17 -5.54
N THR A 71 -7.47 12.93 -4.48
CA THR A 71 -6.69 12.82 -3.25
C THR A 71 -7.39 12.06 -2.13
N PRO A 72 -8.71 11.79 -2.18
CA PRO A 72 -9.35 11.02 -1.12
C PRO A 72 -8.54 9.76 -0.87
N TYR A 73 -7.89 9.34 -1.94
CA TYR A 73 -7.05 8.15 -1.95
C TYR A 73 -5.60 8.44 -1.54
N PHE A 74 -5.18 9.71 -1.55
CA PHE A 74 -3.78 10.05 -1.20
C PHE A 74 -3.52 9.85 0.29
N MET A 75 -4.48 10.23 1.14
CA MET A 75 -4.32 10.02 2.56
C MET A 75 -4.57 8.55 2.82
N LYS A 76 -5.48 8.01 2.02
CA LYS A 76 -5.80 6.60 2.09
C LYS A 76 -4.61 5.80 1.58
N SER A 77 -3.80 6.46 0.73
CA SER A 77 -2.59 5.85 0.21
C SER A 77 -1.61 5.76 1.34
N ILE A 78 -1.50 6.86 2.08
CA ILE A 78 -0.63 6.88 3.24
C ILE A 78 -1.06 5.74 4.16
N ASP A 79 -2.37 5.51 4.20
CA ASP A 79 -2.95 4.44 5.00
C ASP A 79 -2.50 3.08 4.49
N CYS A 80 -2.51 2.89 3.17
CA CYS A 80 -2.06 1.62 2.59
C CYS A 80 -0.63 1.40 3.02
N ILE A 81 0.14 2.49 2.99
CA ILE A 81 1.51 2.46 3.39
C ILE A 81 1.56 2.00 4.83
N ARG A 82 0.61 2.50 5.60
CA ARG A 82 0.46 2.16 7.00
C ARG A 82 0.03 0.71 7.13
N ALA A 83 -0.60 0.20 6.06
CA ALA A 83 -1.08 -1.17 6.03
C ALA A 83 0.06 -2.16 6.02
N PHE A 84 0.92 -2.08 5.00
CA PHE A 84 2.05 -3.00 4.91
C PHE A 84 3.15 -2.59 5.88
N ARG A 85 3.07 -1.37 6.38
CA ARG A 85 4.07 -0.88 7.34
C ARG A 85 4.11 -1.76 8.57
N GLU A 86 2.99 -1.80 9.30
CA GLU A 86 2.88 -2.60 10.51
C GLU A 86 2.97 -4.09 10.21
N GLU A 87 2.32 -4.52 9.14
CA GLU A 87 2.33 -5.92 8.76
C GLU A 87 3.77 -6.42 8.56
N ALA A 88 4.59 -5.60 7.92
CA ALA A 88 5.98 -5.96 7.66
C ALA A 88 6.72 -6.26 8.96
N ILE A 89 6.45 -5.46 9.99
CA ILE A 89 7.09 -5.66 11.28
C ILE A 89 6.77 -7.05 11.82
N LYS A 90 5.55 -7.50 11.56
CA LYS A 90 5.10 -8.81 12.00
C LYS A 90 5.46 -9.88 10.97
N PHE A 91 5.73 -9.44 9.73
CA PHE A 91 6.08 -10.34 8.65
C PHE A 91 7.60 -10.46 8.48
N SER A 92 8.34 -9.69 9.28
CA SER A 92 9.80 -9.72 9.26
C SER A 92 10.37 -9.28 7.90
N GLU A 93 9.73 -8.31 7.26
CA GLU A 93 10.20 -7.81 5.97
C GLU A 93 10.77 -6.40 6.12
N GLU A 94 12.09 -6.32 6.28
CA GLU A 94 12.77 -5.04 6.43
C GLU A 94 13.09 -4.42 5.07
N GLN A 95 13.63 -5.22 4.16
CA GLN A 95 13.98 -4.74 2.83
C GLN A 95 12.74 -4.20 2.11
N ARG A 96 11.64 -4.91 2.25
CA ARG A 96 10.38 -4.52 1.63
C ARG A 96 9.98 -3.13 2.08
N PHE A 97 10.50 -2.72 3.23
CA PHE A 97 10.19 -1.40 3.78
C PHE A 97 10.89 -0.31 2.99
N ASN A 98 12.22 -0.35 2.99
CA ASN A 98 13.00 0.64 2.25
C ASN A 98 12.70 0.53 0.77
N ASN A 99 12.17 -0.62 0.37
CA ASN A 99 11.84 -0.84 -1.03
C ASN A 99 10.57 -0.08 -1.41
N PHE A 100 9.49 -0.29 -0.66
CA PHE A 100 8.23 0.40 -0.98
C PHE A 100 8.40 1.89 -0.81
N LEU A 101 9.21 2.28 0.16
CA LEU A 101 9.43 3.68 0.44
C LEU A 101 10.29 4.35 -0.60
N LYS A 102 11.43 3.75 -0.92
CA LYS A 102 12.31 4.35 -1.89
C LYS A 102 11.72 4.20 -3.28
N ALA A 103 10.82 3.25 -3.43
CA ALA A 103 10.21 3.03 -4.72
C ALA A 103 9.04 3.97 -4.94
N LEU A 104 8.19 4.11 -3.93
CA LEU A 104 7.05 4.99 -4.06
C LEU A 104 7.55 6.42 -4.20
N GLN A 105 8.61 6.74 -3.45
CA GLN A 105 9.18 8.08 -3.50
C GLN A 105 9.88 8.32 -4.83
N GLU A 106 10.80 7.44 -5.21
CA GLU A 106 11.48 7.60 -6.48
C GLU A 106 10.43 7.80 -7.56
N LYS A 107 9.27 7.16 -7.37
CA LYS A 107 8.19 7.29 -8.31
C LYS A 107 7.61 8.71 -8.26
N VAL A 108 7.36 9.23 -7.04
CA VAL A 108 6.83 10.59 -6.90
C VAL A 108 7.82 11.58 -7.52
N GLU A 109 9.08 11.15 -7.61
CA GLU A 109 10.13 11.98 -8.18
C GLU A 109 9.99 12.02 -9.71
N ILE A 110 9.95 10.84 -10.32
CA ILE A 110 9.81 10.73 -11.77
C ILE A 110 8.59 11.50 -12.24
N LYS A 111 7.48 11.33 -11.52
CA LYS A 111 6.23 12.01 -11.85
C LYS A 111 5.95 13.12 -10.84
N GLN A 112 4.67 13.50 -10.73
CA GLN A 112 4.26 14.53 -9.79
C GLN A 112 3.86 13.88 -8.46
N LEU A 113 2.63 14.13 -8.03
CA LEU A 113 2.13 13.54 -6.81
C LEU A 113 2.87 14.04 -5.58
N ASN A 114 3.59 15.16 -5.72
CA ASN A 114 4.33 15.72 -4.60
C ASN A 114 3.40 15.96 -3.42
N HIS A 115 2.11 16.13 -3.71
CA HIS A 115 1.12 16.33 -2.66
C HIS A 115 1.11 15.10 -1.76
N PHE A 116 1.13 13.93 -2.40
CA PHE A 116 1.19 12.67 -1.68
C PHE A 116 2.45 12.70 -0.83
N TRP A 117 3.51 13.21 -1.42
CA TRP A 117 4.78 13.34 -0.73
C TRP A 117 4.63 14.33 0.43
N GLU A 118 3.74 15.31 0.25
CA GLU A 118 3.48 16.30 1.29
C GLU A 118 2.94 15.64 2.54
N ILE A 119 1.83 14.90 2.39
CA ILE A 119 1.26 14.21 3.55
C ILE A 119 2.29 13.25 4.11
N VAL A 120 3.14 12.71 3.23
CA VAL A 120 4.19 11.81 3.66
C VAL A 120 5.09 12.54 4.68
N VAL A 121 5.43 13.80 4.38
CA VAL A 121 6.26 14.60 5.28
C VAL A 121 5.48 14.88 6.56
N GLN A 122 4.17 15.05 6.41
CA GLN A 122 3.29 15.34 7.54
C GLN A 122 2.95 14.07 8.31
N ASP A 123 3.26 12.92 7.73
CA ASP A 123 2.97 11.65 8.37
C ASP A 123 4.24 10.88 8.72
N GLY A 124 5.39 11.37 8.27
CA GLY A 124 6.65 10.68 8.56
C GLY A 124 6.69 9.34 7.85
N ILE A 125 6.41 9.39 6.55
CA ILE A 125 6.36 8.20 5.71
C ILE A 125 7.61 8.13 4.82
N THR A 126 8.79 8.25 5.44
CA THR A 126 10.03 8.18 4.69
C THR A 126 11.17 7.53 5.46
N LEU A 127 12.08 6.89 4.74
CA LEU A 127 13.23 6.18 5.30
C LEU A 127 12.79 5.17 6.37
N ILE A 128 13.70 4.28 6.77
CA ILE A 128 13.36 3.31 7.79
C ILE A 128 13.22 4.01 9.13
N THR A 129 11.97 4.22 9.51
CA THR A 129 11.63 4.94 10.72
C THR A 129 12.52 4.56 11.91
N LYS A 130 12.87 3.29 12.02
CA LYS A 130 13.71 2.87 13.15
C LYS A 130 15.18 3.21 12.91
N GLU A 131 15.80 2.53 11.93
CA GLU A 131 17.21 2.75 11.62
C GLU A 131 17.72 1.71 10.63
N GLU A 132 17.04 1.57 9.50
CA GLU A 132 17.43 0.60 8.48
C GLU A 132 17.50 -0.79 9.10
N ALA A 133 16.56 -1.06 10.02
CA ALA A 133 16.52 -2.34 10.72
C ALA A 133 15.17 -3.03 10.57
N SER A 134 15.00 -4.12 11.32
CA SER A 134 13.75 -4.88 11.30
C SER A 134 13.17 -4.98 12.71
N GLY A 135 14.01 -4.67 13.69
CA GLY A 135 13.58 -4.71 15.08
C GLY A 135 14.40 -3.80 15.95
N SER A 136 13.90 -2.58 16.19
CA SER A 136 14.59 -1.61 17.01
C SER A 136 13.64 -0.93 18.00
N SER A 137 14.14 0.11 18.67
CA SER A 137 13.34 0.84 19.65
C SER A 137 13.08 2.28 19.18
N VAL A 138 13.63 2.62 18.02
CA VAL A 138 13.45 3.96 17.47
C VAL A 138 12.04 4.12 16.90
N THR A 139 11.53 5.35 16.91
CA THR A 139 10.20 5.62 16.40
C THR A 139 10.21 6.36 15.07
N ALA A 140 9.03 6.81 14.64
CA ALA A 140 8.86 7.54 13.40
C ALA A 140 9.79 8.75 13.29
N GLU A 141 10.42 9.12 14.40
CA GLU A 141 11.30 10.27 14.45
C GLU A 141 12.22 10.35 13.22
N GLU A 142 12.96 9.29 12.94
CA GLU A 142 13.85 9.27 11.78
C GLU A 142 13.11 9.77 10.54
N ALA A 143 11.95 9.17 10.28
CA ALA A 143 11.13 9.54 9.14
C ALA A 143 10.72 11.01 9.25
N LYS A 144 10.39 11.43 10.47
CA LYS A 144 9.99 12.80 10.73
C LYS A 144 11.13 13.75 10.36
N LYS A 145 12.36 13.22 10.41
CA LYS A 145 13.54 14.01 10.09
C LYS A 145 13.76 14.07 8.58
N PHE A 146 13.58 12.94 7.89
CA PHE A 146 13.78 12.91 6.45
C PHE A 146 12.99 14.05 5.78
N LEU A 147 11.72 14.16 6.14
CA LEU A 147 10.87 15.21 5.61
C LEU A 147 9.96 15.78 6.70
N ALA A 148 10.48 16.78 7.41
CA ALA A 148 9.73 17.42 8.48
C ALA A 148 8.97 18.64 7.97
N PRO A 149 7.75 18.88 8.50
CA PRO A 149 6.93 20.02 8.10
C PRO A 149 7.28 21.28 8.88
N LYS A 150 8.28 21.18 9.75
CA LYS A 150 8.72 22.30 10.57
C LYS A 150 10.20 22.60 10.33
N ASP A 151 10.81 23.31 11.28
CA ASP A 151 12.23 23.67 11.21
C ASP A 151 12.60 24.24 9.84
N LYS A 152 13.89 24.33 9.58
CA LYS A 152 14.38 24.86 8.31
C LYS A 152 14.75 23.74 7.35
N MET A 1 33.14 22.48 -32.87
CA MET A 1 34.39 23.27 -32.85
C MET A 1 35.58 22.40 -33.22
N HIS A 2 36.58 23.02 -33.85
CA HIS A 2 37.79 22.31 -34.26
C HIS A 2 38.75 22.14 -33.08
N HIS A 3 40.03 21.91 -33.40
CA HIS A 3 41.06 21.74 -32.37
C HIS A 3 40.82 20.47 -31.57
N HIS A 4 39.89 19.64 -32.04
CA HIS A 4 39.56 18.40 -31.36
C HIS A 4 39.72 17.21 -32.31
N HIS A 5 39.82 16.01 -31.74
CA HIS A 5 39.97 14.80 -32.54
C HIS A 5 38.96 13.74 -32.10
N HIS A 6 37.97 14.15 -31.32
CA HIS A 6 36.96 13.23 -30.82
C HIS A 6 35.82 13.09 -31.84
N HIS A 7 35.71 11.88 -32.41
CA HIS A 7 34.67 11.60 -33.39
C HIS A 7 34.00 10.27 -33.11
N LYS A 8 34.74 9.37 -32.47
CA LYS A 8 34.20 8.04 -32.13
C LYS A 8 33.70 8.01 -30.70
N LEU A 9 32.38 8.07 -30.53
CA LEU A 9 31.77 8.04 -29.20
C LEU A 9 30.93 6.77 -29.03
N LYS A 10 30.19 6.71 -27.93
CA LYS A 10 29.35 5.54 -27.65
C LYS A 10 28.07 5.97 -26.93
N THR A 11 28.20 6.92 -26.02
CA THR A 11 27.06 7.41 -25.26
C THR A 11 26.56 8.74 -25.83
N GLU A 12 25.29 8.77 -26.22
CA GLU A 12 24.69 9.98 -26.78
C GLU A 12 23.22 10.09 -26.36
N GLN A 13 22.91 9.56 -25.19
CA GLN A 13 21.54 9.59 -24.67
C GLN A 13 20.60 8.75 -25.53
N GLY A 14 19.59 8.17 -24.90
CA GLY A 14 18.64 7.35 -25.62
C GLY A 14 17.23 7.44 -25.07
N GLY A 15 16.66 6.30 -24.72
CA GLY A 15 15.31 6.27 -24.18
C GLY A 15 14.27 5.90 -25.21
N ALA A 16 14.73 5.30 -26.31
CA ALA A 16 13.83 4.89 -27.39
C ALA A 16 13.04 3.65 -27.02
N HIS A 17 11.86 3.50 -27.61
CA HIS A 17 10.99 2.36 -27.35
C HIS A 17 10.51 2.34 -25.91
N PHE A 18 9.23 2.64 -25.72
CA PHE A 18 8.65 2.67 -24.38
C PHE A 18 8.14 1.29 -23.98
N SER A 19 8.23 0.97 -22.70
CA SER A 19 7.79 -0.31 -22.18
C SER A 19 6.27 -0.33 -21.98
N VAL A 20 5.59 -1.15 -22.77
CA VAL A 20 4.13 -1.26 -22.68
C VAL A 20 3.72 -2.40 -21.75
N SER A 21 2.67 -2.17 -20.98
CA SER A 21 2.17 -3.17 -20.04
C SER A 21 0.68 -3.44 -20.28
N SER A 22 -0.12 -2.39 -20.16
CA SER A 22 -1.56 -2.49 -20.37
C SER A 22 -2.20 -3.47 -19.39
N LEU A 23 -1.45 -3.85 -18.35
CA LEU A 23 -1.95 -4.78 -17.35
C LEU A 23 -2.51 -4.03 -16.15
N ALA A 24 -2.51 -2.71 -16.23
CA ALA A 24 -3.02 -1.87 -15.15
C ALA A 24 -4.37 -1.27 -15.53
N GLU A 25 -4.89 -1.67 -16.68
CA GLU A 25 -6.18 -1.17 -17.16
C GLU A 25 -6.97 -2.28 -17.85
N GLY A 26 -8.27 -2.33 -17.54
CA GLY A 26 -9.12 -3.35 -18.13
C GLY A 26 -9.17 -4.62 -17.31
N SER A 27 -8.04 -4.97 -16.70
CA SER A 27 -7.95 -6.16 -15.87
C SER A 27 -8.13 -5.82 -14.40
N VAL A 28 -7.90 -4.55 -14.07
CA VAL A 28 -8.03 -4.08 -12.69
C VAL A 28 -9.49 -3.78 -12.34
N THR A 29 -9.71 -3.32 -11.12
CA THR A 29 -11.06 -2.99 -10.66
C THR A 29 -11.08 -1.65 -9.94
N SER A 30 -12.22 -1.33 -9.33
CA SER A 30 -12.38 -0.08 -8.60
C SER A 30 -12.00 -0.25 -7.14
N VAL A 31 -11.83 0.86 -6.44
CA VAL A 31 -11.47 0.84 -5.03
C VAL A 31 -12.70 0.90 -4.14
N GLY A 32 -13.73 1.61 -4.60
CA GLY A 32 -14.95 1.73 -3.84
C GLY A 32 -14.79 2.63 -2.62
N SER A 33 -14.62 2.01 -1.45
CA SER A 33 -14.46 2.77 -0.21
C SER A 33 -13.86 1.89 0.88
N VAL A 34 -13.62 0.62 0.56
CA VAL A 34 -13.04 -0.32 1.51
C VAL A 34 -11.52 -0.30 1.43
N ASN A 35 -10.87 -0.82 2.47
CA ASN A 35 -9.41 -0.86 2.53
C ASN A 35 -8.85 -1.56 1.29
N PRO A 36 -8.08 -0.84 0.46
CA PRO A 36 -7.49 -1.42 -0.74
C PRO A 36 -6.22 -2.19 -0.42
N ALA A 37 -5.70 -1.97 0.78
CA ALA A 37 -4.49 -2.63 1.24
C ALA A 37 -4.80 -4.00 1.84
N GLU A 38 -6.04 -4.20 2.27
CA GLU A 38 -6.45 -5.47 2.86
C GLU A 38 -6.21 -6.61 1.90
N ASN A 39 -6.34 -6.35 0.60
CA ASN A 39 -6.11 -7.36 -0.41
C ASN A 39 -4.69 -7.89 -0.28
N PHE A 40 -3.72 -6.98 -0.36
CA PHE A 40 -2.33 -7.34 -0.20
C PHE A 40 -2.17 -8.13 1.09
N ARG A 41 -2.81 -7.62 2.14
CA ARG A 41 -2.78 -8.27 3.44
C ARG A 41 -3.32 -9.69 3.35
N VAL A 42 -4.32 -9.86 2.50
CA VAL A 42 -4.93 -11.17 2.31
C VAL A 42 -3.92 -12.15 1.75
N LEU A 43 -3.23 -11.75 0.68
CA LEU A 43 -2.24 -12.63 0.07
C LEU A 43 -1.09 -12.93 1.02
N VAL A 44 -0.67 -11.94 1.80
CA VAL A 44 0.43 -12.15 2.73
C VAL A 44 -0.01 -13.05 3.89
N LYS A 45 -1.29 -12.97 4.26
CA LYS A 45 -1.81 -13.77 5.37
C LYS A 45 -2.39 -15.09 4.88
N GLN A 46 -2.59 -15.21 3.58
CA GLN A 46 -3.16 -16.44 3.00
C GLN A 46 -2.12 -17.20 2.19
N LYS A 47 -2.56 -18.29 1.56
CA LYS A 47 -1.69 -19.11 0.74
C LYS A 47 -1.35 -18.40 -0.57
N LYS A 48 -1.96 -17.25 -0.77
CA LYS A 48 -1.74 -16.47 -1.98
C LYS A 48 -0.30 -15.98 -2.10
N ALA A 49 -0.12 -14.89 -2.85
CA ALA A 49 1.19 -14.30 -3.08
C ALA A 49 1.99 -14.10 -1.79
N SER A 50 3.27 -13.80 -1.95
CA SER A 50 4.15 -13.55 -0.83
C SER A 50 4.05 -12.09 -0.41
N PHE A 51 4.70 -11.74 0.69
CA PHE A 51 4.66 -10.36 1.18
C PHE A 51 5.23 -9.40 0.13
N GLU A 52 5.93 -9.95 -0.84
CA GLU A 52 6.54 -9.13 -1.88
C GLU A 52 5.57 -8.84 -3.04
N GLU A 53 5.00 -9.88 -3.64
CA GLU A 53 4.06 -9.70 -4.74
C GLU A 53 2.81 -9.01 -4.25
N ALA A 54 2.40 -9.39 -3.04
CA ALA A 54 1.22 -8.80 -2.43
C ALA A 54 1.43 -7.31 -2.21
N SER A 55 2.54 -6.95 -1.57
CA SER A 55 2.84 -5.55 -1.33
C SER A 55 3.04 -4.85 -2.65
N ASN A 56 3.53 -5.61 -3.63
CA ASN A 56 3.76 -5.08 -4.96
C ASN A 56 2.44 -4.69 -5.59
N GLN A 57 1.42 -5.49 -5.36
CA GLN A 57 0.09 -5.20 -5.89
C GLN A 57 -0.51 -4.03 -5.12
N LEU A 58 -0.14 -3.91 -3.85
CA LEU A 58 -0.63 -2.83 -3.01
C LEU A 58 -0.09 -1.50 -3.53
N ILE A 59 1.23 -1.39 -3.64
CA ILE A 59 1.84 -0.16 -4.13
C ILE A 59 1.38 0.09 -5.58
N ASN A 60 1.30 -1.00 -6.35
CA ASN A 60 0.86 -0.92 -7.74
C ASN A 60 -0.51 -0.27 -7.82
N HIS A 61 -1.42 -0.75 -6.98
CA HIS A 61 -2.76 -0.19 -6.94
C HIS A 61 -2.65 1.28 -6.56
N ILE A 62 -1.71 1.56 -5.67
CA ILE A 62 -1.45 2.92 -5.23
C ILE A 62 -0.91 3.75 -6.40
N GLU A 63 -0.28 3.07 -7.35
CA GLU A 63 0.25 3.74 -8.53
C GLU A 63 -0.91 4.15 -9.43
N GLN A 64 -1.86 3.23 -9.62
CA GLN A 64 -3.05 3.54 -10.41
C GLN A 64 -3.69 4.79 -9.84
N PHE A 65 -3.90 4.77 -8.53
CA PHE A 65 -4.47 5.94 -7.86
C PHE A 65 -3.55 7.14 -8.12
N LEU A 66 -2.28 6.98 -7.79
CA LEU A 66 -1.31 8.06 -7.97
C LEU A 66 -1.34 8.54 -9.41
N ASP A 67 -1.89 7.72 -10.30
CA ASP A 67 -2.02 8.10 -11.70
C ASP A 67 -3.19 9.07 -11.81
N THR A 68 -4.26 8.77 -11.08
CA THR A 68 -5.43 9.65 -11.05
C THR A 68 -5.07 10.99 -10.41
N ASN A 69 -6.05 11.88 -10.29
CA ASN A 69 -5.82 13.19 -9.70
C ASN A 69 -6.58 13.35 -8.39
N GLU A 70 -7.25 12.29 -7.97
CA GLU A 70 -8.03 12.29 -6.74
C GLU A 70 -7.13 12.10 -5.52
N THR A 71 -7.33 12.91 -4.48
CA THR A 71 -6.51 12.80 -3.27
C THR A 71 -7.21 12.04 -2.14
N PRO A 72 -8.53 11.76 -2.18
CA PRO A 72 -9.16 10.99 -1.10
C PRO A 72 -8.34 9.74 -0.85
N TYR A 73 -7.69 9.31 -1.93
CA TYR A 73 -6.86 8.12 -1.95
C TYR A 73 -5.41 8.42 -1.56
N PHE A 74 -4.98 9.68 -1.59
CA PHE A 74 -3.59 10.02 -1.24
C PHE A 74 -3.31 9.84 0.26
N MET A 75 -4.26 10.20 1.09
CA MET A 75 -4.09 10.00 2.52
C MET A 75 -4.34 8.52 2.78
N LYS A 76 -5.27 7.98 2.00
CA LYS A 76 -5.60 6.57 2.07
C LYS A 76 -4.40 5.79 1.56
N SER A 77 -3.59 6.45 0.72
CA SER A 77 -2.37 5.86 0.20
C SER A 77 -1.43 5.73 1.37
N ILE A 78 -1.28 6.83 2.10
CA ILE A 78 -0.43 6.83 3.29
C ILE A 78 -0.86 5.66 4.16
N ASP A 79 -2.18 5.43 4.19
CA ASP A 79 -2.75 4.35 4.96
C ASP A 79 -2.30 2.99 4.40
N CYS A 80 -2.24 2.86 3.08
CA CYS A 80 -1.80 1.61 2.47
C CYS A 80 -0.38 1.32 2.94
N ILE A 81 0.45 2.37 2.89
CA ILE A 81 1.82 2.27 3.35
C ILE A 81 1.77 1.77 4.78
N ARG A 82 0.82 2.34 5.53
CA ARG A 82 0.61 1.98 6.92
C ARG A 82 0.23 0.51 7.04
N ALA A 83 -0.45 0.00 6.00
CA ALA A 83 -0.87 -1.38 5.97
C ALA A 83 0.32 -2.33 5.89
N PHE A 84 1.10 -2.19 4.82
CA PHE A 84 2.27 -3.06 4.64
C PHE A 84 3.31 -2.78 5.72
N ARG A 85 3.22 -1.60 6.30
CA ARG A 85 4.14 -1.16 7.34
C ARG A 85 3.97 -2.01 8.60
N GLU A 86 2.76 -2.05 9.14
CA GLU A 86 2.48 -2.82 10.35
C GLU A 86 2.64 -4.31 10.09
N GLU A 87 2.22 -4.75 8.91
CA GLU A 87 2.31 -6.16 8.54
C GLU A 87 3.75 -6.61 8.43
N ALA A 88 4.58 -5.81 7.73
CA ALA A 88 5.98 -6.14 7.54
C ALA A 88 6.66 -6.50 8.86
N ILE A 89 6.37 -5.73 9.90
CA ILE A 89 6.95 -5.99 11.21
C ILE A 89 6.58 -7.39 11.69
N LYS A 90 5.35 -7.79 11.40
CA LYS A 90 4.86 -9.11 11.79
C LYS A 90 5.21 -10.17 10.75
N PHE A 91 5.58 -9.71 9.55
CA PHE A 91 5.92 -10.60 8.45
C PHE A 91 7.42 -10.63 8.19
N SER A 92 8.19 -10.12 9.14
CA SER A 92 9.66 -10.08 9.03
C SER A 92 10.09 -9.61 7.66
N GLU A 93 10.02 -8.30 7.44
CA GLU A 93 10.40 -7.72 6.16
C GLU A 93 10.85 -6.26 6.33
N GLU A 94 12.15 -6.08 6.55
CA GLU A 94 12.71 -4.74 6.75
C GLU A 94 13.04 -4.10 5.40
N GLN A 95 13.62 -4.88 4.49
CA GLN A 95 13.99 -4.38 3.17
C GLN A 95 12.74 -3.92 2.41
N ARG A 96 11.66 -4.67 2.57
CA ARG A 96 10.40 -4.34 1.90
C ARG A 96 9.93 -2.94 2.27
N PHE A 97 10.32 -2.50 3.47
CA PHE A 97 9.93 -1.18 3.94
C PHE A 97 10.67 -0.08 3.19
N ASN A 98 11.99 -0.12 3.25
CA ASN A 98 12.80 0.87 2.55
C ASN A 98 12.60 0.74 1.05
N ASN A 99 12.12 -0.41 0.60
CA ASN A 99 11.90 -0.65 -0.81
C ASN A 99 10.63 0.07 -1.28
N PHE A 100 9.51 -0.18 -0.62
CA PHE A 100 8.26 0.46 -1.01
C PHE A 100 8.38 1.96 -0.75
N LEU A 101 9.09 2.31 0.31
CA LEU A 101 9.25 3.71 0.65
C LEU A 101 10.11 4.45 -0.36
N LYS A 102 11.28 3.92 -0.66
CA LYS A 102 12.15 4.61 -1.59
C LYS A 102 11.65 4.44 -3.02
N ALA A 103 10.85 3.40 -3.27
CA ALA A 103 10.31 3.17 -4.60
C ALA A 103 9.06 4.01 -4.82
N LEU A 104 8.24 4.14 -3.79
CA LEU A 104 7.04 4.93 -3.91
C LEU A 104 7.45 6.38 -4.09
N GLN A 105 8.44 6.80 -3.30
CA GLN A 105 8.94 8.17 -3.36
C GLN A 105 9.59 8.45 -4.70
N GLU A 106 10.55 7.62 -5.09
CA GLU A 106 11.20 7.82 -6.38
C GLU A 106 10.11 7.95 -7.44
N LYS A 107 9.05 7.17 -7.27
CA LYS A 107 7.94 7.19 -8.20
C LYS A 107 7.23 8.55 -8.16
N VAL A 108 7.05 9.12 -6.97
CA VAL A 108 6.39 10.42 -6.85
C VAL A 108 7.18 11.49 -7.59
N GLU A 109 8.51 11.40 -7.54
CA GLU A 109 9.36 12.38 -8.23
C GLU A 109 9.22 12.22 -9.74
N ILE A 110 9.31 10.97 -10.19
CA ILE A 110 9.20 10.66 -11.61
C ILE A 110 7.84 11.09 -12.17
N LYS A 111 6.82 11.05 -11.32
CA LYS A 111 5.47 11.41 -11.74
C LYS A 111 5.01 12.74 -11.15
N GLN A 112 3.70 12.97 -11.24
CA GLN A 112 3.07 14.20 -10.75
C GLN A 112 2.40 14.00 -9.42
N LEU A 113 3.12 13.46 -8.47
CA LEU A 113 2.53 13.19 -7.18
C LEU A 113 3.39 13.71 -6.03
N ASN A 114 3.63 15.01 -6.06
CA ASN A 114 4.42 15.65 -5.02
C ASN A 114 3.57 15.84 -3.77
N HIS A 115 2.31 16.25 -3.98
CA HIS A 115 1.38 16.46 -2.87
C HIS A 115 1.39 15.24 -1.96
N PHE A 116 1.36 14.07 -2.58
CA PHE A 116 1.42 12.81 -1.84
C PHE A 116 2.63 12.87 -0.93
N TRP A 117 3.80 13.07 -1.53
CA TRP A 117 5.04 13.17 -0.79
C TRP A 117 4.88 14.16 0.36
N GLU A 118 4.14 15.24 0.10
CA GLU A 118 3.90 16.27 1.11
C GLU A 118 3.24 15.70 2.36
N ILE A 119 2.09 15.04 2.19
CA ILE A 119 1.39 14.48 3.34
C ILE A 119 2.27 13.47 4.06
N VAL A 120 3.12 12.76 3.32
CA VAL A 120 4.01 11.80 3.96
C VAL A 120 5.00 12.55 4.88
N VAL A 121 5.52 13.70 4.42
CA VAL A 121 6.44 14.47 5.26
C VAL A 121 5.69 14.95 6.50
N GLN A 122 4.42 15.27 6.30
CA GLN A 122 3.56 15.72 7.37
C GLN A 122 3.19 14.56 8.28
N ASP A 123 3.25 13.36 7.72
CA ASP A 123 2.93 12.14 8.47
C ASP A 123 4.19 11.39 8.88
N GLY A 124 5.34 11.89 8.46
CA GLY A 124 6.60 11.23 8.78
C GLY A 124 6.62 9.81 8.24
N ILE A 125 6.37 9.67 6.95
CA ILE A 125 6.33 8.37 6.29
C ILE A 125 7.45 8.21 5.27
N THR A 126 8.69 8.30 5.73
CA THR A 126 9.83 8.15 4.83
C THR A 126 10.97 7.42 5.53
N LEU A 127 11.96 7.00 4.73
CA LEU A 127 13.15 6.28 5.20
C LEU A 127 12.84 5.34 6.37
N ILE A 128 13.89 4.88 7.04
CA ILE A 128 13.72 3.98 8.17
C ILE A 128 14.01 4.73 9.46
N THR A 129 12.98 4.91 10.28
CA THR A 129 13.10 5.64 11.52
C THR A 129 13.92 4.88 12.57
N LYS A 130 15.23 4.86 12.37
CA LYS A 130 16.16 4.18 13.26
C LYS A 130 17.54 4.10 12.61
N GLU A 131 17.57 3.50 11.41
CA GLU A 131 18.80 3.34 10.65
C GLU A 131 18.52 2.56 9.37
N GLU A 132 18.44 1.23 9.50
CA GLU A 132 18.17 0.35 8.38
C GLU A 132 17.43 -0.88 8.86
N ALA A 133 17.02 -0.84 10.14
CA ALA A 133 16.31 -1.94 10.76
C ALA A 133 14.80 -1.84 10.50
N SER A 134 14.01 -2.39 11.41
CA SER A 134 12.56 -2.36 11.28
C SER A 134 11.88 -1.95 12.58
N GLY A 135 12.62 -2.07 13.69
CA GLY A 135 12.08 -1.71 14.99
C GLY A 135 12.98 -0.76 15.76
N SER A 136 14.04 -1.30 16.37
CA SER A 136 14.98 -0.49 17.14
C SER A 136 14.28 0.27 18.25
N SER A 137 15.06 1.05 19.01
CA SER A 137 14.51 1.85 20.10
C SER A 137 14.41 3.31 19.67
N VAL A 138 14.75 3.57 18.41
CA VAL A 138 14.69 4.92 17.87
C VAL A 138 13.26 5.30 17.50
N THR A 139 12.96 6.60 17.56
CA THR A 139 11.62 7.09 17.23
C THR A 139 11.51 7.52 15.77
N ALA A 140 10.38 8.15 15.45
CA ALA A 140 10.11 8.64 14.10
C ALA A 140 10.98 9.84 13.76
N GLU A 141 11.65 10.40 14.76
CA GLU A 141 12.50 11.56 14.58
C GLU A 141 13.36 11.46 13.32
N GLU A 142 13.96 10.30 13.09
CA GLU A 142 14.80 10.11 11.91
C GLU A 142 14.04 10.50 10.65
N ALA A 143 12.78 10.10 10.58
CA ALA A 143 11.94 10.44 9.44
C ALA A 143 11.61 11.92 9.44
N LYS A 144 11.32 12.45 10.61
CA LYS A 144 11.00 13.86 10.76
C LYS A 144 12.20 14.68 10.30
N LYS A 145 13.37 14.04 10.32
CA LYS A 145 14.61 14.69 9.89
C LYS A 145 14.84 14.56 8.39
N PHE A 146 14.66 13.35 7.85
CA PHE A 146 14.88 13.13 6.42
C PHE A 146 13.97 14.03 5.59
N LEU A 147 12.68 13.99 5.92
CA LEU A 147 11.67 14.77 5.22
C LEU A 147 11.81 16.26 5.45
N ALA A 148 12.67 16.66 6.38
CA ALA A 148 12.84 18.07 6.66
C ALA A 148 13.51 18.78 5.49
N PRO A 149 13.05 20.01 5.16
CA PRO A 149 13.59 20.80 4.06
C PRO A 149 14.77 21.67 4.49
N LYS A 150 14.99 21.77 5.79
CA LYS A 150 16.08 22.56 6.33
C LYS A 150 17.37 21.76 6.43
N ASP A 151 17.37 20.58 5.81
CA ASP A 151 18.54 19.71 5.83
C ASP A 151 19.73 20.37 5.13
N LYS A 152 19.43 21.34 4.26
CA LYS A 152 20.47 22.05 3.52
C LYS A 152 21.11 23.12 4.38
N MET A 1 0.63 -57.30 -14.32
CA MET A 1 -0.76 -56.79 -14.25
C MET A 1 -0.82 -55.31 -14.62
N HIS A 2 -1.75 -54.96 -15.50
CA HIS A 2 -1.90 -53.58 -15.95
C HIS A 2 -3.08 -52.91 -15.23
N HIS A 3 -2.83 -51.71 -14.71
CA HIS A 3 -3.86 -50.96 -14.00
C HIS A 3 -4.55 -49.97 -14.93
N HIS A 4 -5.50 -49.21 -14.38
CA HIS A 4 -6.23 -48.22 -15.17
C HIS A 4 -5.46 -46.90 -15.23
N HIS A 5 -4.93 -46.59 -16.41
CA HIS A 5 -4.17 -45.37 -16.60
C HIS A 5 -4.60 -44.64 -17.86
N HIS A 6 -5.50 -45.27 -18.62
CA HIS A 6 -6.00 -44.68 -19.86
C HIS A 6 -7.00 -43.56 -19.57
N HIS A 7 -7.09 -42.61 -20.50
CA HIS A 7 -8.01 -41.48 -20.35
C HIS A 7 -8.19 -40.75 -21.68
N LYS A 8 -7.30 -41.04 -22.63
CA LYS A 8 -7.33 -40.42 -23.95
C LYS A 8 -7.13 -38.92 -23.85
N LEU A 9 -5.94 -38.46 -24.26
CA LEU A 9 -5.61 -37.04 -24.23
C LEU A 9 -5.91 -36.40 -25.57
N LYS A 10 -6.84 -35.45 -25.57
CA LYS A 10 -7.22 -34.75 -26.80
C LYS A 10 -6.40 -33.46 -26.96
N THR A 11 -5.56 -33.43 -27.98
CA THR A 11 -4.74 -32.26 -28.25
C THR A 11 -5.38 -31.36 -29.30
N GLU A 12 -5.51 -30.08 -28.98
CA GLU A 12 -6.10 -29.12 -29.90
C GLU A 12 -5.05 -28.15 -30.43
N GLN A 13 -5.48 -27.26 -31.31
CA GLN A 13 -4.57 -26.27 -31.91
C GLN A 13 -4.01 -25.34 -30.84
N GLY A 14 -2.87 -24.73 -31.14
CA GLY A 14 -2.24 -23.81 -30.19
C GLY A 14 -1.54 -24.54 -29.06
N GLY A 15 -1.11 -23.79 -28.05
CA GLY A 15 -0.43 -24.40 -26.92
C GLY A 15 -0.04 -23.38 -25.86
N ALA A 16 -0.92 -22.43 -25.61
CA ALA A 16 -0.66 -21.39 -24.62
C ALA A 16 -0.79 -21.94 -23.19
N HIS A 17 0.32 -21.94 -22.47
CA HIS A 17 0.34 -22.45 -21.10
C HIS A 17 1.20 -21.58 -20.20
N PHE A 18 1.98 -20.69 -20.82
CA PHE A 18 2.86 -19.79 -20.08
C PHE A 18 2.06 -18.92 -19.11
N SER A 19 2.77 -18.35 -18.14
CA SER A 19 2.12 -17.48 -17.15
C SER A 19 2.00 -16.05 -17.66
N VAL A 20 0.76 -15.60 -17.85
CA VAL A 20 0.52 -14.25 -18.34
C VAL A 20 0.15 -13.31 -17.19
N SER A 21 0.65 -12.08 -17.27
CA SER A 21 0.38 -11.09 -16.24
C SER A 21 -0.74 -10.14 -16.68
N SER A 22 -1.59 -10.62 -17.57
CA SER A 22 -2.71 -9.82 -18.07
C SER A 22 -3.76 -9.61 -17.00
N LEU A 23 -3.57 -10.25 -15.85
CA LEU A 23 -4.51 -10.13 -14.73
C LEU A 23 -4.10 -9.01 -13.78
N ALA A 24 -3.17 -8.18 -14.23
CA ALA A 24 -2.69 -7.06 -13.41
C ALA A 24 -2.31 -5.86 -14.28
N GLU A 25 -2.56 -5.98 -15.58
CA GLU A 25 -2.25 -4.89 -16.51
C GLU A 25 -3.18 -4.94 -17.72
N GLY A 26 -3.51 -6.15 -18.16
CA GLY A 26 -4.38 -6.31 -19.31
C GLY A 26 -5.84 -6.45 -18.92
N SER A 27 -6.09 -6.59 -17.62
CA SER A 27 -7.46 -6.73 -17.11
C SER A 27 -7.58 -6.17 -15.71
N VAL A 28 -7.00 -6.88 -14.74
CA VAL A 28 -7.02 -6.47 -13.33
C VAL A 28 -8.45 -6.22 -12.85
N THR A 29 -8.59 -5.91 -11.57
CA THR A 29 -9.90 -5.64 -10.99
C THR A 29 -9.83 -4.51 -9.96
N SER A 30 -10.87 -3.69 -9.91
CA SER A 30 -10.93 -2.58 -8.97
C SER A 30 -11.19 -3.07 -7.56
N VAL A 31 -10.93 -2.22 -6.57
CA VAL A 31 -11.15 -2.56 -5.17
C VAL A 31 -12.63 -2.55 -4.83
N GLY A 32 -13.05 -3.53 -4.03
CA GLY A 32 -14.44 -3.62 -3.63
C GLY A 32 -14.88 -2.44 -2.79
N SER A 33 -14.25 -2.27 -1.63
CA SER A 33 -14.56 -1.18 -0.72
C SER A 33 -13.57 -1.11 0.43
N VAL A 34 -13.85 -0.23 1.39
CA VAL A 34 -13.00 -0.05 2.57
C VAL A 34 -11.51 -0.10 2.22
N ASN A 35 -10.68 -0.51 3.18
CA ASN A 35 -9.24 -0.59 2.99
C ASN A 35 -8.88 -1.32 1.71
N PRO A 36 -8.12 -0.66 0.80
CA PRO A 36 -7.70 -1.28 -0.46
C PRO A 36 -6.45 -2.12 -0.25
N ALA A 37 -5.88 -2.00 0.94
CA ALA A 37 -4.67 -2.73 1.30
C ALA A 37 -5.00 -4.12 1.82
N GLU A 38 -6.26 -4.34 2.20
CA GLU A 38 -6.68 -5.62 2.73
C GLU A 38 -6.36 -6.75 1.75
N ASN A 39 -6.44 -6.44 0.45
CA ASN A 39 -6.12 -7.43 -0.57
C ASN A 39 -4.70 -7.91 -0.37
N PHE A 40 -3.76 -6.96 -0.39
CA PHE A 40 -2.36 -7.27 -0.18
C PHE A 40 -2.24 -8.12 1.08
N ARG A 41 -2.96 -7.70 2.11
CA ARG A 41 -2.95 -8.40 3.39
C ARG A 41 -3.42 -9.83 3.20
N VAL A 42 -4.40 -10.01 2.33
CA VAL A 42 -4.92 -11.33 2.04
C VAL A 42 -3.83 -12.22 1.49
N LEU A 43 -3.08 -11.72 0.52
CA LEU A 43 -1.99 -12.50 -0.07
C LEU A 43 -0.89 -12.80 0.95
N VAL A 44 -0.57 -11.83 1.80
CA VAL A 44 0.47 -12.04 2.80
C VAL A 44 0.00 -12.99 3.90
N LYS A 45 -1.31 -13.05 4.10
CA LYS A 45 -1.90 -13.92 5.12
C LYS A 45 -2.35 -15.24 4.50
N GLN A 46 -2.41 -15.28 3.17
CA GLN A 46 -2.82 -16.48 2.46
C GLN A 46 -1.67 -17.05 1.62
N LYS A 47 -1.96 -18.09 0.87
CA LYS A 47 -0.95 -18.72 0.01
C LYS A 47 -0.84 -17.98 -1.30
N LYS A 48 -1.71 -16.98 -1.47
CA LYS A 48 -1.74 -16.18 -2.69
C LYS A 48 -0.34 -15.73 -3.13
N ALA A 49 0.15 -14.66 -2.51
CA ALA A 49 1.47 -14.12 -2.84
C ALA A 49 2.32 -13.92 -1.60
N SER A 50 3.57 -13.52 -1.82
CA SER A 50 4.49 -13.26 -0.71
C SER A 50 4.30 -11.83 -0.24
N PHE A 51 4.89 -11.50 0.90
CA PHE A 51 4.78 -10.15 1.45
C PHE A 51 5.34 -9.13 0.46
N GLU A 52 6.11 -9.60 -0.50
CA GLU A 52 6.71 -8.73 -1.49
C GLU A 52 5.77 -8.49 -2.68
N GLU A 53 5.28 -9.58 -3.28
CA GLU A 53 4.36 -9.46 -4.42
C GLU A 53 3.06 -8.82 -3.97
N ALA A 54 2.61 -9.22 -2.79
CA ALA A 54 1.40 -8.68 -2.22
C ALA A 54 1.52 -7.18 -2.00
N SER A 55 2.61 -6.78 -1.31
CA SER A 55 2.83 -5.37 -1.06
C SER A 55 3.05 -4.67 -2.37
N ASN A 56 3.62 -5.40 -3.33
CA ASN A 56 3.88 -4.86 -4.65
C ASN A 56 2.58 -4.50 -5.33
N GLN A 57 1.58 -5.37 -5.18
CA GLN A 57 0.26 -5.13 -5.75
C GLN A 57 -0.42 -4.00 -5.00
N LEU A 58 -0.12 -3.88 -3.71
CA LEU A 58 -0.70 -2.83 -2.89
C LEU A 58 -0.19 -1.47 -3.35
N ILE A 59 1.14 -1.30 -3.36
CA ILE A 59 1.73 -0.05 -3.78
C ILE A 59 1.39 0.21 -5.25
N ASN A 60 1.31 -0.89 -6.02
CA ASN A 60 0.97 -0.80 -7.44
C ASN A 60 -0.41 -0.19 -7.60
N HIS A 61 -1.37 -0.72 -6.87
CA HIS A 61 -2.72 -0.20 -6.89
C HIS A 61 -2.68 1.26 -6.50
N ILE A 62 -1.79 1.56 -5.57
CA ILE A 62 -1.59 2.91 -5.12
C ILE A 62 -1.03 3.77 -6.24
N GLU A 63 -0.25 3.14 -7.13
CA GLU A 63 0.30 3.86 -8.27
C GLU A 63 -0.81 4.22 -9.23
N GLN A 64 -1.77 3.29 -9.39
CA GLN A 64 -2.93 3.53 -10.24
C GLN A 64 -3.63 4.79 -9.72
N PHE A 65 -3.92 4.77 -8.42
CA PHE A 65 -4.55 5.92 -7.81
C PHE A 65 -3.66 7.15 -8.06
N LEU A 66 -2.38 7.02 -7.73
CA LEU A 66 -1.44 8.11 -7.91
C LEU A 66 -1.43 8.56 -9.36
N ASP A 67 -1.92 7.69 -10.25
CA ASP A 67 -2.01 8.04 -11.65
C ASP A 67 -3.18 9.01 -11.81
N THR A 68 -4.27 8.73 -11.06
CA THR A 68 -5.43 9.62 -11.08
C THR A 68 -5.09 10.97 -10.47
N ASN A 69 -6.08 11.86 -10.38
CA ASN A 69 -5.86 13.19 -9.83
C ASN A 69 -6.62 13.38 -8.51
N GLU A 70 -7.29 12.33 -8.06
CA GLU A 70 -8.07 12.38 -6.83
C GLU A 70 -7.17 12.22 -5.60
N THR A 71 -7.51 12.91 -4.51
CA THR A 71 -6.72 12.82 -3.28
C THR A 71 -7.42 12.06 -2.14
N PRO A 72 -8.74 11.79 -2.20
CA PRO A 72 -9.37 11.03 -1.11
C PRO A 72 -8.57 9.77 -0.86
N TYR A 73 -7.92 9.34 -1.94
CA TYR A 73 -7.09 8.15 -1.94
C TYR A 73 -5.63 8.44 -1.56
N PHE A 74 -5.21 9.72 -1.57
CA PHE A 74 -3.81 10.05 -1.23
C PHE A 74 -3.53 9.88 0.27
N MET A 75 -4.47 10.26 1.10
CA MET A 75 -4.30 10.07 2.54
C MET A 75 -4.56 8.60 2.81
N LYS A 76 -5.48 8.06 2.02
CA LYS A 76 -5.83 6.65 2.10
C LYS A 76 -4.64 5.85 1.60
N SER A 77 -3.84 6.49 0.74
CA SER A 77 -2.63 5.87 0.21
C SER A 77 -1.67 5.75 1.36
N ILE A 78 -1.51 6.84 2.10
CA ILE A 78 -0.67 6.83 3.27
C ILE A 78 -1.13 5.70 4.18
N ASP A 79 -2.44 5.50 4.23
CA ASP A 79 -3.03 4.44 5.02
C ASP A 79 -2.58 3.07 4.52
N CYS A 80 -2.55 2.88 3.20
CA CYS A 80 -2.10 1.62 2.63
C CYS A 80 -0.68 1.36 3.11
N ILE A 81 0.11 2.42 3.07
CA ILE A 81 1.48 2.34 3.53
C ILE A 81 1.45 1.87 4.97
N ARG A 82 0.54 2.47 5.72
CA ARG A 82 0.33 2.14 7.12
C ARG A 82 -0.13 0.69 7.24
N ALA A 83 -0.76 0.19 6.18
CA ALA A 83 -1.26 -1.18 6.16
C ALA A 83 -0.13 -2.19 6.18
N PHE A 84 0.73 -2.14 5.16
CA PHE A 84 1.84 -3.09 5.09
C PHE A 84 2.92 -2.72 6.10
N ARG A 85 2.83 -1.51 6.62
CA ARG A 85 3.79 -1.03 7.60
C ARG A 85 3.81 -1.94 8.83
N GLU A 86 2.68 -2.00 9.53
CA GLU A 86 2.56 -2.81 10.73
C GLU A 86 2.69 -4.30 10.39
N GLU A 87 2.28 -4.65 9.18
CA GLU A 87 2.35 -6.03 8.73
C GLU A 87 3.79 -6.49 8.57
N ALA A 88 4.63 -5.64 7.98
CA ALA A 88 6.04 -5.99 7.77
C ALA A 88 6.71 -6.37 9.08
N ILE A 89 6.40 -5.63 10.14
CA ILE A 89 6.97 -5.92 11.45
C ILE A 89 6.62 -7.34 11.89
N LYS A 90 5.39 -7.75 11.57
CA LYS A 90 4.91 -9.08 11.93
C LYS A 90 5.27 -10.11 10.85
N PHE A 91 5.61 -9.62 9.66
CA PHE A 91 5.95 -10.48 8.54
C PHE A 91 7.45 -10.48 8.26
N SER A 92 8.22 -9.93 9.20
CA SER A 92 9.68 -9.87 9.08
C SER A 92 10.10 -9.49 7.66
N GLU A 93 10.08 -8.19 7.37
CA GLU A 93 10.46 -7.71 6.05
C GLU A 93 10.98 -6.28 6.13
N GLU A 94 12.30 -6.15 6.26
CA GLU A 94 12.94 -4.84 6.37
C GLU A 94 13.22 -4.25 4.99
N GLN A 95 13.76 -5.08 4.09
CA GLN A 95 14.07 -4.64 2.73
C GLN A 95 12.83 -4.10 2.06
N ARG A 96 11.73 -4.81 2.23
CA ARG A 96 10.46 -4.41 1.64
C ARG A 96 10.12 -3.00 2.05
N PHE A 97 10.49 -2.63 3.26
CA PHE A 97 10.18 -1.32 3.78
C PHE A 97 10.90 -0.23 2.97
N ASN A 98 12.24 -0.29 2.95
CA ASN A 98 13.00 0.69 2.20
C ASN A 98 12.70 0.59 0.71
N ASN A 99 12.17 -0.55 0.31
CA ASN A 99 11.84 -0.75 -1.10
C ASN A 99 10.57 0.00 -1.47
N PHE A 100 9.51 -0.20 -0.71
CA PHE A 100 8.25 0.48 -1.00
C PHE A 100 8.41 1.98 -0.84
N LEU A 101 9.20 2.37 0.14
CA LEU A 101 9.40 3.78 0.43
C LEU A 101 10.24 4.44 -0.64
N LYS A 102 11.38 3.86 -0.96
CA LYS A 102 12.24 4.49 -1.94
C LYS A 102 11.67 4.30 -3.34
N ALA A 103 10.78 3.33 -3.51
CA ALA A 103 10.17 3.09 -4.81
C ALA A 103 8.99 4.01 -5.02
N LEU A 104 8.15 4.16 -3.99
CA LEU A 104 7.00 5.04 -4.12
C LEU A 104 7.49 6.46 -4.29
N GLN A 105 8.52 6.82 -3.51
CA GLN A 105 9.07 8.16 -3.58
C GLN A 105 9.78 8.40 -4.90
N GLU A 106 10.70 7.50 -5.27
CA GLU A 106 11.39 7.66 -6.54
C GLU A 106 10.34 7.82 -7.63
N LYS A 107 9.19 7.17 -7.45
CA LYS A 107 8.11 7.27 -8.41
C LYS A 107 7.56 8.70 -8.40
N VAL A 108 7.33 9.26 -7.20
CA VAL A 108 6.84 10.62 -7.10
C VAL A 108 7.85 11.59 -7.70
N GLU A 109 9.10 11.14 -7.76
CA GLU A 109 10.18 11.94 -8.35
C GLU A 109 10.05 11.97 -9.86
N ILE A 110 10.00 10.79 -10.46
CA ILE A 110 9.85 10.67 -11.91
C ILE A 110 8.63 11.44 -12.39
N LYS A 111 7.50 11.21 -11.72
CA LYS A 111 6.25 11.87 -12.06
C LYS A 111 5.97 13.01 -11.09
N GLN A 112 4.70 13.40 -10.99
CA GLN A 112 4.29 14.46 -10.08
C GLN A 112 3.89 13.86 -8.74
N LEU A 113 2.67 14.17 -8.29
CA LEU A 113 2.16 13.62 -7.04
C LEU A 113 2.94 14.14 -5.84
N ASN A 114 3.57 15.29 -6.00
CA ASN A 114 4.34 15.87 -4.90
C ASN A 114 3.47 16.04 -3.67
N HIS A 115 2.19 16.36 -3.88
CA HIS A 115 1.26 16.55 -2.76
C HIS A 115 1.24 15.30 -1.88
N PHE A 116 1.17 14.14 -2.52
CA PHE A 116 1.20 12.88 -1.78
C PHE A 116 2.46 12.88 -0.92
N TRP A 117 3.59 13.17 -1.55
CA TRP A 117 4.85 13.23 -0.84
C TRP A 117 4.73 14.18 0.35
N GLU A 118 3.97 15.26 0.17
CA GLU A 118 3.77 16.25 1.22
C GLU A 118 3.13 15.61 2.44
N ILE A 119 1.97 14.98 2.27
CA ILE A 119 1.28 14.35 3.39
C ILE A 119 2.18 13.32 4.06
N VAL A 120 3.03 12.64 3.29
CA VAL A 120 3.93 11.66 3.90
C VAL A 120 4.94 12.37 4.80
N VAL A 121 5.49 13.52 4.35
CA VAL A 121 6.43 14.26 5.20
C VAL A 121 5.72 14.69 6.47
N GLN A 122 4.43 15.00 6.30
CA GLN A 122 3.59 15.42 7.41
C GLN A 122 3.22 14.24 8.29
N ASP A 123 3.26 13.04 7.71
CA ASP A 123 2.94 11.82 8.43
C ASP A 123 4.21 11.04 8.79
N GLY A 124 5.37 11.57 8.36
CA GLY A 124 6.63 10.90 8.64
C GLY A 124 6.69 9.54 7.99
N ILE A 125 6.56 9.52 6.66
CA ILE A 125 6.57 8.28 5.91
C ILE A 125 7.74 8.24 4.91
N THR A 126 8.95 8.30 5.43
CA THR A 126 10.12 8.25 4.56
C THR A 126 11.26 7.47 5.21
N LEU A 127 12.27 7.12 4.39
CA LEU A 127 13.45 6.38 4.83
C LEU A 127 13.16 5.37 5.93
N ILE A 128 14.22 4.86 6.56
CA ILE A 128 14.07 3.89 7.63
C ILE A 128 14.38 4.56 8.96
N THR A 129 13.40 4.58 9.85
CA THR A 129 13.56 5.23 11.13
C THR A 129 14.36 4.39 12.10
N LYS A 130 15.67 4.35 11.88
CA LYS A 130 16.61 3.62 12.72
C LYS A 130 17.98 3.57 12.06
N GLU A 131 18.06 2.90 10.91
CA GLU A 131 19.30 2.77 10.16
C GLU A 131 19.16 1.69 9.09
N GLU A 132 18.03 1.68 8.40
CA GLU A 132 17.77 0.67 7.37
C GLU A 132 17.77 -0.70 8.01
N ALA A 133 17.01 -0.83 9.09
CA ALA A 133 16.92 -2.07 9.84
C ALA A 133 15.46 -2.45 10.11
N SER A 134 15.26 -3.39 11.04
CA SER A 134 13.93 -3.85 11.41
C SER A 134 13.65 -3.52 12.87
N GLY A 135 14.70 -3.11 13.59
CA GLY A 135 14.55 -2.77 15.00
C GLY A 135 15.87 -2.33 15.62
N SER A 136 16.02 -1.03 15.85
CA SER A 136 17.23 -0.50 16.45
C SER A 136 16.92 0.40 17.65
N SER A 137 15.73 0.20 18.22
CA SER A 137 15.29 0.96 19.38
C SER A 137 15.20 2.46 19.07
N VAL A 138 15.34 2.81 17.79
CA VAL A 138 15.26 4.21 17.37
C VAL A 138 13.83 4.58 17.02
N THR A 139 13.49 5.85 17.24
CA THR A 139 12.15 6.34 16.96
C THR A 139 12.04 6.94 15.56
N ALA A 140 10.83 7.32 15.19
CA ALA A 140 10.54 7.91 13.89
C ALA A 140 11.38 9.16 13.61
N GLU A 141 12.04 9.68 14.64
CA GLU A 141 12.85 10.89 14.51
C GLU A 141 13.71 10.88 13.25
N GLU A 142 14.30 9.74 12.92
CA GLU A 142 15.13 9.65 11.71
C GLU A 142 14.33 10.17 10.53
N ALA A 143 13.12 9.66 10.37
CA ALA A 143 12.26 10.11 9.30
C ALA A 143 11.97 11.59 9.50
N LYS A 144 11.48 11.91 10.70
CA LYS A 144 11.19 13.28 11.06
C LYS A 144 12.34 14.19 10.63
N LYS A 145 13.52 13.58 10.49
CA LYS A 145 14.71 14.32 10.07
C LYS A 145 14.84 14.37 8.55
N PHE A 146 14.60 13.24 7.86
CA PHE A 146 14.74 13.23 6.40
C PHE A 146 13.73 14.12 5.70
N LEU A 147 12.45 13.95 6.03
CA LEU A 147 11.38 14.74 5.38
C LEU A 147 11.16 16.08 6.08
N ALA A 148 12.15 16.55 6.81
CA ALA A 148 12.04 17.82 7.52
C ALA A 148 12.15 19.00 6.56
N PRO A 149 11.50 20.14 6.88
CA PRO A 149 11.53 21.34 6.04
C PRO A 149 12.76 22.20 6.31
N LYS A 150 13.16 22.28 7.58
CA LYS A 150 14.32 23.07 7.97
C LYS A 150 15.56 22.21 8.12
N ASP A 151 16.47 22.31 7.16
CA ASP A 151 17.69 21.54 7.17
C ASP A 151 18.69 22.09 6.15
N LYS A 152 18.18 22.74 5.13
CA LYS A 152 19.02 23.32 4.09
C LYS A 152 19.71 24.58 4.57
N MET A 1 -58.49 -48.34 -6.06
CA MET A 1 -57.79 -47.30 -6.86
C MET A 1 -57.75 -47.69 -8.34
N HIS A 2 -57.68 -46.69 -9.21
CA HIS A 2 -57.64 -46.91 -10.64
C HIS A 2 -56.39 -46.28 -11.25
N HIS A 3 -56.34 -44.96 -11.25
CA HIS A 3 -55.21 -44.23 -11.81
C HIS A 3 -54.36 -43.60 -10.70
N HIS A 4 -54.99 -42.70 -9.94
CA HIS A 4 -54.30 -42.02 -8.85
C HIS A 4 -55.12 -42.07 -7.57
N HIS A 5 -54.59 -41.49 -6.50
CA HIS A 5 -55.27 -41.47 -5.21
C HIS A 5 -55.69 -40.05 -4.84
N HIS A 6 -56.99 -39.85 -4.60
CA HIS A 6 -57.52 -38.55 -4.24
C HIS A 6 -57.11 -38.16 -2.82
N HIS A 7 -57.10 -36.85 -2.56
CA HIS A 7 -56.74 -36.32 -1.24
C HIS A 7 -55.28 -36.64 -0.91
N LYS A 8 -54.58 -37.27 -1.84
CA LYS A 8 -53.18 -37.63 -1.64
C LYS A 8 -52.99 -38.46 -0.37
N LEU A 9 -51.73 -38.73 -0.02
CA LEU A 9 -51.43 -39.51 1.17
C LEU A 9 -50.83 -38.63 2.26
N LYS A 10 -49.73 -37.97 1.94
CA LYS A 10 -49.06 -37.10 2.90
C LYS A 10 -48.32 -35.97 2.18
N THR A 11 -47.62 -35.15 2.96
CA THR A 11 -46.88 -34.02 2.38
C THR A 11 -45.56 -34.49 1.77
N GLU A 12 -45.44 -34.30 0.46
CA GLU A 12 -44.23 -34.70 -0.26
C GLU A 12 -43.60 -33.50 -0.97
N GLN A 13 -42.33 -33.22 -0.64
CA GLN A 13 -41.62 -32.11 -1.23
C GLN A 13 -40.78 -32.56 -2.43
N GLY A 14 -40.46 -33.85 -2.46
CA GLY A 14 -39.67 -34.39 -3.56
C GLY A 14 -38.23 -33.93 -3.51
N GLY A 15 -37.70 -33.78 -2.30
CA GLY A 15 -36.33 -33.34 -2.14
C GLY A 15 -36.17 -32.29 -1.06
N ALA A 16 -36.10 -32.74 0.19
CA ALA A 16 -35.94 -31.83 1.32
C ALA A 16 -34.53 -31.27 1.39
N HIS A 17 -34.43 -29.94 1.53
CA HIS A 17 -33.14 -29.28 1.61
C HIS A 17 -32.31 -29.51 0.34
N PHE A 18 -32.35 -28.54 -0.57
CA PHE A 18 -31.62 -28.64 -1.82
C PHE A 18 -30.15 -28.26 -1.61
N SER A 19 -29.43 -28.08 -2.73
CA SER A 19 -28.02 -27.72 -2.65
C SER A 19 -27.84 -26.21 -2.53
N VAL A 20 -27.32 -25.77 -1.39
CA VAL A 20 -27.10 -24.36 -1.14
C VAL A 20 -25.66 -23.97 -1.46
N SER A 21 -25.47 -22.72 -1.91
CA SER A 21 -24.14 -22.23 -2.25
C SER A 21 -23.37 -21.84 -0.99
N SER A 22 -23.98 -20.99 -0.16
CA SER A 22 -23.36 -20.53 1.08
C SER A 22 -22.06 -19.79 0.80
N LEU A 23 -21.83 -19.46 -0.47
CA LEU A 23 -20.62 -18.75 -0.87
C LEU A 23 -20.95 -17.30 -1.23
N ALA A 24 -21.86 -17.12 -2.19
CA ALA A 24 -22.27 -15.79 -2.60
C ALA A 24 -23.39 -15.26 -1.72
N GLU A 25 -23.03 -14.79 -0.53
CA GLU A 25 -24.00 -14.25 0.41
C GLU A 25 -23.31 -13.43 1.50
N GLY A 26 -22.18 -13.94 1.99
CA GLY A 26 -21.45 -13.24 3.02
C GLY A 26 -20.20 -12.57 2.49
N SER A 27 -20.03 -12.59 1.17
CA SER A 27 -18.87 -11.98 0.53
C SER A 27 -19.20 -11.56 -0.90
N VAL A 28 -19.55 -12.54 -1.73
CA VAL A 28 -19.89 -12.27 -3.13
C VAL A 28 -18.70 -11.70 -3.89
N THR A 29 -18.50 -10.39 -3.77
CA THR A 29 -17.40 -9.72 -4.45
C THR A 29 -16.15 -9.66 -3.57
N SER A 30 -15.04 -9.25 -4.15
CA SER A 30 -13.78 -9.14 -3.42
C SER A 30 -13.38 -7.68 -3.25
N VAL A 31 -12.40 -7.44 -2.36
CA VAL A 31 -11.90 -6.09 -2.06
C VAL A 31 -13.02 -5.05 -2.04
N GLY A 32 -13.56 -4.79 -0.86
CA GLY A 32 -14.63 -3.83 -0.71
C GLY A 32 -14.14 -2.40 -0.90
N SER A 33 -14.57 -1.51 0.00
CA SER A 33 -14.18 -0.11 -0.06
C SER A 33 -13.68 0.39 1.29
N VAL A 34 -13.55 -0.54 2.23
CA VAL A 34 -13.08 -0.20 3.58
C VAL A 34 -11.56 -0.09 3.61
N ASN A 35 -10.89 -0.86 2.77
CA ASN A 35 -9.43 -0.84 2.71
C ASN A 35 -8.93 -1.57 1.47
N PRO A 36 -8.26 -0.85 0.55
CA PRO A 36 -7.72 -1.45 -0.67
C PRO A 36 -6.44 -2.21 -0.39
N ALA A 37 -5.89 -2.00 0.81
CA ALA A 37 -4.66 -2.66 1.22
C ALA A 37 -4.94 -4.04 1.79
N GLU A 38 -6.14 -4.23 2.32
CA GLU A 38 -6.50 -5.50 2.91
C GLU A 38 -6.32 -6.64 1.90
N ASN A 39 -6.30 -6.30 0.62
CA ASN A 39 -6.09 -7.29 -0.43
C ASN A 39 -4.67 -7.83 -0.30
N PHE A 40 -3.71 -6.90 -0.33
CA PHE A 40 -2.32 -7.26 -0.17
C PHE A 40 -2.19 -8.12 1.08
N ARG A 41 -2.90 -7.69 2.12
CA ARG A 41 -2.91 -8.41 3.38
C ARG A 41 -3.40 -9.84 3.17
N VAL A 42 -4.43 -9.96 2.34
CA VAL A 42 -4.99 -11.26 2.05
C VAL A 42 -3.93 -12.19 1.48
N LEU A 43 -3.13 -11.69 0.55
CA LEU A 43 -2.08 -12.52 -0.03
C LEU A 43 -0.97 -12.84 0.97
N VAL A 44 -0.61 -11.86 1.78
CA VAL A 44 0.45 -12.06 2.78
C VAL A 44 -0.05 -12.94 3.93
N LYS A 45 -1.38 -12.98 4.11
CA LYS A 45 -1.98 -13.75 5.19
C LYS A 45 -2.50 -15.10 4.68
N GLN A 46 -2.72 -15.21 3.38
CA GLN A 46 -3.22 -16.45 2.79
C GLN A 46 -2.13 -17.20 2.05
N LYS A 47 -2.53 -18.23 1.30
CA LYS A 47 -1.60 -19.03 0.53
C LYS A 47 -1.19 -18.31 -0.75
N LYS A 48 -1.77 -17.13 -0.96
CA LYS A 48 -1.49 -16.32 -2.14
C LYS A 48 -0.03 -15.86 -2.17
N ALA A 49 0.19 -14.76 -2.89
CA ALA A 49 1.51 -14.17 -3.04
C ALA A 49 2.25 -14.00 -1.71
N SER A 50 3.53 -13.66 -1.83
CA SER A 50 4.37 -13.42 -0.66
C SER A 50 4.19 -11.99 -0.20
N PHE A 51 4.82 -11.62 0.91
CA PHE A 51 4.69 -10.26 1.42
C PHE A 51 5.24 -9.26 0.40
N GLU A 52 5.98 -9.76 -0.57
CA GLU A 52 6.57 -8.90 -1.58
C GLU A 52 5.61 -8.62 -2.75
N GLU A 53 5.11 -9.66 -3.40
CA GLU A 53 4.20 -9.49 -4.53
C GLU A 53 2.93 -8.81 -4.05
N ALA A 54 2.48 -9.24 -2.88
CA ALA A 54 1.28 -8.70 -2.27
C ALA A 54 1.44 -7.21 -2.02
N SER A 55 2.52 -6.83 -1.34
CA SER A 55 2.77 -5.44 -1.07
C SER A 55 2.98 -4.70 -2.38
N ASN A 56 3.64 -5.37 -3.30
CA ASN A 56 3.90 -4.81 -4.61
C ASN A 56 2.58 -4.49 -5.31
N GLN A 57 1.59 -5.36 -5.11
CA GLN A 57 0.28 -5.15 -5.69
C GLN A 57 -0.44 -4.01 -4.98
N LEU A 58 -0.15 -3.88 -3.68
CA LEU A 58 -0.74 -2.82 -2.88
C LEU A 58 -0.23 -1.47 -3.36
N ILE A 59 1.09 -1.31 -3.37
CA ILE A 59 1.69 -0.06 -3.81
C ILE A 59 1.33 0.17 -5.28
N ASN A 60 1.26 -0.92 -6.04
CA ASN A 60 0.91 -0.86 -7.45
C ASN A 60 -0.48 -0.24 -7.63
N HIS A 61 -1.44 -0.76 -6.88
CA HIS A 61 -2.79 -0.24 -6.92
C HIS A 61 -2.74 1.23 -6.54
N ILE A 62 -1.85 1.51 -5.58
CA ILE A 62 -1.64 2.86 -5.12
C ILE A 62 -1.07 3.71 -6.24
N GLU A 63 -0.33 3.06 -7.15
CA GLU A 63 0.25 3.74 -8.28
C GLU A 63 -0.87 4.12 -9.25
N GLN A 64 -1.84 3.20 -9.39
CA GLN A 64 -2.99 3.47 -10.24
C GLN A 64 -3.66 4.75 -9.75
N PHE A 65 -3.91 4.80 -8.45
CA PHE A 65 -4.49 5.99 -7.87
C PHE A 65 -3.54 7.16 -8.13
N LEU A 66 -2.27 7.00 -7.75
CA LEU A 66 -1.29 8.05 -7.95
C LEU A 66 -1.25 8.46 -9.41
N ASP A 67 -1.80 7.61 -10.28
CA ASP A 67 -1.88 7.93 -11.68
C ASP A 67 -3.03 8.92 -11.86
N THR A 68 -4.13 8.66 -11.14
CA THR A 68 -5.29 9.56 -11.19
C THR A 68 -4.92 10.91 -10.58
N ASN A 69 -5.90 11.81 -10.50
CA ASN A 69 -5.66 13.14 -9.94
C ASN A 69 -6.45 13.34 -8.64
N GLU A 70 -7.16 12.31 -8.21
CA GLU A 70 -7.96 12.36 -6.99
C GLU A 70 -7.08 12.17 -5.75
N THR A 71 -7.39 12.89 -4.67
CA THR A 71 -6.61 12.77 -3.44
C THR A 71 -7.32 11.93 -2.36
N PRO A 72 -8.63 11.61 -2.45
CA PRO A 72 -9.27 10.76 -1.45
C PRO A 72 -8.38 9.59 -1.11
N TYR A 73 -7.70 9.14 -2.15
CA TYR A 73 -6.81 8.02 -2.09
C TYR A 73 -5.38 8.39 -1.66
N PHE A 74 -5.01 9.68 -1.68
CA PHE A 74 -3.66 10.07 -1.29
C PHE A 74 -3.44 9.87 0.22
N MET A 75 -4.43 10.26 1.03
CA MET A 75 -4.32 10.06 2.46
C MET A 75 -4.57 8.60 2.73
N LYS A 76 -5.50 8.05 1.96
CA LYS A 76 -5.83 6.64 2.05
C LYS A 76 -4.62 5.84 1.56
N SER A 77 -3.80 6.48 0.72
CA SER A 77 -2.59 5.85 0.21
C SER A 77 -1.66 5.72 1.39
N ILE A 78 -1.55 6.81 2.14
CA ILE A 78 -0.72 6.81 3.33
C ILE A 78 -1.20 5.68 4.22
N ASP A 79 -2.52 5.48 4.26
CA ASP A 79 -3.12 4.43 5.06
C ASP A 79 -2.65 3.06 4.56
N CYS A 80 -2.62 2.88 3.24
CA CYS A 80 -2.16 1.61 2.67
C CYS A 80 -0.73 1.40 3.11
N ILE A 81 0.03 2.49 3.08
CA ILE A 81 1.41 2.46 3.51
C ILE A 81 1.43 1.97 4.94
N ARG A 82 0.47 2.49 5.71
CA ARG A 82 0.31 2.13 7.10
C ARG A 82 -0.11 0.65 7.20
N ALA A 83 -0.74 0.16 6.14
CA ALA A 83 -1.19 -1.23 6.09
C ALA A 83 -0.02 -2.20 6.07
N PHE A 84 0.82 -2.09 5.05
CA PHE A 84 1.96 -2.98 4.94
C PHE A 84 3.08 -2.59 5.91
N ARG A 85 2.99 -1.37 6.45
CA ARG A 85 3.99 -0.90 7.38
C ARG A 85 4.04 -1.78 8.63
N GLU A 86 2.93 -1.81 9.36
CA GLU A 86 2.84 -2.60 10.58
C GLU A 86 2.92 -4.10 10.27
N GLU A 87 2.30 -4.49 9.16
CA GLU A 87 2.31 -5.89 8.74
C GLU A 87 3.74 -6.39 8.51
N ALA A 88 4.57 -5.57 7.89
CA ALA A 88 5.96 -5.94 7.63
C ALA A 88 6.69 -6.31 8.92
N ILE A 89 6.54 -5.47 9.93
CA ILE A 89 7.18 -5.73 11.22
C ILE A 89 6.79 -7.11 11.74
N LYS A 90 5.55 -7.50 11.47
CA LYS A 90 5.03 -8.80 11.91
C LYS A 90 5.35 -9.89 10.88
N PHE A 91 5.60 -9.48 9.64
CA PHE A 91 5.91 -10.42 8.57
C PHE A 91 7.40 -10.47 8.27
N SER A 92 8.19 -9.93 9.18
CA SER A 92 9.65 -9.91 9.03
C SER A 92 10.05 -9.54 7.61
N GLU A 93 10.02 -8.24 7.31
CA GLU A 93 10.37 -7.76 5.99
C GLU A 93 10.92 -6.33 6.05
N GLU A 94 12.23 -6.21 6.22
CA GLU A 94 12.87 -4.91 6.31
C GLU A 94 13.19 -4.35 4.93
N GLN A 95 13.80 -5.17 4.08
CA GLN A 95 14.15 -4.75 2.72
C GLN A 95 12.91 -4.21 2.02
N ARG A 96 11.82 -4.97 2.12
CA ARG A 96 10.56 -4.57 1.52
C ARG A 96 10.23 -3.14 1.91
N PHE A 97 10.48 -2.81 3.16
CA PHE A 97 10.15 -1.50 3.67
C PHE A 97 10.90 -0.40 2.90
N ASN A 98 12.23 -0.44 2.93
CA ASN A 98 13.02 0.57 2.24
C ASN A 98 12.77 0.50 0.74
N ASN A 99 12.25 -0.64 0.29
CA ASN A 99 11.96 -0.81 -1.13
C ASN A 99 10.71 -0.04 -1.52
N PHE A 100 9.62 -0.24 -0.79
CA PHE A 100 8.37 0.46 -1.12
C PHE A 100 8.53 1.94 -0.89
N LEU A 101 9.32 2.28 0.12
CA LEU A 101 9.53 3.68 0.48
C LEU A 101 10.37 4.40 -0.56
N LYS A 102 11.51 3.82 -0.91
CA LYS A 102 12.38 4.47 -1.87
C LYS A 102 11.82 4.32 -3.27
N ALA A 103 10.96 3.32 -3.47
CA ALA A 103 10.35 3.11 -4.78
C ALA A 103 9.14 4.01 -4.97
N LEU A 104 8.32 4.13 -3.94
CA LEU A 104 7.15 4.97 -4.04
C LEU A 104 7.60 6.42 -4.17
N GLN A 105 8.63 6.79 -3.40
CA GLN A 105 9.15 8.15 -3.44
C GLN A 105 9.84 8.42 -4.77
N GLU A 106 10.78 7.56 -5.17
CA GLU A 106 11.44 7.76 -6.44
C GLU A 106 10.38 7.94 -7.51
N LYS A 107 9.28 7.22 -7.36
CA LYS A 107 8.18 7.31 -8.29
C LYS A 107 7.55 8.72 -8.24
N VAL A 108 7.37 9.26 -7.04
CA VAL A 108 6.78 10.59 -6.90
C VAL A 108 7.65 11.65 -7.58
N GLU A 109 8.98 11.44 -7.57
CA GLU A 109 9.88 12.39 -8.22
C GLU A 109 9.77 12.29 -9.73
N ILE A 110 9.88 11.06 -10.25
CA ILE A 110 9.77 10.84 -11.69
C ILE A 110 8.51 11.49 -12.24
N LYS A 111 7.41 11.32 -11.53
CA LYS A 111 6.13 11.90 -11.91
C LYS A 111 5.77 13.04 -10.98
N GLN A 112 4.48 13.34 -10.87
CA GLN A 112 4.00 14.39 -9.99
C GLN A 112 3.67 13.79 -8.63
N LEU A 113 2.45 14.04 -8.16
CA LEU A 113 2.01 13.49 -6.88
C LEU A 113 2.80 14.04 -5.71
N ASN A 114 3.49 15.17 -5.92
CA ASN A 114 4.26 15.77 -4.85
C ASN A 114 3.39 15.99 -3.62
N HIS A 115 2.10 16.25 -3.84
CA HIS A 115 1.17 16.45 -2.74
C HIS A 115 1.15 15.22 -1.86
N PHE A 116 1.07 14.05 -2.50
CA PHE A 116 1.09 12.80 -1.76
C PHE A 116 2.32 12.81 -0.87
N TRP A 117 3.48 13.07 -1.47
CA TRP A 117 4.72 13.14 -0.73
C TRP A 117 4.55 14.09 0.46
N GLU A 118 3.87 15.21 0.22
CA GLU A 118 3.63 16.22 1.26
C GLU A 118 3.00 15.59 2.49
N ILE A 119 1.85 14.93 2.32
CA ILE A 119 1.19 14.33 3.47
C ILE A 119 2.09 13.29 4.13
N VAL A 120 2.88 12.57 3.33
CA VAL A 120 3.78 11.58 3.92
C VAL A 120 4.82 12.29 4.80
N VAL A 121 5.21 13.51 4.44
CA VAL A 121 6.15 14.27 5.26
C VAL A 121 5.45 14.69 6.54
N GLN A 122 4.17 15.01 6.39
CA GLN A 122 3.33 15.41 7.52
C GLN A 122 3.03 14.20 8.39
N ASP A 123 3.17 13.01 7.79
CA ASP A 123 2.93 11.76 8.49
C ASP A 123 4.24 11.04 8.80
N GLY A 124 5.35 11.57 8.30
CA GLY A 124 6.64 10.95 8.53
C GLY A 124 6.69 9.57 7.91
N ILE A 125 6.78 9.53 6.58
CA ILE A 125 6.79 8.27 5.86
C ILE A 125 8.03 8.12 4.97
N THR A 126 9.22 8.24 5.56
CA THR A 126 10.47 8.08 4.79
C THR A 126 11.55 7.40 5.61
N LEU A 127 12.40 6.64 4.92
CA LEU A 127 13.51 5.90 5.54
C LEU A 127 13.01 4.99 6.67
N ILE A 128 13.83 4.02 7.05
CA ILE A 128 13.46 3.11 8.12
C ILE A 128 13.59 3.77 9.48
N THR A 129 12.46 4.13 10.05
CA THR A 129 12.42 4.81 11.34
C THR A 129 13.12 4.03 12.45
N LYS A 130 14.45 4.13 12.47
CA LYS A 130 15.28 3.47 13.46
C LYS A 130 16.74 3.52 13.05
N GLU A 131 17.06 2.84 11.94
CA GLU A 131 18.43 2.79 11.43
C GLU A 131 18.55 1.75 10.33
N GLU A 132 17.60 1.75 9.40
CA GLU A 132 17.60 0.79 8.29
C GLU A 132 17.50 -0.64 8.83
N ALA A 133 16.88 -0.76 10.00
CA ALA A 133 16.70 -2.06 10.64
C ALA A 133 15.27 -2.56 10.50
N SER A 134 14.91 -3.53 11.34
CA SER A 134 13.56 -4.09 11.32
C SER A 134 12.92 -4.03 12.71
N GLY A 135 13.76 -4.03 13.74
CA GLY A 135 13.27 -3.96 15.10
C GLY A 135 14.24 -3.27 16.04
N SER A 136 13.97 -2.00 16.33
CA SER A 136 14.83 -1.23 17.22
C SER A 136 14.00 -0.47 18.26
N SER A 137 14.68 0.34 19.07
CA SER A 137 14.01 1.11 20.10
C SER A 137 13.94 2.58 19.73
N VAL A 138 14.40 2.91 18.52
CA VAL A 138 14.40 4.28 18.04
C VAL A 138 13.00 4.71 17.61
N THR A 139 12.73 6.01 17.71
CA THR A 139 11.41 6.55 17.36
C THR A 139 11.35 6.94 15.88
N ALA A 140 10.25 7.62 15.53
CA ALA A 140 10.01 8.09 14.17
C ALA A 140 10.92 9.26 13.80
N GLU A 141 11.60 9.81 14.79
CA GLU A 141 12.49 10.97 14.59
C GLU A 141 13.31 10.85 13.30
N GLU A 142 13.84 9.66 13.02
CA GLU A 142 14.61 9.46 11.80
C GLU A 142 13.81 9.93 10.60
N ALA A 143 12.61 9.38 10.46
CA ALA A 143 11.74 9.77 9.37
C ALA A 143 11.47 11.26 9.44
N LYS A 144 10.99 11.71 10.59
CA LYS A 144 10.70 13.12 10.82
C LYS A 144 11.86 13.99 10.35
N LYS A 145 13.07 13.44 10.36
CA LYS A 145 14.24 14.17 9.92
C LYS A 145 14.42 14.10 8.40
N PHE A 146 14.11 12.95 7.81
CA PHE A 146 14.26 12.79 6.35
C PHE A 146 13.31 13.69 5.59
N LEU A 147 12.02 13.64 5.93
CA LEU A 147 11.02 14.45 5.23
C LEU A 147 10.85 15.81 5.89
N ALA A 148 11.89 16.29 6.56
CA ALA A 148 11.85 17.58 7.23
C ALA A 148 11.85 18.72 6.20
N PRO A 149 11.21 19.86 6.53
CA PRO A 149 11.15 21.02 5.65
C PRO A 149 12.42 21.85 5.69
N LYS A 150 13.08 21.86 6.84
CA LYS A 150 14.32 22.61 7.01
C LYS A 150 15.41 22.09 6.09
N ASP A 151 16.16 23.01 5.49
CA ASP A 151 17.24 22.64 4.58
C ASP A 151 18.57 23.23 5.05
N LYS A 152 18.49 24.33 5.80
CA LYS A 152 19.69 24.99 6.30
C LYS A 152 19.33 26.04 7.35
N MET A 1 -31.79 -43.82 -15.38
CA MET A 1 -31.89 -45.29 -15.20
C MET A 1 -31.54 -46.01 -16.50
N HIS A 2 -30.38 -46.67 -16.51
CA HIS A 2 -29.93 -47.41 -17.69
C HIS A 2 -30.47 -48.83 -17.66
N HIS A 3 -31.26 -49.14 -16.64
CA HIS A 3 -31.85 -50.47 -16.48
C HIS A 3 -30.76 -51.53 -16.30
N HIS A 4 -29.51 -51.08 -16.21
CA HIS A 4 -28.37 -52.00 -16.03
C HIS A 4 -28.35 -53.06 -17.13
N HIS A 5 -27.57 -52.80 -18.18
CA HIS A 5 -27.46 -53.74 -19.29
C HIS A 5 -26.37 -54.77 -19.02
N HIS A 6 -25.16 -54.50 -19.49
CA HIS A 6 -24.03 -55.42 -19.31
C HIS A 6 -22.71 -54.66 -19.21
N HIS A 7 -22.46 -53.78 -20.18
CA HIS A 7 -21.23 -53.01 -20.21
C HIS A 7 -21.12 -52.08 -18.99
N LYS A 8 -22.25 -51.87 -18.32
CA LYS A 8 -22.27 -51.00 -17.14
C LYS A 8 -21.29 -51.49 -16.08
N LEU A 9 -20.15 -50.81 -15.98
CA LEU A 9 -19.12 -51.17 -15.02
C LEU A 9 -19.53 -50.76 -13.60
N LYS A 10 -18.86 -51.35 -12.62
CA LYS A 10 -19.15 -51.05 -11.21
C LYS A 10 -18.53 -49.71 -10.81
N THR A 11 -19.28 -48.93 -10.03
CA THR A 11 -18.80 -47.63 -9.57
C THR A 11 -18.07 -47.76 -8.24
N GLU A 12 -16.86 -47.23 -8.19
CA GLU A 12 -16.05 -47.27 -6.98
C GLU A 12 -15.16 -46.03 -6.86
N GLN A 13 -15.32 -45.11 -7.80
CA GLN A 13 -14.53 -43.88 -7.81
C GLN A 13 -14.98 -42.94 -6.69
N GLY A 14 -14.25 -41.85 -6.51
CA GLY A 14 -14.59 -40.88 -5.48
C GLY A 14 -15.35 -39.69 -6.03
N GLY A 15 -15.13 -38.53 -5.43
CA GLY A 15 -15.81 -37.32 -5.88
C GLY A 15 -15.38 -36.10 -5.09
N ALA A 16 -14.22 -35.54 -5.46
CA ALA A 16 -13.71 -34.35 -4.79
C ALA A 16 -14.08 -33.08 -5.55
N HIS A 17 -14.79 -32.19 -4.86
CA HIS A 17 -15.21 -30.92 -5.46
C HIS A 17 -16.13 -31.16 -6.66
N PHE A 18 -17.42 -30.94 -6.48
CA PHE A 18 -18.39 -31.13 -7.55
C PHE A 18 -18.16 -30.15 -8.69
N SER A 19 -18.23 -28.86 -8.37
CA SER A 19 -18.01 -27.81 -9.37
C SER A 19 -16.76 -27.00 -9.05
N VAL A 20 -15.78 -27.06 -9.94
CA VAL A 20 -14.53 -26.34 -9.77
C VAL A 20 -14.68 -24.87 -10.18
N SER A 21 -13.91 -24.00 -9.54
CA SER A 21 -13.95 -22.58 -9.83
C SER A 21 -12.76 -22.16 -10.68
N SER A 22 -13.03 -21.43 -11.76
CA SER A 22 -11.98 -20.95 -12.65
C SER A 22 -12.16 -19.47 -12.96
N LEU A 23 -13.35 -18.95 -12.66
CA LEU A 23 -13.65 -17.55 -12.90
C LEU A 23 -12.85 -16.66 -11.96
N ALA A 24 -12.89 -16.98 -10.67
CA ALA A 24 -12.17 -16.22 -9.67
C ALA A 24 -10.78 -16.79 -9.43
N GLU A 25 -9.93 -16.70 -10.45
CA GLU A 25 -8.57 -17.22 -10.36
C GLU A 25 -7.63 -16.40 -11.25
N GLY A 26 -6.48 -16.04 -10.71
CA GLY A 26 -5.51 -15.25 -11.46
C GLY A 26 -5.86 -13.77 -11.45
N SER A 27 -7.15 -13.47 -11.62
CA SER A 27 -7.62 -12.10 -11.63
C SER A 27 -8.68 -11.92 -10.54
N VAL A 28 -9.56 -10.92 -10.72
CA VAL A 28 -10.62 -10.65 -9.75
C VAL A 28 -10.04 -10.23 -8.41
N THR A 29 -10.19 -8.94 -8.09
CA THR A 29 -9.69 -8.40 -6.83
C THR A 29 -10.79 -7.65 -6.08
N SER A 30 -10.63 -7.54 -4.76
CA SER A 30 -11.60 -6.86 -3.92
C SER A 30 -11.16 -5.42 -3.63
N VAL A 31 -12.02 -4.46 -3.97
CA VAL A 31 -11.72 -3.06 -3.75
C VAL A 31 -12.91 -2.33 -3.12
N GLY A 32 -12.66 -1.63 -2.02
CA GLY A 32 -13.72 -0.91 -1.34
C GLY A 32 -14.04 -1.49 0.02
N SER A 33 -13.20 -2.39 0.51
CA SER A 33 -13.41 -3.02 1.80
C SER A 33 -12.73 -2.21 2.91
N VAL A 34 -13.16 -0.97 3.07
CA VAL A 34 -12.63 -0.06 4.09
C VAL A 34 -11.10 -0.05 4.11
N ASN A 35 -10.49 -0.60 3.06
CA ASN A 35 -9.03 -0.67 2.96
C ASN A 35 -8.62 -1.40 1.69
N PRO A 36 -7.96 -0.71 0.75
CA PRO A 36 -7.52 -1.33 -0.50
C PRO A 36 -6.26 -2.13 -0.29
N ALA A 37 -5.55 -1.82 0.80
CA ALA A 37 -4.31 -2.49 1.14
C ALA A 37 -4.59 -3.84 1.81
N GLU A 38 -5.77 -3.97 2.41
CA GLU A 38 -6.13 -5.20 3.09
C GLU A 38 -6.06 -6.38 2.12
N ASN A 39 -6.17 -6.09 0.82
CA ASN A 39 -6.09 -7.13 -0.18
C ASN A 39 -4.68 -7.72 -0.12
N PHE A 40 -3.69 -6.83 -0.21
CA PHE A 40 -2.30 -7.25 -0.11
C PHE A 40 -2.13 -8.05 1.16
N ARG A 41 -2.76 -7.54 2.22
CA ARG A 41 -2.73 -8.19 3.52
C ARG A 41 -3.30 -9.60 3.40
N VAL A 42 -4.32 -9.74 2.57
CA VAL A 42 -4.95 -11.03 2.37
C VAL A 42 -3.93 -12.00 1.79
N LEU A 43 -3.27 -11.61 0.71
CA LEU A 43 -2.28 -12.48 0.09
C LEU A 43 -1.14 -12.82 1.05
N VAL A 44 -0.70 -11.85 1.86
CA VAL A 44 0.37 -12.10 2.81
C VAL A 44 -0.11 -12.96 3.98
N LYS A 45 -1.37 -12.79 4.35
CA LYS A 45 -1.96 -13.55 5.45
C LYS A 45 -2.51 -14.88 4.95
N GLN A 46 -2.60 -15.01 3.63
CA GLN A 46 -3.10 -16.24 3.00
C GLN A 46 -1.98 -16.93 2.22
N LYS A 47 -2.35 -17.86 1.36
CA LYS A 47 -1.39 -18.59 0.55
C LYS A 47 -1.28 -17.97 -0.83
N LYS A 48 -2.13 -16.97 -1.08
CA LYS A 48 -2.17 -16.28 -2.36
C LYS A 48 -0.78 -15.89 -2.85
N ALA A 49 -0.26 -14.77 -2.35
CA ALA A 49 1.05 -14.28 -2.77
C ALA A 49 1.96 -14.02 -1.57
N SER A 50 3.26 -13.88 -1.85
CA SER A 50 4.23 -13.59 -0.82
C SER A 50 4.10 -12.14 -0.37
N PHE A 51 4.74 -11.78 0.72
CA PHE A 51 4.67 -10.42 1.22
C PHE A 51 5.17 -9.44 0.18
N GLU A 52 5.90 -9.95 -0.81
CA GLU A 52 6.44 -9.09 -1.86
C GLU A 52 5.44 -8.87 -2.99
N GLU A 53 4.94 -9.94 -3.59
CA GLU A 53 3.97 -9.82 -4.69
C GLU A 53 2.73 -9.10 -4.19
N ALA A 54 2.29 -9.47 -2.99
CA ALA A 54 1.14 -8.85 -2.39
C ALA A 54 1.35 -7.35 -2.22
N SER A 55 2.46 -6.99 -1.58
CA SER A 55 2.78 -5.58 -1.39
C SER A 55 2.97 -4.92 -2.74
N ASN A 56 3.45 -5.69 -3.69
CA ASN A 56 3.67 -5.20 -5.03
C ASN A 56 2.34 -4.80 -5.66
N GLN A 57 1.32 -5.59 -5.43
CA GLN A 57 -0.01 -5.30 -5.95
C GLN A 57 -0.61 -4.15 -5.16
N LEU A 58 -0.19 -4.01 -3.91
CA LEU A 58 -0.67 -2.93 -3.05
C LEU A 58 -0.15 -1.60 -3.58
N ILE A 59 1.17 -1.47 -3.68
CA ILE A 59 1.77 -0.24 -4.17
C ILE A 59 1.32 0.00 -5.61
N ASN A 60 1.23 -1.08 -6.37
CA ASN A 60 0.79 -1.01 -7.77
C ASN A 60 -0.58 -0.37 -7.85
N HIS A 61 -1.50 -0.85 -7.02
CA HIS A 61 -2.84 -0.29 -6.98
C HIS A 61 -2.73 1.18 -6.62
N ILE A 62 -1.80 1.47 -5.73
CA ILE A 62 -1.53 2.83 -5.30
C ILE A 62 -0.97 3.65 -6.46
N GLU A 63 -0.33 2.95 -7.40
CA GLU A 63 0.22 3.62 -8.58
C GLU A 63 -0.91 4.03 -9.51
N GLN A 64 -1.88 3.13 -9.69
CA GLN A 64 -3.04 3.43 -10.52
C GLN A 64 -3.71 4.67 -9.95
N PHE A 65 -3.94 4.64 -8.65
CA PHE A 65 -4.53 5.79 -7.98
C PHE A 65 -3.62 7.01 -8.22
N LEU A 66 -2.35 6.85 -7.87
CA LEU A 66 -1.38 7.94 -8.03
C LEU A 66 -1.40 8.43 -9.47
N ASP A 67 -1.89 7.59 -10.37
CA ASP A 67 -2.01 7.97 -11.77
C ASP A 67 -3.16 8.96 -11.89
N THR A 68 -4.26 8.66 -11.18
CA THR A 68 -5.42 9.55 -11.18
C THR A 68 -5.04 10.89 -10.55
N ASN A 69 -6.01 11.80 -10.45
CA ASN A 69 -5.78 13.11 -9.86
C ASN A 69 -6.55 13.29 -8.55
N GLU A 70 -7.22 12.23 -8.14
CA GLU A 70 -8.02 12.26 -6.91
C GLU A 70 -7.12 12.06 -5.68
N THR A 71 -7.35 12.88 -4.65
CA THR A 71 -6.55 12.77 -3.43
C THR A 71 -7.26 12.03 -2.29
N PRO A 72 -8.59 11.78 -2.33
CA PRO A 72 -9.22 11.03 -1.25
C PRO A 72 -8.44 9.75 -0.99
N TYR A 73 -7.79 9.31 -2.06
CA TYR A 73 -6.99 8.12 -2.08
C TYR A 73 -5.52 8.38 -1.69
N PHE A 74 -5.07 9.65 -1.71
CA PHE A 74 -3.68 9.96 -1.37
C PHE A 74 -3.40 9.81 0.13
N MET A 75 -4.35 10.19 0.96
CA MET A 75 -4.19 10.01 2.39
C MET A 75 -4.45 8.54 2.68
N LYS A 76 -5.38 7.99 1.89
CA LYS A 76 -5.71 6.59 1.98
C LYS A 76 -4.51 5.79 1.49
N SER A 77 -3.71 6.43 0.64
CA SER A 77 -2.50 5.81 0.13
C SER A 77 -1.55 5.70 1.29
N ILE A 78 -1.38 6.81 2.00
CA ILE A 78 -0.53 6.81 3.18
C ILE A 78 -0.96 5.66 4.07
N ASP A 79 -2.26 5.44 4.12
CA ASP A 79 -2.84 4.36 4.91
C ASP A 79 -2.39 3.00 4.39
N CYS A 80 -2.35 2.84 3.06
CA CYS A 80 -1.90 1.59 2.47
C CYS A 80 -0.47 1.32 2.93
N ILE A 81 0.35 2.36 2.86
CA ILE A 81 1.72 2.26 3.32
C ILE A 81 1.68 1.76 4.76
N ARG A 82 0.79 2.39 5.53
CA ARG A 82 0.58 2.04 6.92
C ARG A 82 0.19 0.56 7.04
N ALA A 83 -0.52 0.07 6.03
CA ALA A 83 -0.95 -1.33 6.00
C ALA A 83 0.25 -2.25 5.97
N PHE A 84 1.08 -2.11 4.94
CA PHE A 84 2.26 -2.95 4.81
C PHE A 84 3.29 -2.63 5.89
N ARG A 85 3.12 -1.48 6.53
CA ARG A 85 4.04 -1.06 7.57
C ARG A 85 3.99 -1.98 8.79
N GLU A 86 2.84 -2.01 9.46
CA GLU A 86 2.66 -2.83 10.64
C GLU A 86 2.75 -4.33 10.32
N GLU A 87 2.44 -4.67 9.07
CA GLU A 87 2.49 -6.06 8.65
C GLU A 87 3.93 -6.52 8.44
N ALA A 88 4.73 -5.73 7.73
CA ALA A 88 6.12 -6.07 7.46
C ALA A 88 6.87 -6.46 8.72
N ILE A 89 6.79 -5.61 9.76
CA ILE A 89 7.47 -5.90 11.01
C ILE A 89 7.03 -7.24 11.56
N LYS A 90 5.73 -7.54 11.41
CA LYS A 90 5.19 -8.79 11.90
C LYS A 90 5.37 -9.90 10.86
N PHE A 91 5.77 -9.51 9.65
CA PHE A 91 5.99 -10.47 8.57
C PHE A 91 7.47 -10.60 8.24
N SER A 92 8.31 -10.10 9.15
CA SER A 92 9.76 -10.16 8.98
C SER A 92 10.16 -9.72 7.58
N GLU A 93 10.04 -8.43 7.30
CA GLU A 93 10.38 -7.88 6.00
C GLU A 93 10.90 -6.45 6.12
N GLU A 94 12.21 -6.31 6.25
CA GLU A 94 12.84 -5.00 6.38
C GLU A 94 13.12 -4.38 5.01
N GLN A 95 13.62 -5.20 4.09
CA GLN A 95 13.93 -4.74 2.74
C GLN A 95 12.69 -4.20 2.05
N ARG A 96 11.57 -4.90 2.23
CA ARG A 96 10.31 -4.51 1.62
C ARG A 96 9.92 -3.09 2.04
N PHE A 97 10.37 -2.69 3.22
CA PHE A 97 10.05 -1.36 3.73
C PHE A 97 10.80 -0.28 2.99
N ASN A 98 12.12 -0.38 2.96
CA ASN A 98 12.93 0.61 2.27
C ASN A 98 12.69 0.52 0.77
N ASN A 99 12.19 -0.61 0.31
CA ASN A 99 11.93 -0.80 -1.10
C ASN A 99 10.65 -0.08 -1.52
N PHE A 100 9.56 -0.31 -0.81
CA PHE A 100 8.31 0.34 -1.15
C PHE A 100 8.41 1.83 -0.84
N LEU A 101 9.13 2.18 0.22
CA LEU A 101 9.26 3.57 0.58
C LEU A 101 10.13 4.33 -0.41
N LYS A 102 11.30 3.78 -0.74
CA LYS A 102 12.18 4.48 -1.66
C LYS A 102 11.67 4.37 -3.09
N ALA A 103 10.87 3.35 -3.37
CA ALA A 103 10.33 3.16 -4.71
C ALA A 103 9.08 4.02 -4.89
N LEU A 104 8.23 4.04 -3.88
CA LEU A 104 7.02 4.85 -3.97
C LEU A 104 7.44 6.31 -4.05
N GLN A 105 8.39 6.66 -3.18
CA GLN A 105 8.89 8.02 -3.10
C GLN A 105 9.60 8.43 -4.38
N GLU A 106 10.60 7.65 -4.79
CA GLU A 106 11.29 7.97 -6.02
C GLU A 106 10.26 8.19 -7.11
N LYS A 107 9.20 7.38 -7.07
CA LYS A 107 8.13 7.50 -8.05
C LYS A 107 7.41 8.83 -7.91
N VAL A 108 7.19 9.28 -6.68
CA VAL A 108 6.50 10.56 -6.45
C VAL A 108 7.30 11.71 -7.05
N GLU A 109 8.63 11.62 -6.99
CA GLU A 109 9.48 12.67 -7.55
C GLU A 109 9.49 12.59 -9.07
N ILE A 110 9.54 11.38 -9.60
CA ILE A 110 9.56 11.15 -11.04
C ILE A 110 8.25 11.57 -11.69
N LYS A 111 7.14 11.41 -10.97
CA LYS A 111 5.84 11.75 -11.52
C LYS A 111 5.17 12.93 -10.81
N GLN A 112 3.89 13.10 -11.11
CA GLN A 112 3.08 14.20 -10.56
C GLN A 112 2.46 13.85 -9.24
N LEU A 113 3.27 13.37 -8.31
CA LEU A 113 2.74 12.98 -7.03
C LEU A 113 3.55 13.55 -5.88
N ASN A 114 3.96 14.81 -6.03
CA ASN A 114 4.72 15.48 -4.99
C ASN A 114 3.81 15.73 -3.78
N HIS A 115 2.55 16.06 -4.06
CA HIS A 115 1.58 16.31 -3.01
C HIS A 115 1.53 15.11 -2.07
N PHE A 116 1.51 13.94 -2.66
CA PHE A 116 1.51 12.70 -1.89
C PHE A 116 2.70 12.76 -0.94
N TRP A 117 3.88 13.01 -1.50
CA TRP A 117 5.08 13.11 -0.71
C TRP A 117 4.88 14.12 0.42
N GLU A 118 4.18 15.20 0.11
CA GLU A 118 3.90 16.26 1.09
C GLU A 118 3.20 15.69 2.31
N ILE A 119 2.06 15.03 2.12
CA ILE A 119 1.33 14.48 3.26
C ILE A 119 2.21 13.48 4.02
N VAL A 120 3.06 12.73 3.32
CA VAL A 120 3.93 11.80 4.01
C VAL A 120 4.90 12.56 4.93
N VAL A 121 5.39 13.74 4.47
CA VAL A 121 6.29 14.54 5.31
C VAL A 121 5.51 15.02 6.52
N GLN A 122 4.24 15.32 6.29
CA GLN A 122 3.35 15.79 7.34
C GLN A 122 2.92 14.63 8.23
N ASP A 123 3.08 13.42 7.71
CA ASP A 123 2.71 12.21 8.45
C ASP A 123 3.94 11.44 8.89
N GLY A 124 5.13 11.92 8.50
CA GLY A 124 6.36 11.23 8.85
C GLY A 124 6.36 9.82 8.32
N ILE A 125 6.22 9.69 7.00
CA ILE A 125 6.17 8.37 6.36
C ILE A 125 7.27 8.23 5.31
N THR A 126 8.52 8.28 5.75
CA THR A 126 9.65 8.13 4.85
C THR A 126 10.78 7.36 5.52
N LEU A 127 11.78 6.96 4.72
CA LEU A 127 12.96 6.22 5.18
C LEU A 127 12.63 5.21 6.28
N ILE A 128 13.66 4.59 6.84
CA ILE A 128 13.46 3.62 7.91
C ILE A 128 13.54 4.33 9.25
N THR A 129 12.41 4.39 9.93
CA THR A 129 12.33 5.08 11.20
C THR A 129 13.06 4.32 12.31
N LYS A 130 14.38 4.37 12.26
CA LYS A 130 15.24 3.74 13.24
C LYS A 130 16.70 3.82 12.81
N GLU A 131 17.00 3.19 11.67
CA GLU A 131 18.36 3.17 11.14
C GLU A 131 18.50 2.10 10.05
N GLU A 132 17.55 2.06 9.12
CA GLU A 132 17.59 1.07 8.04
C GLU A 132 17.54 -0.34 8.62
N ALA A 133 16.75 -0.52 9.68
CA ALA A 133 16.62 -1.81 10.34
C ALA A 133 15.17 -2.26 10.41
N SER A 134 14.93 -3.30 11.22
CA SER A 134 13.59 -3.85 11.41
C SER A 134 13.21 -3.83 12.89
N GLY A 135 14.22 -3.70 13.74
CA GLY A 135 14.00 -3.66 15.18
C GLY A 135 15.12 -2.97 15.91
N SER A 136 14.93 -1.68 16.19
CA SER A 136 15.93 -0.88 16.88
C SER A 136 15.32 -0.10 18.05
N SER A 137 16.14 0.72 18.70
CA SER A 137 15.67 1.52 19.83
C SER A 137 15.40 2.96 19.41
N VAL A 138 15.75 3.28 18.17
CA VAL A 138 15.54 4.61 17.65
C VAL A 138 14.06 4.83 17.33
N THR A 139 13.62 6.09 17.42
CA THR A 139 12.22 6.43 17.18
C THR A 139 12.02 7.11 15.82
N ALA A 140 10.78 7.50 15.55
CA ALA A 140 10.41 8.16 14.30
C ALA A 140 11.27 9.37 13.98
N GLU A 141 12.04 9.85 14.95
CA GLU A 141 12.90 11.02 14.75
C GLU A 141 13.64 10.94 13.42
N GLU A 142 14.10 9.74 13.06
CA GLU A 142 14.80 9.55 11.80
C GLU A 142 14.00 10.18 10.68
N ALA A 143 12.81 9.64 10.49
CA ALA A 143 11.92 10.14 9.47
C ALA A 143 11.69 11.61 9.69
N LYS A 144 11.31 11.94 10.91
CA LYS A 144 11.08 13.32 11.32
C LYS A 144 12.19 14.22 10.79
N LYS A 145 13.39 13.65 10.64
CA LYS A 145 14.53 14.42 10.13
C LYS A 145 14.63 14.38 8.61
N PHE A 146 14.35 13.22 7.99
CA PHE A 146 14.46 13.12 6.53
C PHE A 146 13.53 14.09 5.80
N LEU A 147 12.25 14.06 6.17
CA LEU A 147 11.26 14.92 5.53
C LEU A 147 11.14 16.27 6.22
N ALA A 148 12.23 16.75 6.80
CA ALA A 148 12.23 18.03 7.48
C ALA A 148 12.82 19.13 6.59
N PRO A 149 12.33 20.37 6.73
CA PRO A 149 12.80 21.51 5.93
C PRO A 149 14.07 22.13 6.51
N LYS A 150 14.68 21.44 7.46
CA LYS A 150 15.90 21.93 8.10
C LYS A 150 17.05 20.95 7.90
N ASP A 151 18.21 21.48 7.54
CA ASP A 151 19.40 20.66 7.31
C ASP A 151 20.54 21.08 8.23
N LYS A 152 21.71 20.51 8.01
CA LYS A 152 22.89 20.82 8.81
C LYS A 152 23.42 22.22 8.49
N MET A 1 -31.50 39.16 -11.46
CA MET A 1 -32.93 38.75 -11.39
C MET A 1 -33.05 37.28 -10.97
N HIS A 2 -34.27 36.78 -10.94
CA HIS A 2 -34.52 35.40 -10.55
C HIS A 2 -34.05 35.13 -9.13
N HIS A 3 -34.98 35.20 -8.18
CA HIS A 3 -34.65 34.97 -6.77
C HIS A 3 -35.70 34.11 -6.09
N HIS A 4 -36.55 33.46 -6.92
CA HIS A 4 -37.60 32.59 -6.40
C HIS A 4 -38.52 33.36 -5.45
N HIS A 5 -39.39 32.63 -4.76
CA HIS A 5 -40.33 33.23 -3.82
C HIS A 5 -40.89 32.20 -2.86
N HIS A 6 -40.43 32.24 -1.61
CA HIS A 6 -40.89 31.31 -0.59
C HIS A 6 -41.10 32.02 0.74
N HIS A 7 -40.00 32.42 1.38
CA HIS A 7 -40.08 33.12 2.66
C HIS A 7 -38.70 33.65 3.07
N LYS A 8 -37.74 32.74 3.18
CA LYS A 8 -36.38 33.11 3.57
C LYS A 8 -35.35 32.54 2.60
N LEU A 9 -34.09 32.53 3.01
CA LEU A 9 -33.01 32.00 2.18
C LEU A 9 -32.85 30.49 2.40
N LYS A 10 -31.89 29.90 1.69
CA LYS A 10 -31.64 28.46 1.80
C LYS A 10 -30.17 28.15 1.55
N THR A 11 -29.38 29.19 1.29
CA THR A 11 -27.96 29.03 1.02
C THR A 11 -27.21 28.62 2.28
N GLU A 12 -26.63 27.43 2.25
CA GLU A 12 -25.87 26.90 3.39
C GLU A 12 -24.97 25.75 2.96
N GLN A 13 -25.57 24.72 2.37
CA GLN A 13 -24.82 23.55 1.92
C GLN A 13 -25.46 22.93 0.68
N GLY A 14 -24.62 22.50 -0.25
CA GLY A 14 -25.13 21.89 -1.47
C GLY A 14 -24.33 22.31 -2.70
N GLY A 15 -25.01 22.96 -3.64
CA GLY A 15 -24.35 23.41 -4.85
C GLY A 15 -24.19 22.30 -5.87
N ALA A 16 -25.32 21.78 -6.34
CA ALA A 16 -25.30 20.71 -7.34
C ALA A 16 -25.49 21.25 -8.75
N HIS A 17 -24.48 21.05 -9.60
CA HIS A 17 -24.53 21.52 -10.97
C HIS A 17 -24.82 20.36 -11.92
N PHE A 18 -24.10 19.26 -11.74
CA PHE A 18 -24.29 18.08 -12.58
C PHE A 18 -25.47 17.24 -12.08
N SER A 19 -25.56 16.02 -12.58
CA SER A 19 -26.64 15.12 -12.19
C SER A 19 -26.40 14.53 -10.81
N VAL A 20 -27.21 14.93 -9.84
CA VAL A 20 -27.08 14.44 -8.47
C VAL A 20 -28.23 13.51 -8.11
N SER A 21 -27.93 12.50 -7.29
CA SER A 21 -28.94 11.55 -6.86
C SER A 21 -29.17 11.65 -5.35
N SER A 22 -30.45 11.68 -4.96
CA SER A 22 -30.80 11.77 -3.55
C SER A 22 -30.65 10.42 -2.85
N LEU A 23 -30.86 9.35 -3.60
CA LEU A 23 -30.75 8.00 -3.06
C LEU A 23 -29.31 7.71 -2.63
N ALA A 24 -28.36 8.28 -3.35
CA ALA A 24 -26.95 8.09 -3.04
C ALA A 24 -26.41 9.24 -2.19
N GLU A 25 -25.09 9.41 -2.20
CA GLU A 25 -24.45 10.48 -1.43
C GLU A 25 -24.72 10.30 0.07
N GLY A 26 -24.80 9.04 0.50
CA GLY A 26 -25.05 8.76 1.91
C GLY A 26 -24.80 7.31 2.26
N SER A 27 -25.43 6.40 1.53
CA SER A 27 -25.28 4.97 1.77
C SER A 27 -24.49 4.32 0.64
N VAL A 28 -24.54 4.91 -0.54
CA VAL A 28 -23.84 4.38 -1.70
C VAL A 28 -22.37 4.84 -1.70
N THR A 29 -21.46 3.87 -1.65
CA THR A 29 -20.03 4.16 -1.65
C THR A 29 -19.27 3.22 -2.57
N SER A 30 -18.00 3.54 -2.81
CA SER A 30 -17.16 2.73 -3.67
C SER A 30 -15.96 2.17 -2.90
N VAL A 31 -15.28 1.19 -3.49
CA VAL A 31 -14.12 0.57 -2.86
C VAL A 31 -13.06 1.62 -2.52
N GLY A 32 -12.71 1.71 -1.24
CA GLY A 32 -11.71 2.67 -0.81
C GLY A 32 -12.05 3.28 0.54
N SER A 33 -13.21 2.94 1.07
CA SER A 33 -13.65 3.46 2.35
C SER A 33 -13.11 2.60 3.50
N VAL A 34 -13.06 1.29 3.29
CA VAL A 34 -12.55 0.37 4.29
C VAL A 34 -11.03 0.29 4.25
N ASN A 35 -10.50 -0.46 3.28
CA ASN A 35 -9.06 -0.61 3.14
C ASN A 35 -8.71 -1.39 1.87
N PRO A 36 -8.08 -0.74 0.89
CA PRO A 36 -7.68 -1.40 -0.35
C PRO A 36 -6.40 -2.20 -0.16
N ALA A 37 -5.75 -1.97 0.97
CA ALA A 37 -4.51 -2.66 1.30
C ALA A 37 -4.80 -4.01 1.94
N GLU A 38 -5.96 -4.14 2.55
CA GLU A 38 -6.36 -5.39 3.21
C GLU A 38 -6.19 -6.57 2.26
N ASN A 39 -6.40 -6.32 0.96
CA ASN A 39 -6.25 -7.37 -0.04
C ASN A 39 -4.82 -7.88 0.00
N PHE A 40 -3.86 -6.97 -0.15
CA PHE A 40 -2.46 -7.32 -0.09
C PHE A 40 -2.20 -8.10 1.19
N ARG A 41 -2.81 -7.62 2.28
CA ARG A 41 -2.68 -8.27 3.57
C ARG A 41 -3.20 -9.69 3.50
N VAL A 42 -4.27 -9.87 2.73
CA VAL A 42 -4.85 -11.19 2.55
C VAL A 42 -3.83 -12.12 1.94
N LEU A 43 -3.17 -11.67 0.87
CA LEU A 43 -2.17 -12.49 0.22
C LEU A 43 -1.00 -12.81 1.14
N VAL A 44 -0.50 -11.82 1.88
CA VAL A 44 0.61 -12.06 2.79
C VAL A 44 0.19 -13.02 3.90
N LYS A 45 -1.09 -12.98 4.26
CA LYS A 45 -1.60 -13.85 5.32
C LYS A 45 -2.18 -15.14 4.73
N GLN A 46 -2.32 -15.18 3.41
CA GLN A 46 -2.85 -16.36 2.72
C GLN A 46 -1.79 -16.98 1.80
N LYS A 47 -2.14 -18.08 1.16
CA LYS A 47 -1.21 -18.76 0.25
C LYS A 47 -1.16 -18.04 -1.09
N LYS A 48 -2.01 -17.04 -1.22
CA LYS A 48 -2.12 -16.23 -2.44
C LYS A 48 -0.75 -15.80 -2.97
N ALA A 49 -0.20 -14.75 -2.38
CA ALA A 49 1.10 -14.22 -2.79
C ALA A 49 1.99 -13.92 -1.61
N SER A 50 3.28 -13.73 -1.88
CA SER A 50 4.24 -13.40 -0.84
C SER A 50 4.08 -11.94 -0.46
N PHE A 51 4.75 -11.52 0.60
CA PHE A 51 4.66 -10.13 1.05
C PHE A 51 5.18 -9.19 -0.04
N GLU A 52 5.88 -9.74 -1.02
CA GLU A 52 6.43 -8.94 -2.10
C GLU A 52 5.41 -8.72 -3.21
N GLU A 53 4.83 -9.81 -3.72
CA GLU A 53 3.83 -9.71 -4.77
C GLU A 53 2.58 -9.05 -4.23
N ALA A 54 2.25 -9.39 -3.00
CA ALA A 54 1.09 -8.82 -2.34
C ALA A 54 1.26 -7.32 -2.19
N SER A 55 2.37 -6.91 -1.57
CA SER A 55 2.63 -5.49 -1.39
C SER A 55 2.65 -4.85 -2.77
N ASN A 56 3.32 -5.53 -3.69
CA ASN A 56 3.43 -5.06 -5.07
C ASN A 56 2.07 -4.64 -5.59
N GLN A 57 1.08 -5.52 -5.49
CA GLN A 57 -0.26 -5.20 -5.97
C GLN A 57 -0.85 -4.06 -5.15
N LEU A 58 -0.42 -3.96 -3.89
CA LEU A 58 -0.90 -2.88 -3.03
C LEU A 58 -0.39 -1.53 -3.53
N ILE A 59 0.93 -1.36 -3.62
CA ILE A 59 1.48 -0.09 -4.08
C ILE A 59 1.09 0.13 -5.53
N ASN A 60 0.98 -0.97 -6.27
CA ASN A 60 0.60 -0.91 -7.68
C ASN A 60 -0.78 -0.28 -7.81
N HIS A 61 -1.70 -0.75 -6.99
CA HIS A 61 -3.05 -0.20 -6.99
C HIS A 61 -2.94 1.27 -6.59
N ILE A 62 -2.02 1.52 -5.67
CA ILE A 62 -1.75 2.87 -5.22
C ILE A 62 -1.14 3.69 -6.33
N GLU A 63 -0.49 3.00 -7.28
CA GLU A 63 0.11 3.66 -8.43
C GLU A 63 -0.99 4.08 -9.39
N GLN A 64 -1.98 3.20 -9.56
CA GLN A 64 -3.12 3.51 -10.41
C GLN A 64 -3.76 4.79 -9.89
N PHE A 65 -3.97 4.83 -8.57
CA PHE A 65 -4.51 6.01 -7.94
C PHE A 65 -3.54 7.17 -8.19
N LEU A 66 -2.28 6.97 -7.82
CA LEU A 66 -1.27 8.01 -7.99
C LEU A 66 -1.23 8.45 -9.45
N ASP A 67 -1.81 7.64 -10.33
CA ASP A 67 -1.89 7.99 -11.73
C ASP A 67 -3.07 8.96 -11.89
N THR A 68 -4.15 8.70 -11.15
CA THR A 68 -5.32 9.56 -11.18
C THR A 68 -4.98 10.92 -10.55
N ASN A 69 -5.98 11.79 -10.46
CA ASN A 69 -5.79 13.11 -9.87
C ASN A 69 -6.56 13.26 -8.57
N GLU A 70 -7.21 12.19 -8.15
CA GLU A 70 -8.01 12.18 -6.92
C GLU A 70 -7.11 12.02 -5.70
N THR A 71 -7.42 12.75 -4.63
CA THR A 71 -6.62 12.66 -3.40
C THR A 71 -7.28 11.81 -2.30
N PRO A 72 -8.59 11.46 -2.37
CA PRO A 72 -9.19 10.61 -1.35
C PRO A 72 -8.27 9.45 -1.03
N TYR A 73 -7.59 9.04 -2.09
CA TYR A 73 -6.68 7.93 -2.06
C TYR A 73 -5.26 8.33 -1.66
N PHE A 74 -4.92 9.63 -1.69
CA PHE A 74 -3.55 10.04 -1.32
C PHE A 74 -3.31 9.87 0.18
N MET A 75 -4.28 10.22 1.01
CA MET A 75 -4.14 10.03 2.44
C MET A 75 -4.37 8.55 2.72
N LYS A 76 -5.33 8.01 1.99
CA LYS A 76 -5.63 6.61 2.09
C LYS A 76 -4.44 5.81 1.59
N SER A 77 -3.63 6.46 0.74
CA SER A 77 -2.42 5.83 0.23
C SER A 77 -1.47 5.72 1.40
N ILE A 78 -1.29 6.85 2.09
CA ILE A 78 -0.44 6.87 3.25
C ILE A 78 -0.84 5.71 4.15
N ASP A 79 -2.16 5.48 4.22
CA ASP A 79 -2.71 4.39 5.02
C ASP A 79 -2.29 3.04 4.46
N CYS A 80 -2.31 2.89 3.13
CA CYS A 80 -1.88 1.65 2.51
C CYS A 80 -0.45 1.37 2.91
N ILE A 81 0.36 2.43 2.87
CA ILE A 81 1.74 2.32 3.29
C ILE A 81 1.76 1.82 4.71
N ARG A 82 0.85 2.39 5.50
CA ARG A 82 0.68 2.03 6.90
C ARG A 82 0.27 0.57 7.03
N ALA A 83 -0.38 0.06 5.98
CA ALA A 83 -0.84 -1.32 5.96
C ALA A 83 0.31 -2.30 5.78
N PHE A 84 1.15 -2.04 4.78
CA PHE A 84 2.28 -2.94 4.49
C PHE A 84 3.49 -2.65 5.37
N ARG A 85 3.52 -1.48 6.01
CA ARG A 85 4.65 -1.13 6.87
C ARG A 85 4.60 -1.90 8.18
N GLU A 86 3.41 -1.95 8.80
CA GLU A 86 3.22 -2.64 10.07
C GLU A 86 3.30 -4.15 9.90
N GLU A 87 2.53 -4.68 8.95
CA GLU A 87 2.51 -6.11 8.70
C GLU A 87 3.92 -6.65 8.48
N ALA A 88 4.73 -5.89 7.74
CA ALA A 88 6.11 -6.29 7.46
C ALA A 88 6.87 -6.55 8.75
N ILE A 89 6.67 -5.67 9.74
CA ILE A 89 7.34 -5.82 11.03
C ILE A 89 7.03 -7.20 11.63
N LYS A 90 5.81 -7.66 11.41
CA LYS A 90 5.38 -8.96 11.92
C LYS A 90 5.72 -10.07 10.93
N PHE A 91 5.97 -9.68 9.68
CA PHE A 91 6.30 -10.63 8.62
C PHE A 91 7.81 -10.73 8.42
N SER A 92 8.57 -10.13 9.33
CA SER A 92 10.04 -10.16 9.26
C SER A 92 10.57 -9.62 7.94
N GLU A 93 9.81 -8.75 7.29
CA GLU A 93 10.24 -8.17 6.02
C GLU A 93 10.68 -6.72 6.22
N GLU A 94 11.97 -6.52 6.39
CA GLU A 94 12.53 -5.19 6.60
C GLU A 94 12.82 -4.48 5.29
N GLN A 95 13.58 -5.13 4.40
CA GLN A 95 13.93 -4.54 3.12
C GLN A 95 12.69 -4.18 2.32
N ARG A 96 11.60 -4.89 2.57
CA ARG A 96 10.35 -4.64 1.88
C ARG A 96 9.89 -3.20 2.06
N PHE A 97 9.77 -2.77 3.30
CA PHE A 97 9.30 -1.43 3.59
C PHE A 97 10.21 -0.36 2.97
N ASN A 98 11.53 -0.48 3.19
CA ASN A 98 12.46 0.50 2.63
C ASN A 98 12.48 0.43 1.11
N ASN A 99 12.16 -0.74 0.56
CA ASN A 99 12.17 -0.90 -0.88
C ASN A 99 10.97 -0.19 -1.50
N PHE A 100 9.80 -0.45 -0.96
CA PHE A 100 8.58 0.14 -1.49
C PHE A 100 8.44 1.56 -1.05
N LEU A 101 9.16 1.93 -0.02
CA LEU A 101 9.09 3.29 0.46
C LEU A 101 10.02 4.15 -0.39
N LYS A 102 11.21 3.64 -0.67
CA LYS A 102 12.16 4.37 -1.49
C LYS A 102 11.72 4.30 -2.93
N ALA A 103 10.95 3.27 -3.24
CA ALA A 103 10.47 3.12 -4.60
C ALA A 103 9.26 4.00 -4.85
N LEU A 104 8.30 3.98 -3.94
CA LEU A 104 7.11 4.80 -4.09
C LEU A 104 7.52 6.27 -4.09
N GLN A 105 8.48 6.62 -3.24
CA GLN A 105 8.96 7.99 -3.16
C GLN A 105 9.74 8.36 -4.42
N GLU A 106 10.76 7.57 -4.75
CA GLU A 106 11.52 7.83 -5.95
C GLU A 106 10.55 8.01 -7.10
N LYS A 107 9.44 7.28 -7.03
CA LYS A 107 8.40 7.36 -8.04
C LYS A 107 7.74 8.73 -8.03
N VAL A 108 7.43 9.25 -6.83
CA VAL A 108 6.81 10.56 -6.72
C VAL A 108 7.70 11.63 -7.33
N GLU A 109 9.02 11.45 -7.24
CA GLU A 109 9.96 12.41 -7.82
C GLU A 109 9.95 12.32 -9.34
N ILE A 110 10.16 11.11 -9.86
CA ILE A 110 10.16 10.87 -11.30
C ILE A 110 8.91 11.46 -11.94
N LYS A 111 7.77 11.22 -11.29
CA LYS A 111 6.49 11.73 -11.78
C LYS A 111 6.03 12.88 -10.90
N GLN A 112 4.73 13.15 -10.94
CA GLN A 112 4.15 14.21 -10.14
C GLN A 112 3.79 13.66 -8.76
N LEU A 113 2.59 13.95 -8.29
CA LEU A 113 2.11 13.43 -7.01
C LEU A 113 2.89 14.01 -5.85
N ASN A 114 3.56 15.13 -6.06
CA ASN A 114 4.33 15.75 -4.99
C ASN A 114 3.44 15.98 -3.77
N HIS A 115 2.14 16.20 -4.02
CA HIS A 115 1.19 16.40 -2.94
C HIS A 115 1.21 15.20 -1.99
N PHE A 116 1.17 14.01 -2.58
CA PHE A 116 1.25 12.78 -1.80
C PHE A 116 2.46 12.87 -0.89
N TRP A 117 3.59 13.21 -1.50
CA TRP A 117 4.84 13.37 -0.76
C TRP A 117 4.62 14.37 0.38
N GLU A 118 3.89 15.43 0.09
CA GLU A 118 3.61 16.47 1.08
C GLU A 118 2.97 15.87 2.33
N ILE A 119 1.89 15.11 2.16
CA ILE A 119 1.23 14.52 3.32
C ILE A 119 2.16 13.56 4.05
N VAL A 120 3.02 12.83 3.32
CA VAL A 120 3.94 11.92 4.01
C VAL A 120 4.91 12.74 4.88
N VAL A 121 5.26 13.96 4.44
CA VAL A 121 6.14 14.84 5.26
C VAL A 121 5.35 15.32 6.47
N GLN A 122 4.06 15.55 6.24
CA GLN A 122 3.16 16.02 7.28
C GLN A 122 2.71 14.87 8.16
N ASP A 123 2.93 13.65 7.68
CA ASP A 123 2.54 12.45 8.40
C ASP A 123 3.78 11.68 8.86
N GLY A 124 4.96 12.11 8.41
CA GLY A 124 6.18 11.43 8.76
C GLY A 124 6.12 9.96 8.40
N ILE A 125 6.22 9.68 7.10
CA ILE A 125 6.12 8.32 6.60
C ILE A 125 7.25 7.96 5.64
N THR A 126 8.49 7.95 6.11
CA THR A 126 9.62 7.61 5.25
C THR A 126 10.74 6.85 5.97
N LEU A 127 11.59 6.21 5.17
CA LEU A 127 12.74 5.43 5.62
C LEU A 127 12.45 4.51 6.81
N ILE A 128 13.40 3.63 7.09
CA ILE A 128 13.28 2.70 8.21
C ILE A 128 13.96 3.27 9.43
N THR A 129 13.16 3.60 10.43
CA THR A 129 13.67 4.20 11.65
C THR A 129 14.60 3.25 12.42
N LYS A 130 15.83 3.16 11.92
CA LYS A 130 16.86 2.32 12.52
C LYS A 130 18.05 2.20 11.57
N GLU A 131 17.83 1.56 10.42
CA GLU A 131 18.87 1.37 9.41
C GLU A 131 18.44 0.37 8.34
N GLU A 132 17.25 0.58 7.78
CA GLU A 132 16.72 -0.32 6.75
C GLU A 132 16.60 -1.73 7.30
N ALA A 133 16.38 -1.85 8.60
CA ALA A 133 16.27 -3.14 9.26
C ALA A 133 14.87 -3.34 9.84
N SER A 134 14.76 -4.26 10.80
CA SER A 134 13.49 -4.56 11.44
C SER A 134 13.57 -4.30 12.95
N GLY A 135 14.76 -3.93 13.42
CA GLY A 135 14.93 -3.66 14.84
C GLY A 135 16.08 -2.69 15.12
N SER A 136 17.28 -3.23 15.27
CA SER A 136 18.47 -2.43 15.56
C SER A 136 18.34 -1.67 16.87
N SER A 137 19.33 -0.85 17.18
CA SER A 137 19.32 -0.05 18.41
C SER A 137 19.13 1.42 18.09
N VAL A 138 19.06 1.74 16.80
CA VAL A 138 18.86 3.12 16.36
C VAL A 138 17.43 3.56 16.62
N THR A 139 17.24 4.87 16.83
CA THR A 139 15.93 5.41 17.13
C THR A 139 15.32 6.21 15.97
N ALA A 140 14.10 6.71 16.22
CA ALA A 140 13.32 7.50 15.26
C ALA A 140 14.11 8.68 14.66
N GLU A 141 15.29 8.97 15.19
CA GLU A 141 16.09 10.10 14.70
C GLU A 141 16.05 10.22 13.17
N GLU A 142 16.36 9.14 12.47
CA GLU A 142 16.32 9.16 11.00
C GLU A 142 14.93 9.60 10.57
N ALA A 143 13.95 9.02 11.24
CA ALA A 143 12.56 9.32 11.00
C ALA A 143 12.21 10.71 11.53
N LYS A 144 13.08 11.28 12.32
CA LYS A 144 12.82 12.62 12.82
C LYS A 144 13.16 13.65 11.74
N LYS A 145 14.31 13.47 11.09
CA LYS A 145 14.77 14.39 10.04
C LYS A 145 14.36 13.98 8.61
N PHE A 146 13.91 12.75 8.44
CA PHE A 146 13.58 12.24 7.10
C PHE A 146 12.80 13.21 6.19
N LEU A 147 11.87 13.99 6.73
CA LEU A 147 11.12 14.97 5.92
C LEU A 147 10.53 16.08 6.78
N ALA A 148 11.27 16.45 7.82
CA ALA A 148 10.82 17.50 8.72
C ALA A 148 10.97 18.88 8.07
N PRO A 149 10.08 19.84 8.41
CA PRO A 149 10.12 21.19 7.86
C PRO A 149 11.16 22.07 8.55
N LYS A 150 11.16 22.05 9.87
CA LYS A 150 12.09 22.85 10.66
C LYS A 150 13.54 22.47 10.35
N ASP A 151 14.47 23.28 10.84
CA ASP A 151 15.89 23.04 10.61
C ASP A 151 16.65 23.05 11.93
N LYS A 152 17.29 21.92 12.25
CA LYS A 152 18.06 21.79 13.48
C LYS A 152 19.29 22.67 13.44
N MET A 1 -26.26 -32.35 -14.65
CA MET A 1 -24.90 -31.79 -14.65
C MET A 1 -24.86 -30.44 -15.35
N HIS A 2 -23.70 -29.80 -15.35
CA HIS A 2 -23.54 -28.49 -15.98
C HIS A 2 -23.45 -28.63 -17.49
N HIS A 3 -23.81 -27.56 -18.20
CA HIS A 3 -23.76 -27.56 -19.66
C HIS A 3 -23.72 -26.14 -20.20
N HIS A 4 -24.11 -25.18 -19.37
CA HIS A 4 -24.13 -23.77 -19.76
C HIS A 4 -22.93 -23.03 -19.19
N HIS A 5 -22.87 -21.73 -19.41
CA HIS A 5 -21.77 -20.90 -18.92
C HIS A 5 -22.04 -20.45 -17.49
N HIS A 6 -20.97 -20.32 -16.71
CA HIS A 6 -21.08 -19.89 -15.32
C HIS A 6 -21.23 -18.38 -15.21
N HIS A 7 -20.16 -17.66 -15.56
CA HIS A 7 -20.18 -16.20 -15.49
C HIS A 7 -21.20 -15.62 -16.47
N LYS A 8 -21.34 -14.29 -16.45
CA LYS A 8 -22.28 -13.61 -17.34
C LYS A 8 -23.72 -14.04 -17.07
N LEU A 9 -24.48 -13.18 -16.41
CA LEU A 9 -25.87 -13.47 -16.08
C LEU A 9 -26.73 -12.21 -16.23
N LYS A 10 -26.58 -11.28 -15.31
CA LYS A 10 -27.33 -10.03 -15.34
C LYS A 10 -28.83 -10.29 -15.24
N THR A 11 -29.19 -11.53 -14.93
CA THR A 11 -30.60 -11.92 -14.81
C THR A 11 -30.99 -12.08 -13.34
N GLU A 12 -31.97 -11.29 -12.91
CA GLU A 12 -32.45 -11.34 -11.53
C GLU A 12 -31.31 -11.13 -10.56
N GLN A 13 -30.77 -9.92 -10.53
CA GLN A 13 -29.67 -9.57 -9.63
C GLN A 13 -29.76 -8.12 -9.19
N GLY A 14 -30.04 -7.23 -10.14
CA GLY A 14 -30.14 -5.81 -9.82
C GLY A 14 -30.57 -4.98 -11.01
N GLY A 15 -29.63 -4.24 -11.59
CA GLY A 15 -29.95 -3.41 -12.74
C GLY A 15 -29.15 -2.11 -12.74
N ALA A 16 -29.57 -1.16 -13.57
CA ALA A 16 -28.90 0.13 -13.67
C ALA A 16 -29.64 1.19 -12.86
N HIS A 17 -28.87 2.08 -12.22
CA HIS A 17 -29.46 3.14 -11.41
C HIS A 17 -28.76 4.48 -11.70
N PHE A 18 -27.46 4.42 -11.97
CA PHE A 18 -26.68 5.62 -12.26
C PHE A 18 -25.79 5.39 -13.48
N SER A 19 -24.54 5.02 -13.24
CA SER A 19 -23.59 4.78 -14.32
C SER A 19 -23.12 3.33 -14.31
N VAL A 20 -23.53 2.57 -15.31
CA VAL A 20 -23.15 1.16 -15.41
C VAL A 20 -22.22 0.93 -16.59
N SER A 21 -21.12 0.22 -16.35
CA SER A 21 -20.15 -0.08 -17.39
C SER A 21 -20.38 -1.47 -17.97
N SER A 22 -20.30 -1.58 -19.30
CA SER A 22 -20.52 -2.85 -19.98
C SER A 22 -19.41 -3.85 -19.62
N LEU A 23 -19.76 -4.85 -18.83
CA LEU A 23 -18.81 -5.88 -18.40
C LEU A 23 -17.59 -5.24 -17.74
N ALA A 24 -16.48 -5.96 -17.73
CA ALA A 24 -15.24 -5.47 -17.13
C ALA A 24 -14.91 -4.07 -17.66
N GLU A 25 -14.97 -3.91 -18.98
CA GLU A 25 -14.68 -2.64 -19.62
C GLU A 25 -13.34 -2.08 -19.16
N GLY A 26 -12.27 -2.45 -19.86
CA GLY A 26 -10.95 -1.96 -19.52
C GLY A 26 -10.57 -2.26 -18.08
N SER A 27 -10.39 -1.21 -17.29
CA SER A 27 -10.02 -1.36 -15.88
C SER A 27 -10.88 -0.47 -15.00
N VAL A 28 -12.13 -0.28 -15.39
CA VAL A 28 -13.06 0.56 -14.64
C VAL A 28 -13.42 -0.13 -13.31
N THR A 29 -14.70 -0.10 -12.94
CA THR A 29 -15.15 -0.71 -11.70
C THR A 29 -14.41 -0.15 -10.49
N SER A 30 -14.59 -0.80 -9.34
CA SER A 30 -13.92 -0.38 -8.11
C SER A 30 -12.97 -1.46 -7.60
N VAL A 31 -12.09 -1.07 -6.69
CA VAL A 31 -11.12 -2.00 -6.13
C VAL A 31 -11.60 -2.55 -4.79
N GLY A 32 -12.39 -3.63 -4.86
CA GLY A 32 -12.91 -4.25 -3.65
C GLY A 32 -13.64 -3.26 -2.75
N SER A 33 -13.66 -3.56 -1.46
CA SER A 33 -14.32 -2.70 -0.48
C SER A 33 -13.35 -2.25 0.59
N VAL A 34 -13.78 -1.27 1.40
CA VAL A 34 -12.96 -0.74 2.49
C VAL A 34 -11.49 -0.59 2.09
N ASN A 35 -10.59 -0.66 3.08
CA ASN A 35 -9.15 -0.54 2.83
C ASN A 35 -8.73 -1.41 1.65
N PRO A 36 -8.09 -0.82 0.64
CA PRO A 36 -7.63 -1.57 -0.52
C PRO A 36 -6.43 -2.44 -0.15
N ALA A 37 -5.67 -1.94 0.81
CA ALA A 37 -4.47 -2.60 1.29
C ALA A 37 -4.77 -3.92 2.00
N GLU A 38 -6.01 -4.11 2.44
CA GLU A 38 -6.40 -5.32 3.15
C GLU A 38 -6.30 -6.56 2.25
N ASN A 39 -6.66 -6.40 0.97
CA ASN A 39 -6.60 -7.51 0.03
C ASN A 39 -5.19 -8.08 -0.03
N PHE A 40 -4.21 -7.19 -0.03
CA PHE A 40 -2.81 -7.60 -0.05
C PHE A 40 -2.48 -8.23 1.25
N ARG A 41 -3.01 -7.64 2.31
CA ARG A 41 -2.81 -8.18 3.63
C ARG A 41 -3.35 -9.60 3.65
N VAL A 42 -4.34 -9.84 2.77
CA VAL A 42 -4.93 -11.15 2.64
C VAL A 42 -3.93 -12.10 1.98
N LEU A 43 -3.43 -11.72 0.80
CA LEU A 43 -2.46 -12.56 0.10
C LEU A 43 -1.28 -12.88 0.99
N VAL A 44 -0.83 -11.90 1.77
CA VAL A 44 0.31 -12.10 2.66
C VAL A 44 -0.07 -13.00 3.83
N LYS A 45 -1.28 -12.82 4.35
CA LYS A 45 -1.74 -13.63 5.48
C LYS A 45 -2.39 -14.94 5.02
N GLN A 46 -2.51 -15.11 3.70
CA GLN A 46 -3.11 -16.31 3.13
C GLN A 46 -2.09 -17.11 2.34
N LYS A 47 -2.56 -18.14 1.64
CA LYS A 47 -1.69 -18.99 0.83
C LYS A 47 -1.41 -18.32 -0.51
N LYS A 48 -2.04 -17.16 -0.72
CA LYS A 48 -1.90 -16.40 -1.95
C LYS A 48 -0.45 -15.90 -2.14
N ALA A 49 -0.31 -14.84 -2.92
CA ALA A 49 0.98 -14.22 -3.21
C ALA A 49 1.82 -14.04 -1.96
N SER A 50 3.12 -13.89 -2.15
CA SER A 50 4.04 -13.69 -1.04
C SER A 50 3.96 -12.23 -0.59
N PHE A 51 4.60 -11.92 0.53
CA PHE A 51 4.60 -10.56 1.04
C PHE A 51 5.21 -9.60 0.02
N GLU A 52 5.87 -10.13 -1.00
CA GLU A 52 6.51 -9.31 -2.01
C GLU A 52 5.54 -8.93 -3.14
N GLU A 53 4.85 -9.92 -3.71
CA GLU A 53 3.90 -9.66 -4.79
C GLU A 53 2.72 -8.87 -4.27
N ALA A 54 2.35 -9.21 -3.04
CA ALA A 54 1.24 -8.55 -2.39
C ALA A 54 1.53 -7.07 -2.20
N SER A 55 2.69 -6.75 -1.64
CA SER A 55 3.03 -5.35 -1.44
C SER A 55 3.23 -4.69 -2.79
N ASN A 56 3.86 -5.42 -3.70
CA ASN A 56 4.10 -4.93 -5.03
C ASN A 56 2.79 -4.57 -5.70
N GLN A 57 1.79 -5.42 -5.46
CA GLN A 57 0.46 -5.21 -6.02
C GLN A 57 -0.22 -4.08 -5.25
N LEU A 58 0.17 -3.91 -3.97
CA LEU A 58 -0.39 -2.85 -3.14
C LEU A 58 0.07 -1.50 -3.63
N ILE A 59 1.39 -1.31 -3.69
CA ILE A 59 1.93 -0.05 -4.15
C ILE A 59 1.50 0.19 -5.60
N ASN A 60 1.47 -0.90 -6.38
CA ASN A 60 1.06 -0.84 -7.78
C ASN A 60 -0.34 -0.26 -7.89
N HIS A 61 -1.25 -0.79 -7.08
CA HIS A 61 -2.61 -0.31 -7.06
C HIS A 61 -2.59 1.16 -6.66
N ILE A 62 -1.67 1.48 -5.75
CA ILE A 62 -1.46 2.83 -5.28
C ILE A 62 -0.91 3.69 -6.41
N GLU A 63 -0.25 3.03 -7.37
CA GLU A 63 0.30 3.74 -8.52
C GLU A 63 -0.83 4.13 -9.45
N GLN A 64 -1.77 3.19 -9.65
CA GLN A 64 -2.93 3.47 -10.48
C GLN A 64 -3.63 4.70 -9.91
N PHE A 65 -3.86 4.65 -8.59
CA PHE A 65 -4.48 5.78 -7.92
C PHE A 65 -3.59 7.00 -8.13
N LEU A 66 -2.31 6.87 -7.81
CA LEU A 66 -1.37 7.98 -7.96
C LEU A 66 -1.39 8.48 -9.39
N ASP A 67 -1.91 7.67 -10.30
CA ASP A 67 -2.03 8.07 -11.67
C ASP A 67 -3.24 8.99 -11.79
N THR A 68 -4.31 8.65 -11.06
CA THR A 68 -5.51 9.49 -11.04
C THR A 68 -5.20 10.84 -10.39
N ASN A 69 -6.22 11.67 -10.25
CA ASN A 69 -6.05 13.00 -9.65
C ASN A 69 -6.78 13.11 -8.31
N GLU A 70 -7.37 12.01 -7.87
CA GLU A 70 -8.12 11.97 -6.61
C GLU A 70 -7.17 11.85 -5.43
N THR A 71 -7.37 12.68 -4.40
CA THR A 71 -6.53 12.63 -3.21
C THR A 71 -7.17 11.90 -2.03
N PRO A 72 -8.50 11.68 -1.97
CA PRO A 72 -9.06 10.94 -0.86
C PRO A 72 -8.31 9.63 -0.72
N TYR A 73 -7.71 9.23 -1.84
CA TYR A 73 -6.92 8.02 -1.94
C TYR A 73 -5.47 8.26 -1.57
N PHE A 74 -5.02 9.53 -1.56
CA PHE A 74 -3.65 9.85 -1.22
C PHE A 74 -3.42 9.72 0.29
N MET A 75 -4.43 10.06 1.07
CA MET A 75 -4.34 9.88 2.51
C MET A 75 -4.49 8.39 2.75
N LYS A 76 -5.43 7.81 2.00
CA LYS A 76 -5.70 6.40 2.06
C LYS A 76 -4.45 5.66 1.58
N SER A 77 -3.67 6.33 0.72
CA SER A 77 -2.44 5.76 0.22
C SER A 77 -1.50 5.65 1.41
N ILE A 78 -1.39 6.75 2.15
CA ILE A 78 -0.57 6.76 3.34
C ILE A 78 -0.99 5.60 4.23
N ASP A 79 -2.29 5.34 4.21
CA ASP A 79 -2.86 4.25 4.99
C ASP A 79 -2.40 2.90 4.44
N CYS A 80 -2.29 2.79 3.11
CA CYS A 80 -1.81 1.54 2.51
C CYS A 80 -0.39 1.30 2.96
N ILE A 81 0.41 2.37 2.90
CA ILE A 81 1.77 2.31 3.34
C ILE A 81 1.76 1.80 4.77
N ARG A 82 0.78 2.32 5.51
CA ARG A 82 0.56 1.97 6.90
C ARG A 82 0.14 0.51 7.02
N ALA A 83 -0.53 0.00 5.99
CA ALA A 83 -0.98 -1.38 5.97
C ALA A 83 0.19 -2.34 5.95
N PHE A 84 1.11 -2.13 5.02
CA PHE A 84 2.24 -3.04 4.88
C PHE A 84 3.47 -2.62 5.68
N ARG A 85 3.54 -1.38 6.12
CA ARG A 85 4.69 -0.97 6.93
C ARG A 85 4.61 -1.71 8.26
N GLU A 86 3.40 -1.83 8.76
CA GLU A 86 3.15 -2.53 10.02
C GLU A 86 3.18 -4.04 9.81
N GLU A 87 2.48 -4.50 8.76
CA GLU A 87 2.44 -5.93 8.45
C GLU A 87 3.85 -6.46 8.26
N ALA A 88 4.69 -5.69 7.57
CA ALA A 88 6.07 -6.11 7.34
C ALA A 88 6.73 -6.46 8.66
N ILE A 89 6.50 -5.60 9.66
CA ILE A 89 7.04 -5.84 11.00
C ILE A 89 6.54 -7.20 11.51
N LYS A 90 5.28 -7.49 11.20
CA LYS A 90 4.65 -8.74 11.61
C LYS A 90 4.92 -9.85 10.59
N PHE A 91 5.48 -9.49 9.44
CA PHE A 91 5.78 -10.47 8.39
C PHE A 91 7.28 -10.58 8.14
N SER A 92 8.07 -10.07 9.08
CA SER A 92 9.53 -10.12 8.98
C SER A 92 10.00 -9.71 7.59
N GLU A 93 9.91 -8.43 7.28
CA GLU A 93 10.32 -7.91 5.98
C GLU A 93 10.77 -6.46 6.09
N GLU A 94 12.05 -6.27 6.41
CA GLU A 94 12.61 -4.93 6.55
C GLU A 94 12.95 -4.31 5.20
N GLN A 95 13.49 -5.13 4.30
CA GLN A 95 13.85 -4.66 2.96
C GLN A 95 12.62 -4.17 2.22
N ARG A 96 11.53 -4.92 2.32
CA ARG A 96 10.28 -4.56 1.67
C ARG A 96 9.82 -3.17 2.10
N PHE A 97 10.24 -2.77 3.31
CA PHE A 97 9.87 -1.47 3.84
C PHE A 97 10.60 -0.36 3.10
N ASN A 98 11.93 -0.38 3.15
CA ASN A 98 12.72 0.63 2.48
C ASN A 98 12.50 0.55 0.98
N ASN A 99 12.00 -0.60 0.52
CA ASN A 99 11.75 -0.79 -0.89
C ASN A 99 10.48 -0.07 -1.33
N PHE A 100 9.37 -0.28 -0.61
CA PHE A 100 8.12 0.37 -0.98
C PHE A 100 8.20 1.86 -0.70
N LEU A 101 9.01 2.24 0.28
CA LEU A 101 9.17 3.64 0.64
C LEU A 101 10.06 4.36 -0.36
N LYS A 102 11.20 3.77 -0.68
CA LYS A 102 12.11 4.40 -1.63
C LYS A 102 11.55 4.31 -3.03
N ALA A 103 10.69 3.31 -3.23
CA ALA A 103 10.10 3.14 -4.54
C ALA A 103 8.92 4.08 -4.74
N LEU A 104 8.06 4.19 -3.72
CA LEU A 104 6.93 5.08 -3.83
C LEU A 104 7.42 6.51 -3.97
N GLN A 105 8.46 6.86 -3.20
CA GLN A 105 9.00 8.19 -3.26
C GLN A 105 9.69 8.45 -4.59
N GLU A 106 10.61 7.56 -4.98
CA GLU A 106 11.29 7.73 -6.25
C GLU A 106 10.26 7.94 -7.34
N LYS A 107 9.10 7.29 -7.18
CA LYS A 107 8.02 7.45 -8.15
C LYS A 107 7.50 8.87 -8.11
N VAL A 108 7.20 9.37 -6.91
CA VAL A 108 6.70 10.74 -6.77
C VAL A 108 7.69 11.72 -7.39
N GLU A 109 8.95 11.30 -7.46
CA GLU A 109 10.00 12.12 -8.05
C GLU A 109 9.89 12.12 -9.57
N ILE A 110 9.93 10.92 -10.15
CA ILE A 110 9.83 10.74 -11.59
C ILE A 110 8.61 11.49 -12.14
N LYS A 111 7.48 11.31 -11.47
CA LYS A 111 6.24 11.96 -11.85
C LYS A 111 5.89 13.08 -10.89
N GLN A 112 4.62 13.49 -10.91
CA GLN A 112 4.15 14.53 -10.02
C GLN A 112 3.81 13.92 -8.67
N LEU A 113 2.57 14.10 -8.22
CA LEU A 113 2.13 13.52 -6.97
C LEU A 113 2.89 14.07 -5.78
N ASN A 114 3.57 15.20 -5.97
CA ASN A 114 4.33 15.82 -4.89
C ASN A 114 3.45 16.00 -3.67
N HIS A 115 2.16 16.26 -3.90
CA HIS A 115 1.21 16.44 -2.80
C HIS A 115 1.22 15.21 -1.91
N PHE A 116 1.21 14.04 -2.53
CA PHE A 116 1.27 12.80 -1.79
C PHE A 116 2.47 12.87 -0.85
N TRP A 117 3.63 13.16 -1.44
CA TRP A 117 4.85 13.28 -0.67
C TRP A 117 4.63 14.24 0.49
N GLU A 118 3.95 15.36 0.20
CA GLU A 118 3.68 16.38 1.21
C GLU A 118 3.03 15.78 2.45
N ILE A 119 1.92 15.06 2.27
CA ILE A 119 1.24 14.47 3.42
C ILE A 119 2.14 13.46 4.13
N VAL A 120 2.95 12.72 3.37
CA VAL A 120 3.85 11.76 4.00
C VAL A 120 4.85 12.50 4.89
N VAL A 121 5.27 13.70 4.48
CA VAL A 121 6.19 14.49 5.31
C VAL A 121 5.45 14.98 6.54
N GLN A 122 4.19 15.32 6.33
CA GLN A 122 3.32 15.79 7.38
C GLN A 122 2.99 14.63 8.31
N ASP A 123 3.17 13.42 7.80
CA ASP A 123 2.90 12.20 8.56
C ASP A 123 4.21 11.49 8.92
N GLY A 124 5.32 12.00 8.41
CA GLY A 124 6.61 11.39 8.68
C GLY A 124 6.65 9.95 8.19
N ILE A 125 6.65 9.79 6.87
CA ILE A 125 6.64 8.46 6.26
C ILE A 125 7.81 8.24 5.29
N THR A 126 9.03 8.30 5.81
CA THR A 126 10.20 8.07 4.99
C THR A 126 11.30 7.34 5.76
N LEU A 127 12.12 6.57 5.03
CA LEU A 127 13.20 5.78 5.60
C LEU A 127 12.69 4.85 6.70
N ILE A 128 13.50 3.87 7.09
CA ILE A 128 13.11 2.93 8.13
C ILE A 128 13.11 3.60 9.49
N THR A 129 11.91 3.90 9.96
CA THR A 129 11.74 4.57 11.24
C THR A 129 12.37 3.81 12.40
N LYS A 130 13.68 3.97 12.54
CA LYS A 130 14.45 3.33 13.60
C LYS A 130 15.95 3.43 13.30
N GLU A 131 16.37 2.79 12.21
CA GLU A 131 17.77 2.79 11.80
C GLU A 131 18.02 1.78 10.68
N GLU A 132 17.16 1.77 9.68
CA GLU A 132 17.29 0.84 8.57
C GLU A 132 17.28 -0.60 9.09
N ALA A 133 16.46 -0.83 10.11
CA ALA A 133 16.36 -2.15 10.73
C ALA A 133 14.91 -2.64 10.78
N SER A 134 14.67 -3.66 11.60
CA SER A 134 13.34 -4.23 11.76
C SER A 134 12.88 -4.16 13.22
N GLY A 135 13.84 -4.25 14.14
CA GLY A 135 13.52 -4.20 15.56
C GLY A 135 14.52 -3.39 16.36
N SER A 136 14.12 -2.21 16.79
CA SER A 136 15.00 -1.34 17.57
C SER A 136 14.21 -0.54 18.61
N SER A 137 14.90 0.30 19.37
CA SER A 137 14.27 1.12 20.39
C SER A 137 14.09 2.55 19.88
N VAL A 138 14.57 2.79 18.65
CA VAL A 138 14.45 4.11 18.03
C VAL A 138 13.02 4.36 17.56
N THR A 139 12.62 5.62 17.53
CA THR A 139 11.28 5.98 17.11
C THR A 139 11.24 6.62 15.72
N ALA A 140 10.06 7.14 15.37
CA ALA A 140 9.85 7.80 14.08
C ALA A 140 10.82 8.94 13.83
N GLU A 141 11.57 9.33 14.86
CA GLU A 141 12.53 10.44 14.75
C GLU A 141 13.31 10.41 13.44
N GLU A 142 13.85 9.25 13.10
CA GLU A 142 14.62 9.12 11.86
C GLU A 142 13.81 9.65 10.69
N ALA A 143 12.60 9.12 10.53
CA ALA A 143 11.71 9.55 9.48
C ALA A 143 11.49 11.04 9.59
N LYS A 144 11.06 11.48 10.77
CA LYS A 144 10.81 12.90 11.03
C LYS A 144 11.96 13.75 10.51
N LYS A 145 13.17 13.19 10.53
CA LYS A 145 14.35 13.90 10.05
C LYS A 145 14.48 13.84 8.53
N PHE A 146 14.12 12.71 7.93
CA PHE A 146 14.22 12.56 6.48
C PHE A 146 13.32 13.56 5.75
N LEU A 147 12.05 13.61 6.13
CA LEU A 147 11.10 14.51 5.48
C LEU A 147 11.00 15.85 6.20
N ALA A 148 12.14 16.34 6.69
CA ALA A 148 12.17 17.63 7.38
C ALA A 148 12.62 18.75 6.44
N PRO A 149 12.11 19.97 6.65
CA PRO A 149 12.46 21.12 5.83
C PRO A 149 13.71 21.85 6.33
N LYS A 150 14.06 21.60 7.58
CA LYS A 150 15.23 22.23 8.18
C LYS A 150 16.50 21.89 7.42
N ASP A 151 16.56 20.67 6.89
CA ASP A 151 17.73 20.23 6.12
C ASP A 151 17.47 20.32 4.63
N LYS A 152 16.48 19.57 4.15
CA LYS A 152 16.15 19.55 2.73
C LYS A 152 14.64 19.37 2.53
N MET A 1 -31.94 32.45 -21.53
CA MET A 1 -30.73 32.39 -20.66
C MET A 1 -31.10 32.03 -19.22
N HIS A 2 -30.33 31.12 -18.64
CA HIS A 2 -30.58 30.68 -17.27
C HIS A 2 -29.65 31.39 -16.29
N HIS A 3 -29.92 31.24 -15.00
CA HIS A 3 -29.11 31.85 -13.96
C HIS A 3 -28.07 30.87 -13.42
N HIS A 4 -26.85 30.95 -13.94
CA HIS A 4 -25.77 30.06 -13.51
C HIS A 4 -24.43 30.56 -14.01
N HIS A 5 -23.37 30.27 -13.25
CA HIS A 5 -22.02 30.70 -13.62
C HIS A 5 -21.50 29.88 -14.81
N HIS A 6 -21.19 30.57 -15.90
CA HIS A 6 -20.67 29.93 -17.11
C HIS A 6 -21.67 28.92 -17.67
N HIS A 7 -21.32 28.32 -18.79
CA HIS A 7 -22.19 27.34 -19.44
C HIS A 7 -22.11 25.99 -18.73
N LYS A 8 -23.24 25.55 -18.18
CA LYS A 8 -23.31 24.28 -17.47
C LYS A 8 -23.10 23.11 -18.42
N LEU A 9 -22.36 22.09 -17.95
CA LEU A 9 -22.08 20.91 -18.74
C LEU A 9 -21.39 21.27 -20.05
N LYS A 10 -20.07 21.13 -20.08
CA LYS A 10 -19.29 21.44 -21.27
C LYS A 10 -18.32 20.32 -21.59
N THR A 11 -18.24 19.94 -22.87
CA THR A 11 -17.35 18.87 -23.30
C THR A 11 -15.98 19.42 -23.67
N GLU A 12 -14.94 18.63 -23.38
CA GLU A 12 -13.57 19.04 -23.68
C GLU A 12 -13.28 18.93 -25.17
N GLN A 13 -12.10 19.38 -25.58
CA GLN A 13 -11.70 19.34 -26.98
C GLN A 13 -10.63 18.28 -27.20
N GLY A 14 -9.50 18.43 -26.51
CA GLY A 14 -8.42 17.48 -26.64
C GLY A 14 -7.48 17.50 -25.45
N GLY A 15 -8.05 17.35 -24.25
CA GLY A 15 -7.25 17.35 -23.04
C GLY A 15 -6.79 15.96 -22.64
N ALA A 16 -6.31 15.83 -21.41
CA ALA A 16 -5.84 14.53 -20.91
C ALA A 16 -7.00 13.70 -20.37
N HIS A 17 -6.98 12.41 -20.66
CA HIS A 17 -8.03 11.50 -20.21
C HIS A 17 -7.47 10.09 -19.99
N PHE A 18 -6.26 9.86 -20.50
CA PHE A 18 -5.59 8.56 -20.37
C PHE A 18 -6.40 7.46 -21.05
N SER A 19 -7.34 6.87 -20.32
CA SER A 19 -8.17 5.80 -20.85
C SER A 19 -9.59 6.29 -21.11
N VAL A 20 -10.07 6.05 -22.33
CA VAL A 20 -11.42 6.46 -22.71
C VAL A 20 -12.45 5.41 -22.32
N SER A 21 -13.47 5.82 -21.57
CA SER A 21 -14.53 4.92 -21.14
C SER A 21 -15.90 5.50 -21.44
N SER A 22 -16.84 4.64 -21.83
CA SER A 22 -18.19 5.07 -22.15
C SER A 22 -19.20 4.52 -21.15
N LEU A 23 -18.70 3.77 -20.16
CA LEU A 23 -19.55 3.19 -19.15
C LEU A 23 -18.97 3.41 -17.75
N ALA A 24 -17.69 3.07 -17.60
CA ALA A 24 -17.01 3.24 -16.31
C ALA A 24 -16.53 4.68 -16.12
N GLU A 25 -17.17 5.61 -16.82
CA GLU A 25 -16.81 7.02 -16.71
C GLU A 25 -17.23 7.59 -15.36
N GLY A 26 -17.95 6.79 -14.58
CA GLY A 26 -18.39 7.23 -13.27
C GLY A 26 -18.78 6.07 -12.36
N SER A 27 -17.88 5.10 -12.22
CA SER A 27 -18.15 3.94 -11.38
C SER A 27 -16.87 3.15 -11.11
N VAL A 28 -15.80 3.52 -11.81
CA VAL A 28 -14.52 2.83 -11.64
C VAL A 28 -13.59 3.63 -10.74
N THR A 29 -13.74 4.95 -10.76
CA THR A 29 -12.91 5.82 -9.96
C THR A 29 -13.07 5.53 -8.47
N SER A 30 -14.20 4.92 -8.11
CA SER A 30 -14.46 4.59 -6.71
C SER A 30 -14.25 3.10 -6.44
N VAL A 31 -13.35 2.79 -5.52
CA VAL A 31 -13.05 1.42 -5.16
C VAL A 31 -14.21 0.78 -4.41
N GLY A 32 -14.57 -0.43 -4.81
CA GLY A 32 -15.68 -1.13 -4.17
C GLY A 32 -15.24 -1.87 -2.92
N SER A 33 -14.23 -1.35 -2.24
CA SER A 33 -13.71 -1.97 -1.03
C SER A 33 -13.44 -0.91 0.05
N VAL A 34 -13.51 -1.32 1.31
CA VAL A 34 -13.27 -0.42 2.42
C VAL A 34 -11.77 -0.19 2.62
N ASN A 35 -10.97 -1.16 2.20
CA ASN A 35 -9.53 -1.08 2.33
C ASN A 35 -8.85 -1.77 1.15
N PRO A 36 -8.10 -1.01 0.32
CA PRO A 36 -7.41 -1.58 -0.82
C PRO A 36 -6.15 -2.33 -0.40
N ALA A 37 -5.80 -2.18 0.87
CA ALA A 37 -4.63 -2.84 1.43
C ALA A 37 -4.96 -4.24 1.93
N GLU A 38 -6.11 -4.36 2.59
CA GLU A 38 -6.53 -5.65 3.16
C GLU A 38 -6.40 -6.79 2.17
N ASN A 39 -6.64 -6.52 0.89
CA ASN A 39 -6.49 -7.58 -0.12
C ASN A 39 -5.05 -8.07 -0.10
N PHE A 40 -4.11 -7.13 -0.20
CA PHE A 40 -2.71 -7.48 -0.15
C PHE A 40 -2.49 -8.36 1.07
N ARG A 41 -3.03 -7.89 2.19
CA ARG A 41 -2.94 -8.60 3.46
C ARG A 41 -3.46 -10.02 3.31
N VAL A 42 -4.51 -10.18 2.52
CA VAL A 42 -5.07 -11.48 2.29
C VAL A 42 -4.02 -12.38 1.64
N LEU A 43 -3.29 -11.85 0.68
CA LEU A 43 -2.25 -12.64 0.02
C LEU A 43 -1.09 -12.95 0.97
N VAL A 44 -0.71 -11.99 1.82
CA VAL A 44 0.38 -12.23 2.76
C VAL A 44 -0.04 -13.16 3.88
N LYS A 45 -1.34 -13.18 4.18
CA LYS A 45 -1.88 -14.02 5.25
C LYS A 45 -2.35 -15.36 4.68
N GLN A 46 -2.57 -15.41 3.38
CA GLN A 46 -3.02 -16.63 2.72
C GLN A 46 -1.90 -17.24 1.87
N LYS A 47 -2.29 -18.09 0.92
CA LYS A 47 -1.33 -18.74 0.03
C LYS A 47 -1.25 -18.01 -1.30
N LYS A 48 -2.14 -17.04 -1.48
CA LYS A 48 -2.18 -16.26 -2.72
C LYS A 48 -0.80 -15.81 -3.18
N ALA A 49 -0.29 -14.74 -2.59
CA ALA A 49 1.02 -14.21 -2.95
C ALA A 49 1.93 -14.08 -1.75
N SER A 50 3.16 -13.62 -2.02
CA SER A 50 4.15 -13.41 -0.97
C SER A 50 4.08 -11.98 -0.46
N PHE A 51 4.79 -11.70 0.61
CA PHE A 51 4.81 -10.36 1.19
C PHE A 51 5.41 -9.37 0.21
N GLU A 52 6.03 -9.87 -0.86
CA GLU A 52 6.60 -9.02 -1.90
C GLU A 52 5.60 -8.70 -3.00
N GLU A 53 5.01 -9.74 -3.60
CA GLU A 53 4.02 -9.56 -4.66
C GLU A 53 2.83 -8.79 -4.11
N ALA A 54 2.35 -9.22 -2.96
CA ALA A 54 1.22 -8.58 -2.31
C ALA A 54 1.47 -7.09 -2.24
N SER A 55 2.70 -6.70 -1.89
CA SER A 55 3.04 -5.30 -1.84
C SER A 55 2.97 -4.73 -3.21
N ASN A 56 3.64 -5.42 -4.11
CA ASN A 56 3.70 -5.02 -5.48
C ASN A 56 2.32 -4.61 -5.99
N GLN A 57 1.31 -5.40 -5.65
CA GLN A 57 -0.05 -5.11 -6.07
C GLN A 57 -0.62 -3.95 -5.24
N LEU A 58 -0.19 -3.87 -3.98
CA LEU A 58 -0.65 -2.81 -3.09
C LEU A 58 -0.13 -1.46 -3.58
N ILE A 59 1.18 -1.34 -3.76
CA ILE A 59 1.76 -0.09 -4.21
C ILE A 59 1.33 0.17 -5.65
N ASN A 60 1.23 -0.89 -6.45
CA ASN A 60 0.79 -0.78 -7.84
C ASN A 60 -0.58 -0.16 -7.89
N HIS A 61 -1.47 -0.65 -7.03
CA HIS A 61 -2.82 -0.11 -6.97
C HIS A 61 -2.71 1.36 -6.58
N ILE A 62 -1.79 1.63 -5.67
CA ILE A 62 -1.52 2.97 -5.22
C ILE A 62 -0.97 3.81 -6.37
N GLU A 63 -0.33 3.14 -7.33
CA GLU A 63 0.21 3.82 -8.49
C GLU A 63 -0.92 4.22 -9.42
N GLN A 64 -1.90 3.32 -9.57
CA GLN A 64 -3.07 3.61 -10.39
C GLN A 64 -3.72 4.87 -9.85
N PHE A 65 -3.93 4.87 -8.53
CA PHE A 65 -4.50 6.05 -7.89
C PHE A 65 -3.57 7.23 -8.15
N LEU A 66 -2.29 7.06 -7.82
CA LEU A 66 -1.32 8.12 -8.01
C LEU A 66 -1.30 8.55 -9.47
N ASP A 67 -1.86 7.70 -10.34
CA ASP A 67 -1.95 8.04 -11.74
C ASP A 67 -3.10 9.01 -11.91
N THR A 68 -4.18 8.77 -11.15
CA THR A 68 -5.34 9.66 -11.17
C THR A 68 -4.98 11.02 -10.57
N ASN A 69 -5.96 11.91 -10.47
CA ASN A 69 -5.73 13.24 -9.92
C ASN A 69 -6.48 13.43 -8.60
N GLU A 70 -7.17 12.38 -8.16
CA GLU A 70 -7.94 12.41 -6.92
C GLU A 70 -7.04 12.22 -5.70
N THR A 71 -7.41 12.85 -4.58
CA THR A 71 -6.62 12.72 -3.35
C THR A 71 -7.29 11.85 -2.27
N PRO A 72 -8.60 11.52 -2.35
CA PRO A 72 -9.22 10.66 -1.34
C PRO A 72 -8.32 9.49 -1.02
N TYR A 73 -7.63 9.06 -2.07
CA TYR A 73 -6.73 7.94 -2.03
C TYR A 73 -5.31 8.34 -1.61
N PHE A 74 -4.96 9.63 -1.64
CA PHE A 74 -3.60 10.03 -1.26
C PHE A 74 -3.36 9.85 0.25
N MET A 75 -4.35 10.21 1.06
CA MET A 75 -4.23 10.00 2.50
C MET A 75 -4.44 8.53 2.76
N LYS A 76 -5.37 7.96 2.01
CA LYS A 76 -5.68 6.56 2.10
C LYS A 76 -4.48 5.77 1.59
N SER A 77 -3.67 6.43 0.74
CA SER A 77 -2.46 5.82 0.22
C SER A 77 -1.51 5.70 1.37
N ILE A 78 -1.37 6.80 2.10
CA ILE A 78 -0.54 6.81 3.28
C ILE A 78 -0.94 5.64 4.16
N ASP A 79 -2.26 5.42 4.24
CA ASP A 79 -2.80 4.33 5.03
C ASP A 79 -2.35 2.98 4.48
N CYS A 80 -2.34 2.83 3.16
CA CYS A 80 -1.89 1.58 2.55
C CYS A 80 -0.45 1.34 2.97
N ILE A 81 0.35 2.40 2.87
CA ILE A 81 1.73 2.34 3.27
C ILE A 81 1.78 1.83 4.70
N ARG A 82 0.90 2.40 5.51
CA ARG A 82 0.76 2.02 6.91
C ARG A 82 0.42 0.54 7.02
N ALA A 83 -0.38 0.07 6.06
CA ALA A 83 -0.78 -1.33 6.02
C ALA A 83 0.43 -2.23 5.92
N PHE A 84 1.31 -1.91 4.97
CA PHE A 84 2.53 -2.70 4.78
C PHE A 84 3.56 -2.37 5.83
N ARG A 85 3.36 -1.25 6.50
CA ARG A 85 4.31 -0.84 7.51
C ARG A 85 4.26 -1.76 8.73
N GLU A 86 3.09 -1.83 9.37
CA GLU A 86 2.91 -2.66 10.55
C GLU A 86 3.00 -4.15 10.21
N GLU A 87 2.39 -4.55 9.11
CA GLU A 87 2.40 -5.95 8.70
C GLU A 87 3.83 -6.45 8.49
N ALA A 88 4.71 -5.59 7.99
CA ALA A 88 6.09 -5.98 7.74
C ALA A 88 6.82 -6.29 9.03
N ILE A 89 6.55 -5.51 10.08
CA ILE A 89 7.20 -5.74 11.36
C ILE A 89 6.88 -7.16 11.84
N LYS A 90 5.69 -7.62 11.48
CA LYS A 90 5.24 -8.96 11.85
C LYS A 90 5.69 -9.99 10.81
N PHE A 91 5.82 -9.53 9.57
CA PHE A 91 6.23 -10.40 8.46
C PHE A 91 7.75 -10.45 8.31
N SER A 92 8.45 -9.93 9.33
CA SER A 92 9.91 -9.94 9.35
C SER A 92 10.51 -9.48 8.02
N GLU A 93 9.98 -8.38 7.48
CA GLU A 93 10.48 -7.84 6.22
C GLU A 93 10.83 -6.37 6.37
N GLU A 94 12.10 -6.10 6.64
CA GLU A 94 12.58 -4.74 6.83
C GLU A 94 12.87 -4.07 5.49
N GLN A 95 13.49 -4.82 4.58
CA GLN A 95 13.82 -4.29 3.26
C GLN A 95 12.57 -3.91 2.49
N ARG A 96 11.50 -4.65 2.70
CA ARG A 96 10.23 -4.38 2.03
C ARG A 96 9.79 -2.94 2.28
N PHE A 97 9.95 -2.50 3.51
CA PHE A 97 9.56 -1.16 3.89
C PHE A 97 10.38 -0.12 3.14
N ASN A 98 11.69 -0.14 3.33
CA ASN A 98 12.56 0.81 2.65
C ASN A 98 12.44 0.68 1.14
N ASN A 99 11.95 -0.47 0.68
CA ASN A 99 11.81 -0.72 -0.73
C ASN A 99 10.58 -0.01 -1.28
N PHE A 100 9.41 -0.25 -0.69
CA PHE A 100 8.20 0.39 -1.18
C PHE A 100 8.18 1.86 -0.79
N LEU A 101 8.99 2.21 0.19
CA LEU A 101 9.09 3.59 0.66
C LEU A 101 9.99 4.40 -0.26
N LYS A 102 11.15 3.83 -0.61
CA LYS A 102 12.06 4.52 -1.50
C LYS A 102 11.57 4.38 -2.93
N ALA A 103 10.73 3.37 -3.18
CA ALA A 103 10.19 3.14 -4.51
C ALA A 103 8.99 4.05 -4.74
N LEU A 104 8.09 4.13 -3.76
CA LEU A 104 6.93 4.98 -3.91
C LEU A 104 7.39 6.43 -4.00
N GLN A 105 8.38 6.78 -3.17
CA GLN A 105 8.92 8.13 -3.17
C GLN A 105 9.68 8.43 -4.45
N GLU A 106 10.61 7.56 -4.82
CA GLU A 106 11.35 7.78 -6.07
C GLU A 106 10.35 7.92 -7.20
N LYS A 107 9.22 7.23 -7.05
CA LYS A 107 8.16 7.29 -8.04
C LYS A 107 7.57 8.69 -8.08
N VAL A 108 7.25 9.24 -6.90
CA VAL A 108 6.70 10.59 -6.82
C VAL A 108 7.66 11.58 -7.46
N GLU A 109 8.95 11.23 -7.41
CA GLU A 109 9.99 12.07 -8.00
C GLU A 109 9.89 12.06 -9.52
N ILE A 110 9.86 10.85 -10.09
CA ILE A 110 9.75 10.68 -11.53
C ILE A 110 8.56 11.45 -12.08
N LYS A 111 7.41 11.28 -11.44
CA LYS A 111 6.18 11.95 -11.84
C LYS A 111 5.85 13.10 -10.88
N GLN A 112 4.57 13.46 -10.85
CA GLN A 112 4.09 14.51 -9.98
C GLN A 112 3.70 13.93 -8.63
N LEU A 113 2.46 14.15 -8.22
CA LEU A 113 1.96 13.60 -6.97
C LEU A 113 2.72 14.15 -5.78
N ASN A 114 3.40 15.28 -5.97
CA ASN A 114 4.15 15.88 -4.89
C ASN A 114 3.28 16.06 -3.66
N HIS A 115 1.99 16.32 -3.87
CA HIS A 115 1.04 16.49 -2.78
C HIS A 115 1.06 15.26 -1.89
N PHE A 116 0.99 14.09 -2.53
CA PHE A 116 1.06 12.84 -1.81
C PHE A 116 2.31 12.86 -0.93
N TRP A 117 3.43 13.15 -1.57
CA TRP A 117 4.70 13.26 -0.87
C TRP A 117 4.53 14.19 0.32
N GLU A 118 3.83 15.31 0.11
CA GLU A 118 3.60 16.30 1.15
C GLU A 118 3.02 15.66 2.41
N ILE A 119 1.88 14.98 2.28
CA ILE A 119 1.27 14.36 3.44
C ILE A 119 2.21 13.33 4.07
N VAL A 120 3.00 12.64 3.26
CA VAL A 120 3.94 11.67 3.83
C VAL A 120 5.00 12.40 4.67
N VAL A 121 5.35 13.63 4.26
CA VAL A 121 6.32 14.41 5.03
C VAL A 121 5.66 14.83 6.33
N GLN A 122 4.37 15.09 6.23
CA GLN A 122 3.57 15.50 7.37
C GLN A 122 3.33 14.30 8.28
N ASP A 123 3.46 13.10 7.69
CA ASP A 123 3.27 11.85 8.43
C ASP A 123 4.59 11.14 8.66
N GLY A 124 5.68 11.70 8.12
CA GLY A 124 6.98 11.08 8.29
C GLY A 124 6.99 9.68 7.71
N ILE A 125 6.99 9.59 6.38
CA ILE A 125 6.94 8.31 5.70
C ILE A 125 8.13 8.11 4.74
N THR A 126 9.34 8.23 5.26
CA THR A 126 10.54 8.04 4.44
C THR A 126 11.65 7.34 5.24
N LEU A 127 12.50 6.61 4.52
CA LEU A 127 13.61 5.84 5.11
C LEU A 127 13.16 4.99 6.29
N ILE A 128 14.07 4.16 6.79
CA ILE A 128 13.78 3.31 7.95
C ILE A 128 14.26 4.00 9.21
N THR A 129 13.32 4.49 10.01
CA THR A 129 13.64 5.21 11.22
C THR A 129 14.33 4.34 12.27
N LYS A 130 15.62 4.12 12.05
CA LYS A 130 16.46 3.31 12.94
C LYS A 130 17.78 2.99 12.27
N GLU A 131 17.73 2.19 11.19
CA GLU A 131 18.92 1.80 10.44
C GLU A 131 18.60 0.64 9.49
N GLU A 132 17.51 0.78 8.75
CA GLU A 132 17.09 -0.27 7.80
C GLU A 132 16.85 -1.58 8.54
N ALA A 133 16.37 -1.46 9.78
CA ALA A 133 16.09 -2.62 10.61
C ALA A 133 14.59 -2.81 10.84
N SER A 134 14.26 -3.73 11.73
CA SER A 134 12.87 -4.02 12.07
C SER A 134 12.58 -3.66 13.52
N GLY A 135 13.59 -3.78 14.37
CA GLY A 135 13.44 -3.46 15.78
C GLY A 135 14.68 -2.82 16.36
N SER A 136 14.59 -1.52 16.65
CA SER A 136 15.71 -0.80 17.22
C SER A 136 15.26 0.12 18.35
N SER A 137 16.12 1.07 18.73
CA SER A 137 15.80 2.00 19.81
C SER A 137 15.73 3.44 19.30
N VAL A 138 15.82 3.60 17.98
CA VAL A 138 15.75 4.94 17.38
C VAL A 138 14.31 5.34 17.11
N THR A 139 14.07 6.65 17.15
CA THR A 139 12.73 7.18 16.92
C THR A 139 12.46 7.44 15.44
N ALA A 140 11.35 8.09 15.17
CA ALA A 140 10.94 8.44 13.81
C ALA A 140 11.75 9.63 13.30
N GLU A 141 12.49 10.26 14.22
CA GLU A 141 13.30 11.43 13.89
C GLU A 141 14.03 11.27 12.56
N GLU A 142 14.56 10.08 12.30
CA GLU A 142 15.27 9.82 11.05
C GLU A 142 14.39 10.24 9.88
N ALA A 143 13.19 9.67 9.83
CA ALA A 143 12.24 10.01 8.79
C ALA A 143 11.99 11.52 8.82
N LYS A 144 11.62 12.01 9.99
CA LYS A 144 11.36 13.44 10.19
C LYS A 144 12.47 14.27 9.59
N LYS A 145 13.68 13.69 9.49
CA LYS A 145 14.82 14.39 8.92
C LYS A 145 14.84 14.27 7.40
N PHE A 146 14.52 13.09 6.88
CA PHE A 146 14.52 12.89 5.42
C PHE A 146 13.51 13.80 4.73
N LEU A 147 12.27 13.79 5.20
CA LEU A 147 11.23 14.62 4.61
C LEU A 147 11.15 15.99 5.28
N ALA A 148 12.30 16.50 5.71
CA ALA A 148 12.37 17.80 6.38
C ALA A 148 12.69 18.91 5.37
N PRO A 149 12.19 20.14 5.62
CA PRO A 149 12.42 21.28 4.75
C PRO A 149 13.78 21.92 4.99
N LYS A 150 14.23 21.89 6.25
CA LYS A 150 15.51 22.46 6.62
C LYS A 150 16.67 21.60 6.12
N ASP A 151 17.86 21.85 6.67
CA ASP A 151 19.07 21.10 6.30
C ASP A 151 19.39 21.30 4.82
N LYS A 152 20.51 20.71 4.40
CA LYS A 152 20.94 20.82 3.00
C LYS A 152 21.22 19.45 2.40
N MET A 1 -64.53 -29.95 -0.88
CA MET A 1 -65.56 -30.93 -1.31
C MET A 1 -65.25 -32.31 -0.73
N HIS A 2 -63.98 -32.70 -0.75
CA HIS A 2 -63.56 -33.98 -0.22
C HIS A 2 -63.14 -33.85 1.24
N HIS A 3 -63.67 -34.73 2.09
CA HIS A 3 -63.36 -34.71 3.52
C HIS A 3 -63.72 -33.36 4.13
N HIS A 4 -64.58 -32.62 3.44
CA HIS A 4 -65.03 -31.30 3.90
C HIS A 4 -63.84 -30.36 4.04
N HIS A 5 -63.67 -29.48 3.05
CA HIS A 5 -62.58 -28.52 3.05
C HIS A 5 -62.62 -27.64 4.31
N HIS A 6 -61.54 -27.68 5.08
CA HIS A 6 -61.45 -26.90 6.31
C HIS A 6 -60.79 -25.56 6.04
N HIS A 7 -60.62 -24.77 7.11
CA HIS A 7 -60.00 -23.46 7.01
C HIS A 7 -58.79 -23.35 7.94
N LYS A 8 -57.69 -22.84 7.43
CA LYS A 8 -56.47 -22.69 8.23
C LYS A 8 -56.01 -21.23 8.26
N LEU A 9 -55.75 -20.73 9.46
CA LEU A 9 -55.29 -19.35 9.63
C LEU A 9 -53.79 -19.25 9.39
N LYS A 10 -53.34 -18.06 9.01
CA LYS A 10 -51.92 -17.83 8.76
C LYS A 10 -51.13 -17.85 10.05
N THR A 11 -50.10 -18.70 10.10
CA THR A 11 -49.26 -18.82 11.29
C THR A 11 -47.93 -18.11 11.11
N GLU A 12 -47.53 -17.36 12.15
CA GLU A 12 -46.27 -16.61 12.12
C GLU A 12 -46.29 -15.52 11.06
N GLN A 13 -45.60 -14.43 11.33
CA GLN A 13 -45.52 -13.30 10.41
C GLN A 13 -44.56 -13.61 9.26
N GLY A 14 -44.42 -12.65 8.35
CA GLY A 14 -43.52 -12.83 7.23
C GLY A 14 -43.95 -12.02 6.01
N GLY A 15 -43.39 -12.37 4.86
CA GLY A 15 -43.71 -11.66 3.63
C GLY A 15 -42.54 -10.91 3.05
N ALA A 16 -41.34 -11.39 3.34
CA ALA A 16 -40.12 -10.75 2.85
C ALA A 16 -39.69 -11.36 1.51
N HIS A 17 -39.30 -10.49 0.58
CA HIS A 17 -38.87 -10.94 -0.74
C HIS A 17 -37.59 -10.23 -1.16
N PHE A 18 -36.48 -10.97 -1.19
CA PHE A 18 -35.19 -10.41 -1.57
C PHE A 18 -34.41 -11.38 -2.46
N SER A 19 -33.32 -10.89 -3.04
CA SER A 19 -32.49 -11.72 -3.91
C SER A 19 -31.49 -12.53 -3.09
N VAL A 20 -31.63 -13.85 -3.14
CA VAL A 20 -30.75 -14.74 -2.39
C VAL A 20 -29.77 -15.44 -3.34
N SER A 21 -28.50 -15.47 -2.94
CA SER A 21 -27.46 -16.11 -3.74
C SER A 21 -26.44 -16.82 -2.84
N SER A 22 -25.79 -17.84 -3.39
CA SER A 22 -24.80 -18.61 -2.65
C SER A 22 -23.44 -18.55 -3.33
N LEU A 23 -22.38 -18.72 -2.55
CA LEU A 23 -21.01 -18.69 -3.07
C LEU A 23 -20.71 -17.34 -3.70
N ALA A 24 -21.59 -16.37 -3.50
CA ALA A 24 -21.41 -15.03 -4.05
C ALA A 24 -22.33 -14.03 -3.37
N GLU A 25 -21.87 -13.47 -2.25
CA GLU A 25 -22.66 -12.49 -1.50
C GLU A 25 -21.81 -11.84 -0.42
N GLY A 26 -20.88 -12.61 0.13
CA GLY A 26 -20.01 -12.10 1.17
C GLY A 26 -18.53 -12.30 0.86
N SER A 27 -18.24 -13.37 0.12
CA SER A 27 -16.86 -13.68 -0.25
C SER A 27 -16.45 -12.93 -1.51
N VAL A 28 -17.38 -12.18 -2.08
CA VAL A 28 -17.11 -11.41 -3.29
C VAL A 28 -16.96 -9.93 -2.98
N THR A 29 -18.06 -9.32 -2.53
CA THR A 29 -18.10 -7.92 -2.21
C THR A 29 -17.46 -7.07 -3.31
N SER A 30 -17.13 -5.83 -2.97
CA SER A 30 -16.50 -4.92 -3.93
C SER A 30 -15.25 -4.27 -3.34
N VAL A 31 -14.11 -4.59 -3.93
CA VAL A 31 -12.82 -4.04 -3.48
C VAL A 31 -12.63 -4.23 -1.97
N GLY A 32 -13.07 -3.26 -1.19
CA GLY A 32 -12.94 -3.33 0.25
C GLY A 32 -13.86 -2.36 0.97
N SER A 33 -14.07 -1.19 0.35
CA SER A 33 -14.94 -0.17 0.92
C SER A 33 -14.45 0.27 2.29
N VAL A 34 -13.19 0.00 2.60
CA VAL A 34 -12.62 0.36 3.89
C VAL A 34 -11.09 0.37 3.84
N ASN A 35 -10.51 -0.48 2.99
CA ASN A 35 -9.07 -0.56 2.86
C ASN A 35 -8.66 -1.31 1.59
N PRO A 36 -7.93 -0.65 0.68
CA PRO A 36 -7.47 -1.28 -0.55
C PRO A 36 -6.23 -2.13 -0.32
N ALA A 37 -5.52 -1.78 0.75
CA ALA A 37 -4.30 -2.49 1.12
C ALA A 37 -4.61 -3.84 1.73
N GLU A 38 -5.80 -3.96 2.32
CA GLU A 38 -6.19 -5.20 2.95
C GLU A 38 -6.12 -6.37 1.97
N ASN A 39 -6.13 -6.06 0.67
CA ASN A 39 -6.01 -7.10 -0.34
C ASN A 39 -4.62 -7.70 -0.25
N PHE A 40 -3.61 -6.82 -0.34
CA PHE A 40 -2.23 -7.25 -0.20
C PHE A 40 -2.10 -8.06 1.08
N ARG A 41 -2.78 -7.57 2.12
CA ARG A 41 -2.78 -8.23 3.41
C ARG A 41 -3.35 -9.63 3.27
N VAL A 42 -4.39 -9.76 2.45
CA VAL A 42 -5.02 -11.05 2.22
C VAL A 42 -3.99 -12.03 1.67
N LEU A 43 -3.24 -11.61 0.66
CA LEU A 43 -2.24 -12.49 0.07
C LEU A 43 -1.13 -12.84 1.07
N VAL A 44 -0.69 -11.86 1.86
CA VAL A 44 0.35 -12.11 2.84
C VAL A 44 -0.16 -12.96 4.00
N LYS A 45 -1.45 -12.83 4.28
CA LYS A 45 -2.07 -13.58 5.37
C LYS A 45 -2.62 -14.92 4.87
N GLN A 46 -2.71 -15.06 3.55
CA GLN A 46 -3.20 -16.28 2.95
C GLN A 46 -2.09 -16.99 2.18
N LYS A 47 -2.48 -17.84 1.22
CA LYS A 47 -1.51 -18.59 0.42
C LYS A 47 -1.33 -17.94 -0.95
N LYS A 48 -2.17 -16.95 -1.26
CA LYS A 48 -2.12 -16.26 -2.55
C LYS A 48 -0.69 -15.87 -2.95
N ALA A 49 -0.20 -14.77 -2.40
CA ALA A 49 1.14 -14.28 -2.73
C ALA A 49 1.99 -14.06 -1.49
N SER A 50 3.27 -13.78 -1.72
CA SER A 50 4.21 -13.52 -0.63
C SER A 50 4.10 -12.05 -0.22
N PHE A 51 4.76 -11.68 0.88
CA PHE A 51 4.70 -10.31 1.34
C PHE A 51 5.27 -9.36 0.29
N GLU A 52 6.00 -9.91 -0.68
CA GLU A 52 6.60 -9.10 -1.72
C GLU A 52 5.63 -8.84 -2.88
N GLU A 53 5.08 -9.91 -3.45
CA GLU A 53 4.13 -9.77 -4.55
C GLU A 53 2.89 -9.04 -4.07
N ALA A 54 2.48 -9.36 -2.86
CA ALA A 54 1.32 -8.73 -2.25
C ALA A 54 1.55 -7.24 -2.08
N SER A 55 2.64 -6.89 -1.40
CA SER A 55 2.95 -5.48 -1.19
C SER A 55 3.16 -4.81 -2.53
N ASN A 56 3.65 -5.60 -3.48
CA ASN A 56 3.90 -5.12 -4.83
C ASN A 56 2.60 -4.69 -5.48
N GLN A 57 1.57 -5.51 -5.33
CA GLN A 57 0.26 -5.20 -5.89
C GLN A 57 -0.37 -4.06 -5.12
N LEU A 58 0.02 -3.93 -3.85
CA LEU A 58 -0.49 -2.85 -3.00
C LEU A 58 0.01 -1.51 -3.52
N ILE A 59 1.34 -1.37 -3.61
CA ILE A 59 1.91 -0.13 -4.10
C ILE A 59 1.46 0.11 -5.53
N ASN A 60 1.42 -0.96 -6.31
CA ASN A 60 1.00 -0.90 -7.70
C ASN A 60 -0.38 -0.28 -7.80
N HIS A 61 -1.30 -0.78 -6.98
CA HIS A 61 -2.65 -0.24 -6.95
C HIS A 61 -2.58 1.23 -6.58
N ILE A 62 -1.66 1.52 -5.66
CA ILE A 62 -1.44 2.88 -5.21
C ILE A 62 -0.91 3.73 -6.36
N GLU A 63 -0.23 3.08 -7.30
CA GLU A 63 0.31 3.78 -8.46
C GLU A 63 -0.83 4.16 -9.38
N GLN A 64 -1.76 3.24 -9.59
CA GLN A 64 -2.93 3.51 -10.41
C GLN A 64 -3.63 4.73 -9.85
N PHE A 65 -3.85 4.71 -8.54
CA PHE A 65 -4.46 5.84 -7.87
C PHE A 65 -3.59 7.07 -8.11
N LEU A 66 -2.31 6.96 -7.77
CA LEU A 66 -1.37 8.07 -7.95
C LEU A 66 -1.38 8.54 -9.39
N ASP A 67 -1.91 7.70 -10.27
CA ASP A 67 -2.03 8.08 -11.67
C ASP A 67 -3.23 9.00 -11.80
N THR A 68 -4.30 8.68 -11.06
CA THR A 68 -5.50 9.52 -11.06
C THR A 68 -5.20 10.87 -10.42
N ASN A 69 -6.21 11.72 -10.30
CA ASN A 69 -6.05 13.04 -9.71
C ASN A 69 -6.80 13.17 -8.39
N GLU A 70 -7.42 12.08 -7.95
CA GLU A 70 -8.20 12.07 -6.71
C GLU A 70 -7.27 11.94 -5.49
N THR A 71 -7.53 12.75 -4.46
CA THR A 71 -6.72 12.69 -3.25
C THR A 71 -7.38 11.92 -2.10
N PRO A 72 -8.70 11.63 -2.11
CA PRO A 72 -9.28 10.85 -1.03
C PRO A 72 -8.45 9.60 -0.81
N TYR A 73 -7.80 9.21 -1.89
CA TYR A 73 -6.94 8.04 -1.94
C TYR A 73 -5.49 8.35 -1.55
N PHE A 74 -5.10 9.64 -1.57
CA PHE A 74 -3.71 10.01 -1.23
C PHE A 74 -3.41 9.83 0.26
N MET A 75 -4.35 10.18 1.11
CA MET A 75 -4.17 9.98 2.54
C MET A 75 -4.41 8.51 2.81
N LYS A 76 -5.33 7.95 2.03
CA LYS A 76 -5.64 6.54 2.11
C LYS A 76 -4.44 5.77 1.59
N SER A 77 -3.66 6.43 0.74
CA SER A 77 -2.44 5.84 0.21
C SER A 77 -1.48 5.73 1.36
N ILE A 78 -1.34 6.84 2.09
CA ILE A 78 -0.49 6.86 3.26
C ILE A 78 -0.91 5.70 4.15
N ASP A 79 -2.22 5.46 4.19
CA ASP A 79 -2.78 4.39 4.98
C ASP A 79 -2.33 3.03 4.45
N CYS A 80 -2.28 2.88 3.12
CA CYS A 80 -1.83 1.62 2.54
C CYS A 80 -0.40 1.36 2.99
N ILE A 81 0.42 2.39 2.91
CA ILE A 81 1.79 2.30 3.37
C ILE A 81 1.74 1.79 4.80
N ARG A 82 0.83 2.42 5.56
CA ARG A 82 0.62 2.06 6.96
C ARG A 82 0.22 0.60 7.08
N ALA A 83 -0.49 0.10 6.06
CA ALA A 83 -0.93 -1.29 6.04
C ALA A 83 0.25 -2.23 6.01
N PHE A 84 1.09 -2.10 4.99
CA PHE A 84 2.26 -2.96 4.84
C PHE A 84 3.31 -2.65 5.91
N ARG A 85 3.19 -1.48 6.54
CA ARG A 85 4.14 -1.08 7.57
C ARG A 85 4.09 -2.00 8.78
N GLU A 86 2.94 -2.01 9.45
CA GLU A 86 2.75 -2.83 10.65
C GLU A 86 2.86 -4.32 10.31
N GLU A 87 2.39 -4.69 9.13
CA GLU A 87 2.43 -6.09 8.71
C GLU A 87 3.86 -6.57 8.51
N ALA A 88 4.69 -5.76 7.84
CA ALA A 88 6.08 -6.13 7.58
C ALA A 88 6.80 -6.53 8.86
N ILE A 89 6.64 -5.74 9.91
CA ILE A 89 7.28 -6.04 11.18
C ILE A 89 6.88 -7.43 11.67
N LYS A 90 5.63 -7.80 11.40
CA LYS A 90 5.10 -9.10 11.80
C LYS A 90 5.40 -10.16 10.74
N PHE A 91 5.73 -9.70 9.52
CA PHE A 91 6.01 -10.60 8.42
C PHE A 91 7.50 -10.64 8.11
N SER A 92 8.31 -10.13 9.04
CA SER A 92 9.76 -10.09 8.88
C SER A 92 10.16 -9.69 7.47
N GLU A 93 10.06 -8.39 7.19
CA GLU A 93 10.41 -7.86 5.87
C GLU A 93 10.90 -6.42 5.98
N GLU A 94 12.22 -6.26 6.12
CA GLU A 94 12.83 -4.95 6.24
C GLU A 94 13.09 -4.33 4.87
N GLN A 95 13.59 -5.14 3.94
CA GLN A 95 13.88 -4.67 2.60
C GLN A 95 12.62 -4.17 1.92
N ARG A 96 11.52 -4.89 2.14
CA ARG A 96 10.23 -4.54 1.55
C ARG A 96 9.81 -3.14 2.00
N PHE A 97 10.27 -2.74 3.17
CA PHE A 97 9.93 -1.43 3.71
C PHE A 97 10.65 -0.33 2.96
N ASN A 98 11.98 -0.39 2.94
CA ASN A 98 12.77 0.61 2.24
C ASN A 98 12.50 0.54 0.75
N ASN A 99 11.97 -0.59 0.29
CA ASN A 99 11.66 -0.76 -1.11
C ASN A 99 10.39 0.00 -1.47
N PHE A 100 9.32 -0.27 -0.73
CA PHE A 100 8.03 0.39 -0.97
C PHE A 100 8.20 1.89 -0.77
N LEU A 101 8.93 2.26 0.25
CA LEU A 101 9.16 3.65 0.58
C LEU A 101 10.01 4.35 -0.47
N LYS A 102 11.14 3.75 -0.82
CA LYS A 102 12.01 4.38 -1.80
C LYS A 102 11.45 4.21 -3.20
N ALA A 103 10.54 3.26 -3.37
CA ALA A 103 9.94 3.03 -4.68
C ALA A 103 8.79 3.99 -4.90
N LEU A 104 7.96 4.16 -3.88
CA LEU A 104 6.84 5.06 -3.99
C LEU A 104 7.36 6.47 -4.14
N GLN A 105 8.38 6.79 -3.35
CA GLN A 105 8.99 8.11 -3.39
C GLN A 105 9.70 8.34 -4.71
N GLU A 106 10.61 7.44 -5.08
CA GLU A 106 11.30 7.58 -6.35
C GLU A 106 10.26 7.78 -7.44
N LYS A 107 9.11 7.15 -7.25
CA LYS A 107 8.02 7.27 -8.20
C LYS A 107 7.50 8.71 -8.21
N VAL A 108 7.28 9.28 -7.01
CA VAL A 108 6.80 10.66 -6.91
C VAL A 108 7.82 11.59 -7.54
N GLU A 109 9.06 11.13 -7.60
CA GLU A 109 10.15 11.91 -8.19
C GLU A 109 10.02 11.93 -9.71
N ILE A 110 9.93 10.74 -10.30
CA ILE A 110 9.79 10.60 -11.74
C ILE A 110 8.59 11.41 -12.25
N LYS A 111 7.45 11.24 -11.58
CA LYS A 111 6.24 11.95 -11.95
C LYS A 111 5.96 13.08 -10.96
N GLN A 112 4.71 13.52 -10.94
CA GLN A 112 4.29 14.57 -10.03
C GLN A 112 3.91 13.97 -8.69
N LEU A 113 2.68 14.23 -8.25
CA LEU A 113 2.19 13.66 -7.00
C LEU A 113 2.95 14.20 -5.80
N ASN A 114 3.63 15.34 -5.97
CA ASN A 114 4.38 15.92 -4.88
C ASN A 114 3.50 16.11 -3.66
N HIS A 115 2.22 16.38 -3.89
CA HIS A 115 1.26 16.56 -2.81
C HIS A 115 1.26 15.33 -1.91
N PHE A 116 1.28 14.15 -2.54
CA PHE A 116 1.34 12.91 -1.79
C PHE A 116 2.55 12.97 -0.87
N TRP A 117 3.68 13.31 -1.46
CA TRP A 117 4.92 13.46 -0.70
C TRP A 117 4.68 14.39 0.48
N GLU A 118 3.93 15.47 0.22
CA GLU A 118 3.62 16.46 1.26
C GLU A 118 2.98 15.79 2.47
N ILE A 119 1.86 15.09 2.27
CA ILE A 119 1.19 14.45 3.38
C ILE A 119 2.10 13.46 4.09
N VAL A 120 3.00 12.79 3.35
CA VAL A 120 3.92 11.86 4.01
C VAL A 120 4.87 12.63 4.94
N VAL A 121 5.29 13.85 4.54
CA VAL A 121 6.15 14.67 5.40
C VAL A 121 5.34 15.09 6.62
N GLN A 122 4.05 15.28 6.39
CA GLN A 122 3.12 15.68 7.44
C GLN A 122 2.66 14.48 8.26
N ASP A 123 2.87 13.29 7.71
CA ASP A 123 2.47 12.04 8.38
C ASP A 123 3.69 11.26 8.85
N GLY A 124 4.87 11.74 8.48
CA GLY A 124 6.09 11.05 8.86
C GLY A 124 6.13 9.66 8.26
N ILE A 125 6.46 9.57 6.97
CA ILE A 125 6.49 8.30 6.26
C ILE A 125 7.73 8.14 5.39
N THR A 126 8.92 8.09 6.00
CA THR A 126 10.13 7.95 5.19
C THR A 126 11.24 7.13 5.87
N LEU A 127 12.16 6.65 5.03
CA LEU A 127 13.32 5.85 5.43
C LEU A 127 13.02 4.82 6.52
N ILE A 128 14.05 4.05 6.86
CA ILE A 128 13.94 3.03 7.90
C ILE A 128 14.53 3.55 9.20
N THR A 129 13.66 3.76 10.18
CA THR A 129 14.08 4.30 11.46
C THR A 129 14.99 3.35 12.23
N LYS A 130 16.25 3.31 11.80
CA LYS A 130 17.26 2.48 12.42
C LYS A 130 18.49 2.38 11.52
N GLU A 131 18.32 1.75 10.35
CA GLU A 131 19.41 1.56 9.41
C GLU A 131 19.02 0.61 8.27
N GLU A 132 17.84 0.82 7.68
CA GLU A 132 17.38 -0.05 6.61
C GLU A 132 17.28 -1.49 7.09
N ALA A 133 16.82 -1.66 8.34
CA ALA A 133 16.71 -2.98 8.93
C ALA A 133 15.34 -3.19 9.58
N SER A 134 15.23 -4.26 10.37
CA SER A 134 13.98 -4.59 11.06
C SER A 134 14.16 -4.48 12.58
N GLY A 135 15.36 -4.81 13.06
CA GLY A 135 15.64 -4.73 14.49
C GLY A 135 17.06 -4.26 14.77
N SER A 136 17.19 -3.01 15.20
CA SER A 136 18.50 -2.43 15.50
C SER A 136 18.48 -1.65 16.80
N SER A 137 19.47 -0.76 16.97
CA SER A 137 19.57 0.04 18.19
C SER A 137 19.33 1.52 17.90
N VAL A 138 19.33 1.90 16.63
CA VAL A 138 19.10 3.29 16.25
C VAL A 138 17.62 3.63 16.41
N THR A 139 17.33 4.90 16.68
CA THR A 139 15.96 5.34 16.92
C THR A 139 15.39 6.22 15.80
N ALA A 140 14.14 6.64 16.01
CA ALA A 140 13.37 7.49 15.09
C ALA A 140 14.14 8.72 14.58
N GLU A 141 15.30 9.03 15.16
CA GLU A 141 16.06 10.23 14.75
C GLU A 141 16.04 10.45 13.24
N GLU A 142 16.49 9.46 12.47
CA GLU A 142 16.46 9.57 11.01
C GLU A 142 15.05 9.87 10.57
N ALA A 143 14.11 9.16 11.19
CA ALA A 143 12.70 9.32 10.91
C ALA A 143 12.19 10.64 11.46
N LYS A 144 12.96 11.28 12.31
CA LYS A 144 12.55 12.55 12.85
C LYS A 144 12.82 13.66 11.83
N LYS A 145 14.01 13.64 11.25
CA LYS A 145 14.39 14.66 10.26
C LYS A 145 14.08 14.28 8.80
N PHE A 146 13.77 13.02 8.54
CA PHE A 146 13.51 12.54 7.17
C PHE A 146 12.65 13.49 6.31
N LEU A 147 11.74 14.21 6.94
CA LEU A 147 10.87 15.17 6.26
C LEU A 147 9.84 15.71 7.24
N ALA A 148 10.35 16.29 8.32
CA ALA A 148 9.50 16.84 9.36
C ALA A 148 8.74 18.06 8.86
N PRO A 149 7.48 18.26 9.32
CA PRO A 149 6.66 19.38 8.92
C PRO A 149 7.02 20.66 9.67
N LYS A 150 8.06 20.57 10.49
CA LYS A 150 8.52 21.71 11.27
C LYS A 150 9.79 22.31 10.66
N ASP A 151 9.65 23.47 10.04
CA ASP A 151 10.77 24.16 9.42
C ASP A 151 11.21 25.35 10.25
N LYS A 152 12.06 26.20 9.66
CA LYS A 152 12.57 27.38 10.35
C LYS A 152 12.42 28.62 9.48
N MET A 1 23.35 -23.79 20.63
CA MET A 1 21.90 -23.48 20.82
C MET A 1 21.05 -24.31 19.85
N HIS A 2 21.48 -24.35 18.59
CA HIS A 2 20.76 -25.10 17.56
C HIS A 2 21.09 -26.59 17.63
N HIS A 3 20.07 -27.42 17.49
CA HIS A 3 20.24 -28.87 17.55
C HIS A 3 19.45 -29.55 16.42
N HIS A 4 18.57 -28.78 15.79
CA HIS A 4 17.75 -29.31 14.71
C HIS A 4 18.49 -29.19 13.37
N HIS A 5 17.91 -29.76 12.31
CA HIS A 5 18.51 -29.70 10.98
C HIS A 5 19.86 -30.40 10.97
N HIS A 6 20.55 -30.33 9.84
CA HIS A 6 21.86 -30.97 9.69
C HIS A 6 22.92 -29.93 9.34
N HIS A 7 24.17 -30.25 9.67
CA HIS A 7 25.29 -29.35 9.38
C HIS A 7 26.00 -29.77 8.10
N LYS A 8 27.04 -29.01 7.74
CA LYS A 8 27.82 -29.29 6.53
C LYS A 8 26.97 -29.10 5.28
N LEU A 9 27.43 -28.24 4.37
CA LEU A 9 26.72 -27.96 3.13
C LEU A 9 25.33 -27.39 3.40
N LYS A 10 24.36 -28.30 3.61
CA LYS A 10 22.97 -27.92 3.89
C LYS A 10 22.51 -26.76 3.01
N THR A 11 21.45 -26.07 3.44
CA THR A 11 20.93 -24.94 2.69
C THR A 11 21.80 -23.70 2.86
N GLU A 12 22.08 -23.03 1.75
CA GLU A 12 22.91 -21.82 1.78
C GLU A 12 22.05 -20.60 2.07
N GLN A 13 22.66 -19.42 1.98
CA GLN A 13 21.96 -18.17 2.25
C GLN A 13 21.11 -17.77 1.04
N GLY A 14 21.76 -17.61 -0.11
CA GLY A 14 21.05 -17.22 -1.31
C GLY A 14 21.92 -16.45 -2.28
N GLY A 15 21.29 -15.76 -3.22
CA GLY A 15 22.02 -14.98 -4.20
C GLY A 15 21.18 -14.66 -5.43
N ALA A 16 21.14 -15.59 -6.38
CA ALA A 16 20.37 -15.40 -7.60
C ALA A 16 18.87 -15.47 -7.32
N HIS A 17 18.13 -14.50 -7.84
CA HIS A 17 16.69 -14.45 -7.64
C HIS A 17 15.99 -15.50 -8.49
N PHE A 18 14.69 -15.67 -8.26
CA PHE A 18 13.89 -16.65 -9.01
C PHE A 18 12.88 -15.94 -9.90
N SER A 19 12.36 -16.65 -10.88
CA SER A 19 11.38 -16.09 -11.80
C SER A 19 10.01 -16.00 -11.16
N VAL A 20 9.55 -14.78 -10.90
CA VAL A 20 8.26 -14.55 -10.28
C VAL A 20 7.22 -14.15 -11.31
N SER A 21 5.96 -14.50 -11.06
CA SER A 21 4.86 -14.18 -11.97
C SER A 21 4.71 -12.66 -12.13
N SER A 22 3.89 -12.25 -13.09
CA SER A 22 3.66 -10.84 -13.34
C SER A 22 2.32 -10.63 -14.02
N LEU A 23 1.68 -11.73 -14.42
CA LEU A 23 0.39 -11.67 -15.08
C LEU A 23 -0.68 -11.16 -14.11
N ALA A 24 -0.87 -11.87 -13.00
CA ALA A 24 -1.85 -11.50 -12.01
C ALA A 24 -1.31 -10.42 -11.07
N GLU A 25 -1.43 -9.16 -11.49
CA GLU A 25 -0.95 -8.04 -10.69
C GLU A 25 -1.35 -6.72 -11.33
N GLY A 26 -1.27 -6.66 -12.66
CA GLY A 26 -1.64 -5.45 -13.37
C GLY A 26 -2.71 -5.70 -14.42
N SER A 27 -2.92 -6.96 -14.75
CA SER A 27 -3.92 -7.34 -15.74
C SER A 27 -5.28 -7.54 -15.10
N VAL A 28 -5.31 -7.53 -13.78
CA VAL A 28 -6.55 -7.70 -13.02
C VAL A 28 -7.45 -6.48 -13.15
N THR A 29 -6.87 -5.29 -13.00
CA THR A 29 -7.62 -4.04 -13.10
C THR A 29 -8.92 -4.09 -12.31
N SER A 30 -8.92 -4.80 -11.19
CA SER A 30 -10.11 -4.92 -10.37
C SER A 30 -9.80 -4.63 -8.90
N VAL A 31 -10.59 -3.73 -8.31
CA VAL A 31 -10.40 -3.34 -6.92
C VAL A 31 -11.75 -3.12 -6.24
N GLY A 32 -12.73 -3.93 -6.60
CA GLY A 32 -14.06 -3.80 -6.02
C GLY A 32 -14.08 -4.09 -4.52
N SER A 33 -12.94 -4.49 -3.98
CA SER A 33 -12.83 -4.80 -2.56
C SER A 33 -12.42 -3.56 -1.76
N VAL A 34 -12.88 -3.48 -0.51
CA VAL A 34 -12.56 -2.36 0.36
C VAL A 34 -11.15 -2.48 0.92
N ASN A 35 -10.55 -1.35 1.27
CA ASN A 35 -9.20 -1.33 1.83
C ASN A 35 -8.21 -2.01 0.90
N PRO A 36 -7.48 -1.22 0.09
CA PRO A 36 -6.50 -1.79 -0.84
C PRO A 36 -5.42 -2.56 -0.11
N ALA A 37 -5.21 -2.20 1.14
CA ALA A 37 -4.19 -2.82 1.96
C ALA A 37 -4.64 -4.19 2.45
N GLU A 38 -5.94 -4.36 2.68
CA GLU A 38 -6.45 -5.63 3.17
C GLU A 38 -6.27 -6.71 2.11
N ASN A 39 -6.31 -6.32 0.84
CA ASN A 39 -6.12 -7.26 -0.26
C ASN A 39 -4.70 -7.79 -0.22
N PHE A 40 -3.73 -6.88 -0.29
CA PHE A 40 -2.33 -7.27 -0.23
C PHE A 40 -2.13 -8.10 1.03
N ARG A 41 -2.79 -7.67 2.11
CA ARG A 41 -2.73 -8.36 3.38
C ARG A 41 -3.26 -9.77 3.24
N VAL A 42 -4.29 -9.92 2.39
CA VAL A 42 -4.88 -11.22 2.15
C VAL A 42 -3.84 -12.15 1.55
N LEU A 43 -3.19 -11.69 0.48
CA LEU A 43 -2.16 -12.51 -0.16
C LEU A 43 -1.04 -12.87 0.80
N VAL A 44 -0.58 -11.91 1.59
CA VAL A 44 0.51 -12.16 2.54
C VAL A 44 0.06 -13.14 3.63
N LYS A 45 -1.23 -13.09 3.98
CA LYS A 45 -1.76 -13.97 5.02
C LYS A 45 -2.33 -15.26 4.40
N GLN A 46 -2.41 -15.28 3.08
CA GLN A 46 -2.93 -16.45 2.36
C GLN A 46 -1.85 -17.09 1.51
N LYS A 47 -2.25 -18.05 0.67
CA LYS A 47 -1.33 -18.73 -0.22
C LYS A 47 -1.21 -17.99 -1.55
N LYS A 48 -2.05 -16.97 -1.71
CA LYS A 48 -2.07 -16.17 -2.92
C LYS A 48 -0.67 -15.74 -3.36
N ALA A 49 -0.15 -14.70 -2.73
CA ALA A 49 1.17 -14.19 -3.08
C ALA A 49 2.02 -13.96 -1.83
N SER A 50 3.31 -13.71 -2.05
CA SER A 50 4.23 -13.45 -0.96
C SER A 50 4.14 -11.98 -0.56
N PHE A 51 4.75 -11.62 0.56
CA PHE A 51 4.71 -10.23 1.02
C PHE A 51 5.32 -9.30 -0.01
N GLU A 52 6.03 -9.87 -0.99
CA GLU A 52 6.66 -9.06 -2.04
C GLU A 52 5.71 -8.79 -3.20
N GLU A 53 5.08 -9.84 -3.73
CA GLU A 53 4.13 -9.69 -4.83
C GLU A 53 2.89 -8.99 -4.32
N ALA A 54 2.41 -9.46 -3.17
CA ALA A 54 1.25 -8.87 -2.54
C ALA A 54 1.48 -7.38 -2.35
N SER A 55 2.68 -7.04 -1.88
CA SER A 55 3.02 -5.65 -1.68
C SER A 55 3.05 -4.96 -3.01
N ASN A 56 3.61 -5.65 -3.99
CA ASN A 56 3.70 -5.12 -5.33
C ASN A 56 2.32 -4.72 -5.82
N GLN A 57 1.30 -5.46 -5.41
CA GLN A 57 -0.07 -5.15 -5.78
C GLN A 57 -0.59 -3.96 -4.97
N LEU A 58 -0.19 -3.88 -3.71
CA LEU A 58 -0.61 -2.77 -2.85
C LEU A 58 -0.07 -1.45 -3.40
N ILE A 59 1.25 -1.40 -3.67
CA ILE A 59 1.84 -0.18 -4.19
C ILE A 59 1.32 0.06 -5.62
N ASN A 60 1.20 -1.03 -6.39
CA ASN A 60 0.70 -0.96 -7.75
C ASN A 60 -0.67 -0.30 -7.77
N HIS A 61 -1.53 -0.73 -6.85
CA HIS A 61 -2.85 -0.14 -6.74
C HIS A 61 -2.68 1.33 -6.45
N ILE A 62 -1.77 1.61 -5.52
CA ILE A 62 -1.47 2.98 -5.14
C ILE A 62 -0.91 3.74 -6.34
N GLU A 63 -0.38 3.00 -7.31
CA GLU A 63 0.16 3.60 -8.52
C GLU A 63 -0.98 4.00 -9.43
N GLN A 64 -2.00 3.14 -9.52
CA GLN A 64 -3.17 3.45 -10.32
C GLN A 64 -3.78 4.74 -9.80
N PHE A 65 -3.93 4.81 -8.48
CA PHE A 65 -4.44 6.01 -7.86
C PHE A 65 -3.45 7.14 -8.11
N LEU A 66 -2.19 6.92 -7.70
CA LEU A 66 -1.16 7.93 -7.88
C LEU A 66 -1.09 8.36 -9.34
N ASP A 67 -1.70 7.54 -10.21
CA ASP A 67 -1.78 7.88 -11.62
C ASP A 67 -2.91 8.87 -11.82
N THR A 68 -4.02 8.64 -11.11
CA THR A 68 -5.17 9.55 -11.16
C THR A 68 -4.80 10.90 -10.57
N ASN A 69 -5.78 11.80 -10.50
CA ASN A 69 -5.56 13.13 -9.95
C ASN A 69 -6.36 13.33 -8.65
N GLU A 70 -7.06 12.28 -8.23
CA GLU A 70 -7.87 12.33 -7.01
C GLU A 70 -6.99 12.14 -5.77
N THR A 71 -7.33 12.85 -4.70
CA THR A 71 -6.56 12.73 -3.45
C THR A 71 -7.26 11.90 -2.36
N PRO A 72 -8.56 11.58 -2.46
CA PRO A 72 -9.21 10.74 -1.45
C PRO A 72 -8.32 9.57 -1.10
N TYR A 73 -7.64 9.12 -2.14
CA TYR A 73 -6.75 7.99 -2.08
C TYR A 73 -5.32 8.38 -1.67
N PHE A 74 -4.96 9.67 -1.70
CA PHE A 74 -3.60 10.06 -1.32
C PHE A 74 -3.38 9.90 0.18
N MET A 75 -4.36 10.26 0.99
CA MET A 75 -4.26 10.08 2.43
C MET A 75 -4.48 8.61 2.70
N LYS A 76 -5.41 8.05 1.94
CA LYS A 76 -5.72 6.66 2.03
C LYS A 76 -4.52 5.87 1.53
N SER A 77 -3.70 6.55 0.69
CA SER A 77 -2.49 5.93 0.18
C SER A 77 -1.56 5.78 1.35
N ILE A 78 -1.42 6.88 2.09
CA ILE A 78 -0.60 6.88 3.27
C ILE A 78 -1.04 5.72 4.16
N ASP A 79 -2.36 5.50 4.21
CA ASP A 79 -2.94 4.43 5.00
C ASP A 79 -2.45 3.06 4.54
N CYS A 80 -2.55 2.76 3.25
CA CYS A 80 -2.07 1.47 2.76
C CYS A 80 -0.58 1.31 3.05
N ILE A 81 0.16 2.43 3.00
CA ILE A 81 1.57 2.40 3.35
C ILE A 81 1.66 1.97 4.81
N ARG A 82 0.82 2.63 5.63
CA ARG A 82 0.75 2.34 7.05
C ARG A 82 0.58 0.85 7.25
N ALA A 83 -0.27 0.25 6.42
CA ALA A 83 -0.52 -1.18 6.45
C ALA A 83 0.78 -1.91 6.27
N PHE A 84 1.44 -1.57 5.18
CA PHE A 84 2.73 -2.14 4.82
C PHE A 84 3.67 -2.06 5.98
N ARG A 85 3.72 -0.88 6.55
CA ARG A 85 4.63 -0.60 7.62
C ARG A 85 4.51 -1.60 8.77
N GLU A 86 3.32 -1.68 9.35
CA GLU A 86 3.08 -2.59 10.48
C GLU A 86 3.16 -4.05 10.06
N GLU A 87 2.37 -4.44 9.05
CA GLU A 87 2.37 -5.82 8.57
C GLU A 87 3.79 -6.33 8.32
N ALA A 88 4.61 -5.52 7.65
CA ALA A 88 5.98 -5.94 7.38
C ALA A 88 6.67 -6.36 8.66
N ILE A 89 6.44 -5.61 9.73
CA ILE A 89 7.01 -5.94 11.03
C ILE A 89 6.49 -7.29 11.46
N LYS A 90 5.18 -7.44 11.45
CA LYS A 90 4.53 -8.69 11.82
C LYS A 90 4.85 -9.79 10.82
N PHE A 91 5.45 -9.42 9.70
CA PHE A 91 5.81 -10.38 8.66
C PHE A 91 7.33 -10.45 8.46
N SER A 92 8.07 -9.92 9.43
CA SER A 92 9.53 -9.91 9.37
C SER A 92 10.03 -9.56 7.97
N GLU A 93 9.90 -8.29 7.62
CA GLU A 93 10.33 -7.81 6.31
C GLU A 93 10.83 -6.37 6.39
N GLU A 94 12.14 -6.22 6.56
CA GLU A 94 12.75 -4.90 6.66
C GLU A 94 13.06 -4.34 5.28
N GLN A 95 13.36 -5.23 4.34
CA GLN A 95 13.68 -4.82 2.97
C GLN A 95 12.44 -4.23 2.29
N ARG A 96 11.31 -4.89 2.49
CA ARG A 96 10.05 -4.44 1.92
C ARG A 96 9.77 -3.00 2.31
N PHE A 97 10.16 -2.64 3.52
CA PHE A 97 9.93 -1.29 4.00
C PHE A 97 10.68 -0.26 3.19
N ASN A 98 12.01 -0.37 3.14
CA ASN A 98 12.81 0.57 2.39
C ASN A 98 12.53 0.45 0.90
N ASN A 99 12.02 -0.70 0.49
CA ASN A 99 11.72 -0.92 -0.91
C ASN A 99 10.43 -0.25 -1.32
N PHE A 100 9.37 -0.40 -0.52
CA PHE A 100 8.09 0.21 -0.87
C PHE A 100 8.17 1.71 -0.67
N LEU A 101 8.98 2.15 0.29
CA LEU A 101 9.11 3.57 0.56
C LEU A 101 9.98 4.23 -0.49
N LYS A 102 11.12 3.62 -0.81
CA LYS A 102 12.00 4.21 -1.80
C LYS A 102 11.42 4.08 -3.19
N ALA A 103 10.56 3.09 -3.40
CA ALA A 103 9.94 2.91 -4.71
C ALA A 103 8.77 3.85 -4.88
N LEU A 104 7.93 3.96 -3.85
CA LEU A 104 6.77 4.83 -3.94
C LEU A 104 7.24 6.28 -4.01
N GLN A 105 8.28 6.59 -3.25
CA GLN A 105 8.82 7.94 -3.21
C GLN A 105 9.58 8.26 -4.48
N GLU A 106 10.46 7.35 -4.91
CA GLU A 106 11.18 7.59 -6.15
C GLU A 106 10.15 7.81 -7.25
N LYS A 107 9.01 7.13 -7.10
CA LYS A 107 7.92 7.27 -8.05
C LYS A 107 7.39 8.70 -8.03
N VAL A 108 7.12 9.22 -6.82
CA VAL A 108 6.63 10.60 -6.69
C VAL A 108 7.64 11.56 -7.30
N GLU A 109 8.91 11.15 -7.32
CA GLU A 109 9.98 11.97 -7.88
C GLU A 109 9.89 11.98 -9.41
N ILE A 110 9.85 10.79 -9.99
CA ILE A 110 9.76 10.64 -11.44
C ILE A 110 8.54 11.38 -11.99
N LYS A 111 7.39 11.16 -11.36
CA LYS A 111 6.15 11.80 -11.77
C LYS A 111 5.79 12.94 -10.82
N GLN A 112 4.53 13.34 -10.86
CA GLN A 112 4.05 14.41 -9.99
C GLN A 112 3.70 13.83 -8.63
N LEU A 113 2.45 14.05 -8.20
CA LEU A 113 2.00 13.51 -6.93
C LEU A 113 2.77 14.07 -5.75
N ASN A 114 3.47 15.18 -5.99
CA ASN A 114 4.25 15.79 -4.92
C ASN A 114 3.37 16.02 -3.69
N HIS A 115 2.08 16.27 -3.93
CA HIS A 115 1.13 16.47 -2.84
C HIS A 115 1.14 15.24 -1.93
N PHE A 116 1.11 14.07 -2.54
CA PHE A 116 1.16 12.84 -1.78
C PHE A 116 2.38 12.89 -0.88
N TRP A 117 3.53 13.16 -1.50
CA TRP A 117 4.77 13.29 -0.76
C TRP A 117 4.57 14.26 0.41
N GLU A 118 3.87 15.36 0.13
CA GLU A 118 3.61 16.38 1.14
C GLU A 118 2.99 15.78 2.40
N ILE A 119 1.85 15.09 2.26
CA ILE A 119 1.21 14.49 3.42
C ILE A 119 2.13 13.49 4.11
N VAL A 120 2.93 12.75 3.34
CA VAL A 120 3.85 11.81 3.96
C VAL A 120 4.86 12.57 4.82
N VAL A 121 5.25 13.78 4.39
CA VAL A 121 6.17 14.58 5.20
C VAL A 121 5.46 15.02 6.47
N GLN A 122 4.18 15.31 6.31
CA GLN A 122 3.33 15.73 7.41
C GLN A 122 3.03 14.54 8.32
N ASP A 123 3.21 13.35 7.78
CA ASP A 123 2.97 12.11 8.52
C ASP A 123 4.27 11.39 8.83
N GLY A 124 5.40 11.93 8.34
CA GLY A 124 6.69 11.30 8.57
C GLY A 124 6.71 9.88 8.02
N ILE A 125 6.72 9.78 6.68
CA ILE A 125 6.70 8.49 6.03
C ILE A 125 7.84 8.34 5.01
N THR A 126 9.08 8.53 5.45
CA THR A 126 10.22 8.38 4.54
C THR A 126 11.44 7.76 5.23
N LEU A 127 12.18 6.97 4.46
CA LEU A 127 13.39 6.27 4.92
C LEU A 127 13.11 5.43 6.15
N ILE A 128 13.97 4.44 6.41
CA ILE A 128 13.81 3.58 7.58
C ILE A 128 14.22 4.34 8.84
N THR A 129 13.20 4.79 9.56
CA THR A 129 13.40 5.59 10.76
C THR A 129 14.48 5.03 11.67
N LYS A 130 14.56 3.72 11.78
CA LYS A 130 15.55 3.12 12.66
C LYS A 130 16.95 3.12 12.05
N GLU A 131 17.12 2.35 10.96
CA GLU A 131 18.43 2.24 10.30
C GLU A 131 18.40 1.14 9.24
N GLU A 132 17.42 1.17 8.35
CA GLU A 132 17.30 0.16 7.32
C GLU A 132 17.18 -1.22 7.95
N ALA A 133 16.49 -1.28 9.09
CA ALA A 133 16.31 -2.52 9.82
C ALA A 133 14.85 -2.78 10.17
N SER A 134 14.64 -3.71 11.10
CA SER A 134 13.29 -4.06 11.55
C SER A 134 13.21 -3.98 13.07
N GLY A 135 14.35 -4.13 13.73
CA GLY A 135 14.40 -4.07 15.19
C GLY A 135 15.62 -3.31 15.68
N SER A 136 15.43 -2.06 16.09
CA SER A 136 16.53 -1.23 16.57
C SER A 136 16.08 -0.35 17.75
N SER A 137 16.85 0.69 18.03
CA SER A 137 16.55 1.59 19.13
C SER A 137 16.28 3.01 18.63
N VAL A 138 16.56 3.24 17.35
CA VAL A 138 16.34 4.56 16.75
C VAL A 138 14.86 4.81 16.52
N THR A 139 14.45 6.07 16.55
CA THR A 139 13.05 6.43 16.37
C THR A 139 12.80 7.23 15.07
N ALA A 140 11.56 7.68 14.92
CA ALA A 140 11.10 8.45 13.76
C ALA A 140 12.01 9.64 13.42
N GLU A 141 12.91 10.00 14.33
CA GLU A 141 13.80 11.14 14.12
C GLU A 141 14.38 11.18 12.71
N GLU A 142 14.99 10.09 12.26
CA GLU A 142 15.56 10.05 10.92
C GLU A 142 14.52 10.45 9.89
N ALA A 143 13.32 9.92 10.04
CA ALA A 143 12.24 10.24 9.12
C ALA A 143 11.89 11.72 9.18
N LYS A 144 11.50 12.20 10.36
CA LYS A 144 11.13 13.60 10.51
C LYS A 144 12.29 14.48 10.07
N LYS A 145 13.48 13.89 10.00
CA LYS A 145 14.67 14.60 9.57
C LYS A 145 14.82 14.55 8.04
N PHE A 146 14.32 13.47 7.42
CA PHE A 146 14.42 13.33 5.97
C PHE A 146 13.40 14.16 5.22
N LEU A 147 12.12 14.04 5.61
CA LEU A 147 11.07 14.79 4.94
C LEU A 147 10.87 16.17 5.57
N ALA A 148 11.91 16.69 6.19
CA ALA A 148 11.84 18.00 6.84
C ALA A 148 11.83 19.11 5.79
N PRO A 149 11.16 20.24 6.09
CA PRO A 149 11.07 21.38 5.19
C PRO A 149 12.12 22.45 5.47
N LYS A 150 12.86 22.27 6.57
CA LYS A 150 13.90 23.22 6.94
C LYS A 150 15.29 22.63 6.76
N ASP A 151 16.29 23.50 6.71
CA ASP A 151 17.68 23.07 6.54
C ASP A 151 18.58 23.73 7.57
N LYS A 152 19.89 23.67 7.34
CA LYS A 152 20.86 24.26 8.27
C LYS A 152 21.89 25.09 7.51
#